data_5NGK
#
_entry.id   5NGK
#
_cell.length_a   62.418
_cell.length_b   156.001
_cell.length_c   78.050
_cell.angle_alpha   90.00
_cell.angle_beta   100.41
_cell.angle_gamma   90.00
#
_symmetry.space_group_name_H-M   'P 1 21 1'
#
loop_
_entity.id
_entity.type
_entity.pdbx_description
1 polymer Glucosylceramidase
2 water water
#
_entity_poly.entity_id   1
_entity_poly.type   'polypeptide(L)'
_entity_poly.pdbx_seq_one_letter_code
;MGSSHHHHHHSSGPQQGLRSNSDDAEKPVVPVPTGDVAIYTTTSSLTRDLTRDAVNFSPKDNLAPTTITLNPAEQYQTMD
GFGAAITGSTCYNLLLMKPADRHAFLTETFSDKDGFGFSYIRISIGCSDFSLSEYTCCDTKGIENFALQSEEKDYILPIL
KEILAINPSIKVIAAPWTCPKWMKVKSLTDRTPLDSWTNGQLNPDYYQDYATYFVKWIQAFKAEGIDIYAVTPQNEPLNR
GNSASLYMEWEEQRDFVKTALGPQMKAAGLSTKIYAFDHNYNYDNIESQKNYPGKIYEDAAASQYLAGAAYHNYGGNREE
LLNIHQAYPEKELLFTETSIGTWNSGRDLSKRLMEDMEEVALGTINNWCKGVIVWNLMLDNDRGPNREGGCQTCYGAVDI
NNSDYKTIIRNSHYYIIAHLSSVVKPGAVRIATTGYTDNGITCSAFENTDGTYAFVLINNNEKSKKITVSDGQRHFAYDV
PGKSVTSYRWAKSK
;
_entity_poly.pdbx_strand_id   A,B,C
#
# COMPACT_ATOMS: atom_id res chain seq x y z
N THR A 34 14.31 44.52 -12.63
CA THR A 34 13.22 45.56 -12.58
C THR A 34 12.89 46.14 -13.94
N GLY A 35 11.70 46.75 -14.02
CA GLY A 35 11.26 47.45 -15.21
C GLY A 35 9.76 47.65 -15.12
N ASP A 36 9.15 48.02 -16.24
CA ASP A 36 7.70 48.22 -16.30
C ASP A 36 6.88 46.94 -16.08
N VAL A 37 7.39 45.80 -16.58
CA VAL A 37 6.66 44.53 -16.61
C VAL A 37 7.45 43.49 -15.79
N ALA A 38 6.84 42.94 -14.75
CA ALA A 38 7.44 41.85 -13.95
C ALA A 38 7.03 40.52 -14.57
N ILE A 39 7.98 39.61 -14.67
CA ILE A 39 7.79 38.33 -15.34
C ILE A 39 8.28 37.19 -14.41
N TYR A 40 7.55 36.07 -14.40
CA TYR A 40 7.99 34.79 -13.83
C TYR A 40 7.92 33.76 -14.94
N THR A 41 8.97 32.95 -15.08
CA THR A 41 9.06 31.95 -16.13
C THR A 41 9.40 30.57 -15.57
N THR A 42 8.72 29.54 -16.05
CA THR A 42 9.10 28.16 -15.71
C THR A 42 9.08 27.36 -16.98
N THR A 43 10.14 26.58 -17.21
CA THR A 43 10.17 25.67 -18.33
C THR A 43 10.08 24.27 -17.82
N SER A 44 9.54 23.42 -18.68
CA SER A 44 9.34 22.03 -18.31
C SER A 44 10.65 21.26 -18.15
N SER A 45 11.71 21.73 -18.81
CA SER A 45 13.09 21.24 -18.58
C SER A 45 13.81 21.81 -17.33
N LEU A 46 13.18 22.72 -16.60
CA LEU A 46 13.79 23.49 -15.48
C LEU A 46 15.04 24.33 -15.82
N THR A 47 15.22 24.68 -17.07
CA THR A 47 16.16 25.78 -17.41
C THR A 47 15.70 27.13 -16.80
N ARG A 48 14.39 27.25 -16.53
CA ARG A 48 13.80 28.35 -15.78
C ARG A 48 12.87 27.74 -14.73
N ASP A 49 12.87 28.34 -13.53
CA ASP A 49 12.22 27.74 -12.34
C ASP A 49 11.57 28.87 -11.52
N LEU A 50 10.39 29.30 -11.92
CA LEU A 50 9.83 30.55 -11.39
C LEU A 50 10.93 31.61 -11.33
N THR A 51 11.65 31.74 -12.44
CA THR A 51 12.78 32.66 -12.56
C THR A 51 12.20 34.02 -12.83
N ARG A 52 12.70 35.05 -12.14
CA ARG A 52 12.20 36.41 -12.31
C ARG A 52 12.91 37.14 -13.45
N ASP A 53 12.17 37.97 -14.17
CA ASP A 53 12.75 38.72 -15.28
C ASP A 53 11.91 39.99 -15.39
N ALA A 54 12.27 40.87 -16.31
CA ALA A 54 11.53 42.11 -16.54
C ALA A 54 11.77 42.64 -17.93
N VAL A 55 10.79 43.37 -18.46
CA VAL A 55 10.97 44.16 -19.68
C VAL A 55 10.27 45.49 -19.48
N ASN A 56 10.55 46.41 -20.40
CA ASN A 56 9.90 47.73 -20.41
C ASN A 56 8.96 47.76 -21.59
N PHE A 57 8.06 48.72 -21.59
CA PHE A 57 7.14 48.90 -22.70
C PHE A 57 7.89 49.27 -23.99
N SER A 58 7.41 48.78 -25.12
CA SER A 58 7.92 49.21 -26.44
C SER A 58 7.11 50.43 -26.87
N PRO A 59 7.78 51.56 -27.23
CA PRO A 59 7.00 52.66 -27.86
C PRO A 59 6.58 52.38 -29.34
N LYS A 60 5.32 52.68 -29.68
CA LYS A 60 4.80 52.64 -31.06
C LYS A 60 4.89 51.30 -31.76
N LEU A 63 2.82 48.75 -33.21
CA LEU A 63 2.94 48.16 -34.55
C LEU A 63 3.85 46.92 -34.50
N ALA A 64 3.28 45.73 -34.78
CA ALA A 64 4.03 44.45 -34.70
C ALA A 64 3.19 43.19 -34.97
N PRO A 65 3.86 42.10 -35.42
CA PRO A 65 3.18 40.81 -35.58
C PRO A 65 3.07 40.02 -34.26
N THR A 66 2.35 38.91 -34.28
CA THR A 66 2.23 37.98 -33.14
C THR A 66 1.91 38.76 -31.82
N THR A 67 0.80 39.49 -31.89
CA THR A 67 0.30 40.40 -30.86
C THR A 67 -0.99 39.85 -30.22
N ILE A 68 -0.97 39.65 -28.91
CA ILE A 68 -2.17 39.33 -28.13
C ILE A 68 -2.61 40.62 -27.46
N THR A 69 -3.87 40.98 -27.66
CA THR A 69 -4.43 42.23 -27.15
C THR A 69 -5.45 41.95 -26.01
N LEU A 70 -5.27 42.60 -24.88
CA LEU A 70 -6.24 42.56 -23.77
C LEU A 70 -7.38 43.55 -24.04
N ASN A 71 -8.62 43.09 -23.85
CA ASN A 71 -9.79 43.97 -23.93
C ASN A 71 -10.42 44.07 -22.51
N PRO A 72 -9.99 45.05 -21.71
CA PRO A 72 -10.60 45.23 -20.38
C PRO A 72 -12.10 45.49 -20.33
N ALA A 73 -12.70 45.88 -21.46
CA ALA A 73 -14.14 46.11 -21.54
C ALA A 73 -14.97 44.83 -21.46
N GLU A 74 -14.43 43.70 -21.89
CA GLU A 74 -15.16 42.46 -21.83
C GLU A 74 -14.66 41.69 -20.60
N GLN A 75 -15.48 41.68 -19.57
CA GLN A 75 -15.14 41.15 -18.25
C GLN A 75 -15.89 39.85 -18.06
N TYR A 76 -15.25 38.89 -17.38
CA TYR A 76 -15.84 37.59 -17.06
C TYR A 76 -15.90 37.48 -15.53
N GLN A 77 -15.52 36.36 -14.93
CA GLN A 77 -15.67 36.18 -13.49
C GLN A 77 -14.61 36.96 -12.70
N THR A 78 -14.90 37.20 -11.43
CA THR A 78 -13.98 37.79 -10.47
C THR A 78 -13.24 36.63 -9.77
N MET A 79 -11.95 36.82 -9.48
CA MET A 79 -11.10 35.74 -8.97
C MET A 79 -10.92 35.83 -7.44
N ASP A 80 -11.18 34.73 -6.75
CA ASP A 80 -11.05 34.65 -5.31
C ASP A 80 -9.63 34.31 -4.86
N GLY A 81 -9.02 33.33 -5.53
CA GLY A 81 -7.66 32.93 -5.18
C GLY A 81 -7.24 31.58 -5.70
N PHE A 82 -6.02 31.20 -5.32
CA PHE A 82 -5.40 29.97 -5.81
C PHE A 82 -4.52 29.43 -4.68
N GLY A 83 -4.51 28.12 -4.51
CA GLY A 83 -3.58 27.54 -3.56
C GLY A 83 -3.68 26.06 -3.49
N ALA A 84 -3.58 25.54 -2.28
CA ALA A 84 -3.43 24.09 -2.08
C ALA A 84 -4.09 23.70 -0.77
N ALA A 85 -4.14 22.40 -0.51
CA ALA A 85 -4.67 21.84 0.75
C ALA A 85 -3.65 21.78 1.89
N ILE A 86 -4.07 22.25 3.07
CA ILE A 86 -3.27 22.14 4.32
C ILE A 86 -3.88 21.01 5.11
N THR A 87 -3.34 19.83 4.88
CA THR A 87 -3.80 18.62 5.48
C THR A 87 -2.99 18.36 6.74
N GLY A 88 -3.42 17.36 7.51
CA GLY A 88 -2.66 16.90 8.67
C GLY A 88 -1.24 16.50 8.28
N SER A 89 -1.13 15.74 7.16
CA SER A 89 0.20 15.30 6.70
C SER A 89 1.09 16.48 6.34
N THR A 90 0.55 17.42 5.59
CA THR A 90 1.27 18.62 5.25
C THR A 90 1.78 19.30 6.54
N CYS A 91 0.93 19.40 7.56
CA CYS A 91 1.30 20.13 8.77
C CYS A 91 2.40 19.41 9.54
N TYR A 92 2.28 18.09 9.66
CA TYR A 92 3.27 17.23 10.29
C TYR A 92 4.61 17.37 9.61
N ASN A 93 4.64 17.35 8.28
CA ASN A 93 5.89 17.56 7.56
C ASN A 93 6.44 19.00 7.78
N LEU A 94 5.59 20.02 7.75
CA LEU A 94 6.05 21.40 8.05
C LEU A 94 6.67 21.53 9.44
N LEU A 95 5.99 20.91 10.41
CA LEU A 95 6.39 20.96 11.80
C LEU A 95 7.64 20.20 12.15
N LEU A 96 8.04 19.26 11.30
CA LEU A 96 9.31 18.58 11.49
C LEU A 96 10.53 19.34 10.91
N MET A 97 10.29 20.36 10.10
CA MET A 97 11.35 21.25 9.66
C MET A 97 11.89 22.09 10.81
N LYS A 98 13.10 22.59 10.63
CA LYS A 98 13.61 23.66 11.48
C LYS A 98 12.71 24.88 11.32
N PRO A 99 12.40 25.59 12.43
CA PRO A 99 11.47 26.71 12.36
C PRO A 99 11.73 27.71 11.26
N ALA A 100 12.97 28.16 11.15
CA ALA A 100 13.31 29.15 10.14
C ALA A 100 13.09 28.62 8.73
N ASP A 101 13.43 27.33 8.53
CA ASP A 101 13.22 26.70 7.21
C ASP A 101 11.75 26.60 6.90
N ARG A 102 10.96 26.21 7.89
CA ARG A 102 9.53 26.18 7.71
C ARG A 102 9.02 27.58 7.36
N HIS A 103 9.46 28.56 8.13
CA HIS A 103 8.96 29.91 7.92
C HIS A 103 9.38 30.47 6.55
N ALA A 104 10.62 30.21 6.09
CA ALA A 104 11.05 30.58 4.76
C ALA A 104 10.18 29.95 3.64
N PHE A 105 9.84 28.67 3.80
CA PHE A 105 9.01 28.00 2.83
C PHE A 105 7.60 28.58 2.80
N LEU A 106 7.03 28.80 3.99
CA LEU A 106 5.67 29.38 4.05
C LEU A 106 5.65 30.80 3.53
N THR A 107 6.72 31.55 3.76
CA THR A 107 6.85 32.90 3.24
C THR A 107 6.91 32.88 1.73
N GLU A 108 7.81 32.09 1.17
CA GLU A 108 7.93 31.92 -0.29
C GLU A 108 6.60 31.65 -0.94
N THR A 109 5.83 30.79 -0.29
CA THR A 109 4.59 30.26 -0.80
C THR A 109 3.42 31.22 -0.66
N PHE A 110 3.26 31.75 0.53
CA PHE A 110 2.09 32.53 0.87
C PHE A 110 2.21 34.05 0.89
N SER A 111 3.41 34.60 0.91
CA SER A 111 3.58 36.04 1.02
C SER A 111 3.34 36.67 -0.35
N ASP A 112 2.47 37.66 -0.36
CA ASP A 112 2.21 38.42 -1.55
C ASP A 112 3.43 39.29 -1.91
N LYS A 113 4.02 40.00 -0.96
CA LYS A 113 5.13 40.90 -1.34
C LYS A 113 6.49 40.17 -1.38
N ASP A 114 6.68 39.15 -0.54
CA ASP A 114 7.96 38.43 -0.49
C ASP A 114 7.96 36.99 -1.05
N GLY A 115 6.87 36.57 -1.71
CA GLY A 115 6.74 35.22 -2.24
C GLY A 115 5.75 35.16 -3.38
N PHE A 116 5.12 34.00 -3.58
CA PHE A 116 4.24 33.76 -4.70
C PHE A 116 2.79 34.07 -4.40
N GLY A 117 2.47 34.31 -3.14
CA GLY A 117 1.17 34.82 -2.76
C GLY A 117 0.01 33.86 -2.94
N PHE A 118 0.24 32.58 -2.65
CA PHE A 118 -0.86 31.61 -2.58
C PHE A 118 -1.98 32.21 -1.71
N SER A 119 -3.21 32.14 -2.19
CA SER A 119 -4.30 32.95 -1.65
C SER A 119 -5.56 32.20 -1.26
N TYR A 120 -5.60 30.88 -1.45
CA TYR A 120 -6.76 30.08 -1.09
C TYR A 120 -6.22 28.77 -0.56
N ILE A 121 -6.71 28.33 0.59
CA ILE A 121 -6.37 27.02 1.08
C ILE A 121 -7.62 26.22 1.41
N ARG A 122 -7.48 24.90 1.37
CA ARG A 122 -8.55 23.98 1.65
C ARG A 122 -8.13 23.16 2.83
N ILE A 123 -9.04 22.94 3.79
CA ILE A 123 -8.81 22.02 4.92
C ILE A 123 -9.99 21.09 5.15
N SER A 124 -9.78 20.02 5.92
CA SER A 124 -10.87 19.16 6.27
C SER A 124 -11.58 19.60 7.58
N ILE A 125 -12.87 19.28 7.68
CA ILE A 125 -13.67 19.39 8.92
C ILE A 125 -13.62 18.00 9.48
N GLY A 126 -12.83 17.81 10.55
CA GLY A 126 -12.51 16.45 10.96
C GLY A 126 -11.44 15.96 10.02
N CYS A 127 -11.33 14.64 9.89
CA CYS A 127 -10.23 14.03 9.14
C CYS A 127 -10.39 14.11 7.63
N SER A 128 -9.26 13.94 6.93
CA SER A 128 -9.24 13.58 5.51
C SER A 128 -8.44 12.31 5.38
N ASP A 129 -8.17 11.84 4.17
CA ASP A 129 -7.22 10.73 4.00
C ASP A 129 -5.77 11.14 4.18
N PHE A 130 -5.52 12.42 4.40
CA PHE A 130 -4.18 12.89 4.79
C PHE A 130 -4.19 13.53 6.20
N SER A 131 -5.01 12.99 7.07
CA SER A 131 -4.98 13.32 8.50
C SER A 131 -4.07 12.26 9.16
N LEU A 132 -3.78 12.43 10.44
CA LEU A 132 -2.94 11.50 11.17
C LEU A 132 -3.75 10.42 11.89
N SER A 133 -5.08 10.45 11.71
CA SER A 133 -5.97 9.39 12.17
C SER A 133 -7.34 9.59 11.51
N GLU A 134 -8.23 8.64 11.75
CA GLU A 134 -9.63 8.82 11.43
C GLU A 134 -10.34 9.38 12.66
N TYR A 135 -11.01 10.51 12.52
CA TYR A 135 -11.68 11.15 13.64
C TYR A 135 -12.60 12.22 13.07
N THR A 136 -13.54 12.66 13.90
CA THR A 136 -14.36 13.84 13.68
C THR A 136 -14.32 14.69 14.94
N CYS A 137 -14.94 15.86 14.91
CA CYS A 137 -15.00 16.73 16.07
C CYS A 137 -16.21 16.41 17.00
N CYS A 138 -16.79 15.21 16.88
CA CYS A 138 -17.88 14.75 17.78
C CYS A 138 -18.02 13.26 17.70
N ASP A 139 -16.96 12.55 18.05
CA ASP A 139 -16.96 11.10 17.96
C ASP A 139 -17.85 10.43 19.01
N THR A 140 -18.02 11.10 20.13
CA THR A 140 -18.91 10.64 21.17
C THR A 140 -20.31 11.14 20.89
N LYS A 141 -21.26 10.22 20.91
CA LYS A 141 -22.64 10.53 20.54
C LYS A 141 -23.25 11.67 21.35
N GLY A 142 -23.86 12.60 20.62
CA GLY A 142 -24.52 13.77 21.13
C GLY A 142 -23.76 15.01 20.71
N ILE A 143 -24.43 15.92 20.01
CA ILE A 143 -23.80 17.13 19.45
C ILE A 143 -23.24 18.09 20.49
N GLU A 144 -23.83 18.02 21.69
CA GLU A 144 -23.28 18.63 22.90
C GLU A 144 -21.82 18.30 23.18
N ASN A 145 -21.33 17.16 22.68
CA ASN A 145 -19.94 16.78 22.89
C ASN A 145 -18.96 17.46 21.90
N PHE A 146 -19.39 18.45 21.13
CA PHE A 146 -18.56 18.94 20.03
C PHE A 146 -17.27 19.53 20.60
N ALA A 147 -16.13 19.22 19.97
CA ALA A 147 -14.88 19.89 20.22
C ALA A 147 -13.85 19.62 19.11
N LEU A 148 -13.02 20.63 18.88
CA LEU A 148 -11.80 20.47 18.09
C LEU A 148 -10.90 19.45 18.78
N GLN A 149 -10.21 18.62 18.00
CA GLN A 149 -9.43 17.51 18.51
C GLN A 149 -7.92 17.80 18.40
N SER A 150 -7.09 16.82 18.78
CA SER A 150 -5.67 17.04 18.84
C SER A 150 -5.09 17.40 17.48
N GLU A 151 -5.61 16.83 16.38
CA GLU A 151 -5.07 17.21 15.08
C GLU A 151 -5.24 18.73 14.80
N GLU A 152 -6.36 19.31 15.17
CA GLU A 152 -6.53 20.75 14.98
C GLU A 152 -5.60 21.51 15.89
N LYS A 153 -5.63 21.17 17.17
CA LYS A 153 -4.85 21.89 18.18
C LYS A 153 -3.35 21.83 18.00
N ASP A 154 -2.85 20.69 17.55
CA ASP A 154 -1.41 20.44 17.45
C ASP A 154 -0.79 20.66 16.06
N TYR A 155 -1.59 20.52 14.98
CA TYR A 155 -1.11 20.53 13.63
C TYR A 155 -1.79 21.61 12.81
N ILE A 156 -3.11 21.53 12.66
CA ILE A 156 -3.78 22.43 11.74
C ILE A 156 -3.74 23.89 12.20
N LEU A 157 -4.13 24.13 13.46
CA LEU A 157 -4.20 25.51 13.96
C LEU A 157 -2.84 26.22 13.98
N PRO A 158 -1.77 25.58 14.51
CA PRO A 158 -0.49 26.28 14.54
C PRO A 158 0.07 26.59 13.16
N ILE A 159 -0.21 25.73 12.17
CA ILE A 159 0.21 26.01 10.80
C ILE A 159 -0.61 27.13 10.20
N LEU A 160 -1.93 27.12 10.37
CA LEU A 160 -2.76 28.17 9.80
C LEU A 160 -2.45 29.56 10.41
N LYS A 161 -2.06 29.59 11.70
CA LYS A 161 -1.68 30.85 12.35
C LYS A 161 -0.42 31.40 11.77
N GLU A 162 0.52 30.55 11.43
CA GLU A 162 1.74 31.01 10.80
C GLU A 162 1.45 31.51 9.37
N ILE A 163 0.57 30.81 8.68
CA ILE A 163 0.16 31.24 7.33
C ILE A 163 -0.54 32.61 7.38
N LEU A 164 -1.45 32.77 8.31
CA LEU A 164 -2.16 34.05 8.49
C LEU A 164 -1.28 35.21 8.87
N ALA A 165 -0.23 34.96 9.64
CA ALA A 165 0.79 35.96 9.93
C ALA A 165 1.50 36.44 8.68
N ILE A 166 1.61 35.56 7.69
CA ILE A 166 2.24 35.86 6.42
C ILE A 166 1.26 36.50 5.44
N ASN A 167 0.03 35.99 5.41
CA ASN A 167 -1.00 36.42 4.51
C ASN A 167 -2.33 36.44 5.26
N PRO A 168 -2.64 37.59 5.92
CA PRO A 168 -3.84 37.64 6.78
C PRO A 168 -5.18 37.57 6.05
N SER A 169 -5.21 37.88 4.76
CA SER A 169 -6.47 37.79 3.97
C SER A 169 -6.69 36.47 3.24
N ILE A 170 -5.92 35.44 3.56
CA ILE A 170 -6.05 34.16 2.85
C ILE A 170 -7.48 33.58 3.01
N LYS A 171 -8.03 33.06 1.93
CA LYS A 171 -9.34 32.41 1.97
C LYS A 171 -9.20 30.94 2.34
N VAL A 172 -10.15 30.47 3.15
CA VAL A 172 -10.15 29.10 3.60
C VAL A 172 -11.49 28.45 3.25
N ILE A 173 -11.43 27.34 2.50
CA ILE A 173 -12.57 26.50 2.22
C ILE A 173 -12.36 25.17 2.90
N ALA A 174 -13.45 24.58 3.39
CA ALA A 174 -13.40 23.38 4.16
C ALA A 174 -14.53 22.47 3.77
N ALA A 175 -14.32 21.18 4.02
CA ALA A 175 -15.33 20.16 3.84
C ALA A 175 -15.08 19.01 4.77
N PRO A 176 -16.16 18.31 5.20
CA PRO A 176 -15.99 17.04 5.90
C PRO A 176 -15.70 15.90 4.92
N TRP A 177 -14.91 14.95 5.34
CA TRP A 177 -14.79 13.67 4.65
C TRP A 177 -15.86 12.71 5.17
N THR A 178 -16.24 12.86 6.44
CA THR A 178 -17.36 12.10 7.02
C THR A 178 -18.03 12.87 8.13
N CYS A 179 -19.31 12.58 8.30
CA CYS A 179 -20.03 12.99 9.51
C CYS A 179 -19.59 12.05 10.62
N PRO A 180 -19.83 12.45 11.87
CA PRO A 180 -19.61 11.49 12.96
C PRO A 180 -20.31 10.19 12.68
N LYS A 181 -19.71 9.07 13.06
CA LYS A 181 -20.21 7.76 12.63
C LYS A 181 -21.64 7.45 13.11
N TRP A 182 -21.94 7.90 14.32
CA TRP A 182 -23.29 7.75 14.90
C TRP A 182 -24.41 8.51 14.15
N MET A 183 -24.06 9.46 13.26
CA MET A 183 -25.04 10.16 12.40
C MET A 183 -25.36 9.42 11.09
N LYS A 184 -24.70 8.30 10.85
CA LYS A 184 -24.91 7.54 9.64
C LYS A 184 -26.00 6.45 9.77
N VAL A 185 -26.60 6.13 8.62
CA VAL A 185 -27.37 4.91 8.42
C VAL A 185 -26.73 4.16 7.28
N LYS A 186 -27.03 2.88 7.15
CA LYS A 186 -26.47 2.06 6.07
C LYS A 186 -26.91 2.56 4.72
N SER A 187 -28.19 2.92 4.63
CA SER A 187 -28.75 3.55 3.44
C SER A 187 -30.08 4.21 3.78
N LEU A 188 -30.63 5.00 2.86
CA LEU A 188 -31.94 5.55 3.07
C LEU A 188 -33.01 4.47 3.00
N THR A 189 -32.69 3.31 2.42
CA THR A 189 -33.57 2.15 2.44
C THR A 189 -33.53 1.40 3.76
N ASP A 190 -32.34 1.30 4.34
CA ASP A 190 -32.12 0.56 5.59
C ASP A 190 -31.58 1.52 6.64
N ARG A 191 -32.48 2.11 7.41
CA ARG A 191 -32.14 3.20 8.29
C ARG A 191 -31.59 2.77 9.67
N THR A 192 -30.78 1.72 9.67
CA THR A 192 -30.08 1.22 10.85
C THR A 192 -28.63 1.74 10.93
N PRO A 193 -28.11 1.98 12.15
CA PRO A 193 -26.79 2.60 12.31
C PRO A 193 -25.67 1.88 11.54
N LEU A 194 -24.75 2.69 11.04
CA LEU A 194 -23.56 2.20 10.37
C LEU A 194 -22.35 2.79 11.08
N ASP A 195 -21.63 1.93 11.78
CA ASP A 195 -20.48 2.36 12.55
C ASP A 195 -19.25 2.21 11.66
N SER A 196 -19.09 3.14 10.72
CA SER A 196 -18.02 3.02 9.73
C SER A 196 -17.51 4.41 9.37
N TRP A 197 -16.19 4.57 9.28
CA TRP A 197 -15.65 5.85 8.82
C TRP A 197 -15.94 6.12 7.32
N THR A 198 -16.23 5.06 6.56
CA THR A 198 -16.50 5.11 5.13
C THR A 198 -17.93 4.65 4.81
N ASN A 199 -18.46 5.20 3.71
CA ASN A 199 -19.75 4.77 3.21
C ASN A 199 -20.91 5.27 4.11
N GLY A 200 -22.09 4.67 3.94
CA GLY A 200 -23.28 5.13 4.62
C GLY A 200 -23.83 6.39 4.02
N GLN A 201 -24.97 6.80 4.56
CA GLN A 201 -25.59 8.07 4.21
C GLN A 201 -25.98 8.76 5.50
N LEU A 202 -26.20 10.06 5.41
CA LEU A 202 -26.55 10.85 6.57
C LEU A 202 -28.03 10.59 6.93
N ASN A 203 -28.24 10.10 8.15
CA ASN A 203 -29.59 9.97 8.76
C ASN A 203 -30.31 11.33 8.72
N PRO A 204 -31.45 11.44 7.99
CA PRO A 204 -32.15 12.73 8.00
C PRO A 204 -32.56 13.27 9.38
N ASP A 205 -32.78 12.38 10.33
CA ASP A 205 -33.04 12.78 11.74
C ASP A 205 -31.91 13.59 12.36
N TYR A 206 -30.69 13.41 11.83
CA TYR A 206 -29.53 14.23 12.26
C TYR A 206 -29.11 15.41 11.37
N TYR A 207 -29.91 15.77 10.35
CA TYR A 207 -29.64 16.96 9.58
C TYR A 207 -29.48 18.21 10.42
N GLN A 208 -30.35 18.46 11.41
CA GLN A 208 -30.21 19.70 12.20
C GLN A 208 -28.95 19.58 13.10
N ASP A 209 -28.68 18.40 13.65
CA ASP A 209 -27.49 18.27 14.54
C ASP A 209 -26.16 18.37 13.74
N TYR A 210 -26.19 17.85 12.50
CA TYR A 210 -25.03 17.98 11.61
C TYR A 210 -24.82 19.39 11.17
N ALA A 211 -25.90 20.13 10.92
CA ALA A 211 -25.77 21.57 10.68
C ALA A 211 -25.18 22.33 11.85
N THR A 212 -25.61 21.96 13.06
CA THR A 212 -25.03 22.55 14.24
C THR A 212 -23.52 22.28 14.33
N TYR A 213 -23.11 21.05 14.04
CA TYR A 213 -21.71 20.64 13.88
C TYR A 213 -20.89 21.60 13.01
N PHE A 214 -21.41 21.94 11.81
CA PHE A 214 -20.76 22.93 10.95
C PHE A 214 -20.63 24.30 11.64
N VAL A 215 -21.68 24.73 12.31
CA VAL A 215 -21.69 26.08 12.88
C VAL A 215 -20.68 26.18 14.03
N LYS A 216 -20.69 25.17 14.91
CA LYS A 216 -19.75 25.07 16.03
C LYS A 216 -18.31 24.99 15.53
N TRP A 217 -18.10 24.27 14.43
CA TRP A 217 -16.78 24.16 13.83
C TRP A 217 -16.31 25.50 13.27
N ILE A 218 -17.12 26.13 12.42
CA ILE A 218 -16.80 27.44 11.92
C ILE A 218 -16.54 28.41 13.08
N GLN A 219 -17.38 28.37 14.11
CA GLN A 219 -17.23 29.25 15.27
C GLN A 219 -15.98 28.93 16.12
N ALA A 220 -15.63 27.65 16.28
CA ALA A 220 -14.41 27.33 17.01
C ALA A 220 -13.18 27.81 16.20
N PHE A 221 -13.22 27.79 14.86
CA PHE A 221 -12.10 28.35 14.07
C PHE A 221 -11.99 29.87 14.21
N LYS A 222 -13.14 30.55 14.19
CA LYS A 222 -13.19 31.98 14.38
C LYS A 222 -12.62 32.39 15.76
N ALA A 223 -12.89 31.61 16.79
CA ALA A 223 -12.34 31.89 18.13
C ALA A 223 -10.83 31.74 18.16
N GLU A 224 -10.26 30.97 17.23
CA GLU A 224 -8.80 30.91 17.04
C GLU A 224 -8.25 31.94 16.09
N GLY A 225 -9.07 32.86 15.59
CA GLY A 225 -8.64 33.87 14.64
C GLY A 225 -8.65 33.49 13.15
N ILE A 226 -9.37 32.45 12.78
CA ILE A 226 -9.40 31.96 11.41
C ILE A 226 -10.82 32.08 10.85
N ASP A 227 -10.98 32.92 9.84
CA ASP A 227 -12.25 33.02 9.09
C ASP A 227 -12.38 31.90 8.08
N ILE A 228 -13.46 31.13 8.16
CA ILE A 228 -13.79 30.15 7.13
C ILE A 228 -14.59 30.89 6.03
N TYR A 229 -13.99 30.97 4.86
CA TYR A 229 -14.60 31.69 3.75
C TYR A 229 -15.72 30.87 3.11
N ALA A 230 -15.54 29.56 3.02
CA ALA A 230 -16.54 28.70 2.39
C ALA A 230 -16.48 27.30 2.89
N VAL A 231 -17.59 26.61 2.75
CA VAL A 231 -17.67 25.18 2.94
C VAL A 231 -18.36 24.49 1.80
N THR A 232 -18.09 23.20 1.66
CA THR A 232 -18.99 22.31 0.96
C THR A 232 -19.56 21.34 1.98
N PRO A 233 -20.70 20.70 1.67
CA PRO A 233 -21.32 19.76 2.63
C PRO A 233 -20.63 18.42 2.83
N GLN A 234 -19.82 18.00 1.89
CA GLN A 234 -19.19 16.72 1.93
C GLN A 234 -18.21 16.69 0.80
N ASN A 235 -16.99 16.26 1.10
CA ASN A 235 -15.97 15.93 0.07
C ASN A 235 -16.43 14.75 -0.77
N GLU A 236 -16.39 14.90 -2.11
CA GLU A 236 -16.68 13.79 -3.03
C GLU A 236 -17.88 12.95 -2.62
N PRO A 237 -19.05 13.57 -2.56
CA PRO A 237 -20.23 12.87 -2.02
C PRO A 237 -20.70 11.65 -2.81
N LEU A 238 -20.18 11.41 -4.02
CA LEU A 238 -20.52 10.14 -4.70
C LEU A 238 -19.52 9.04 -4.47
N ASN A 239 -18.49 9.28 -3.64
CA ASN A 239 -17.49 8.24 -3.33
C ASN A 239 -17.81 7.54 -2.00
N ARG A 240 -17.92 6.21 -2.04
CA ARG A 240 -18.19 5.37 -0.85
C ARG A 240 -16.89 4.74 -0.26
N GLY A 241 -15.76 4.92 -0.96
CA GLY A 241 -14.49 4.34 -0.51
C GLY A 241 -13.71 5.37 0.31
N ASN A 242 -12.42 5.48 -0.02
CA ASN A 242 -11.47 6.31 0.69
C ASN A 242 -11.21 5.73 2.11
N SER A 243 -10.47 6.47 2.92
CA SER A 243 -10.28 6.15 4.33
C SER A 243 -11.40 6.75 5.19
N ALA A 244 -12.05 7.79 4.69
CA ALA A 244 -13.22 8.41 5.30
C ALA A 244 -14.11 8.91 4.16
N SER A 245 -15.40 8.66 4.28
CA SER A 245 -16.34 9.06 3.25
C SER A 245 -17.76 8.99 3.76
N LEU A 246 -18.63 9.67 3.02
CA LEU A 246 -20.04 9.59 3.28
C LEU A 246 -20.73 9.80 1.94
N TYR A 247 -21.60 8.86 1.57
CA TYR A 247 -22.33 8.97 0.27
C TYR A 247 -23.46 9.95 0.47
N MET A 248 -23.55 10.94 -0.43
CA MET A 248 -24.62 11.90 -0.39
C MET A 248 -25.10 12.30 -1.79
N GLU A 249 -26.25 11.78 -2.20
CA GLU A 249 -26.87 12.16 -3.50
C GLU A 249 -27.40 13.56 -3.49
N TRP A 250 -27.67 14.13 -4.67
CA TRP A 250 -28.09 15.56 -4.79
C TRP A 250 -29.38 15.90 -4.03
N GLU A 251 -30.31 14.95 -3.97
CA GLU A 251 -31.61 15.13 -3.27
C GLU A 251 -31.36 15.30 -1.75
N GLU A 252 -30.44 14.49 -1.25
CA GLU A 252 -30.05 14.57 0.17
C GLU A 252 -29.30 15.86 0.50
N GLN A 253 -28.37 16.24 -0.37
CA GLN A 253 -27.67 17.49 -0.19
C GLN A 253 -28.60 18.68 -0.34
N ARG A 254 -29.51 18.64 -1.32
CA ARG A 254 -30.57 19.66 -1.43
C ARG A 254 -31.29 19.81 -0.08
N ASP A 255 -31.74 18.69 0.48
CA ASP A 255 -32.55 18.73 1.73
C ASP A 255 -31.74 19.18 2.94
N PHE A 256 -30.53 18.65 3.08
CA PHE A 256 -29.62 19.08 4.17
C PHE A 256 -29.36 20.58 4.14
N VAL A 257 -29.09 21.10 2.94
CA VAL A 257 -28.86 22.52 2.77
C VAL A 257 -30.10 23.38 3.03
N LYS A 258 -31.22 23.03 2.42
CA LYS A 258 -32.40 23.93 2.53
C LYS A 258 -33.03 23.89 3.94
N THR A 259 -33.05 22.71 4.57
CA THR A 259 -33.74 22.52 5.88
C THR A 259 -32.89 22.77 7.12
N ALA A 260 -31.56 22.73 7.01
CA ALA A 260 -30.68 22.76 8.20
C ALA A 260 -29.41 23.59 8.03
N LEU A 261 -28.54 23.23 7.07
CA LEU A 261 -27.23 23.93 6.95
C LEU A 261 -27.38 25.36 6.56
N GLY A 262 -28.20 25.63 5.53
CA GLY A 262 -28.42 27.00 5.11
C GLY A 262 -29.01 27.88 6.20
N PRO A 263 -30.20 27.52 6.70
CA PRO A 263 -30.85 28.31 7.74
C PRO A 263 -29.99 28.43 9.03
N GLN A 264 -29.36 27.34 9.49
CA GLN A 264 -28.53 27.45 10.72
C GLN A 264 -27.30 28.35 10.59
N MET A 265 -26.58 28.28 9.44
CA MET A 265 -25.47 29.19 9.21
C MET A 265 -25.93 30.64 9.16
N LYS A 266 -27.04 30.90 8.47
CA LYS A 266 -27.57 32.26 8.37
C LYS A 266 -28.02 32.82 9.73
N ALA A 267 -28.76 32.04 10.50
CA ALA A 267 -29.18 32.43 11.86
C ALA A 267 -28.00 32.68 12.83
N ALA A 268 -26.90 31.95 12.65
CA ALA A 268 -25.70 32.18 13.46
C ALA A 268 -24.91 33.40 13.00
N GLY A 269 -25.36 34.07 11.92
CA GLY A 269 -24.69 35.24 11.37
C GLY A 269 -23.40 34.99 10.57
N LEU A 270 -23.22 33.80 10.03
CA LEU A 270 -21.98 33.43 9.31
C LEU A 270 -21.98 33.97 7.88
N SER A 271 -20.90 34.63 7.45
CA SER A 271 -20.75 35.06 6.05
C SER A 271 -20.22 33.91 5.16
N THR A 272 -19.87 32.79 5.79
CA THR A 272 -19.36 31.64 5.10
C THR A 272 -20.28 31.22 3.96
N LYS A 273 -19.72 31.12 2.76
CA LYS A 273 -20.44 30.63 1.58
C LYS A 273 -20.55 29.13 1.61
N ILE A 274 -21.53 28.60 0.86
CA ILE A 274 -21.74 27.17 0.68
C ILE A 274 -21.63 26.78 -0.81
N TYR A 275 -20.71 25.88 -1.16
CA TYR A 275 -20.65 25.38 -2.54
C TYR A 275 -21.19 23.97 -2.52
N ALA A 276 -21.93 23.63 -3.57
CA ALA A 276 -22.46 22.30 -3.75
C ALA A 276 -21.45 21.37 -4.39
N PHE A 277 -21.68 20.08 -4.17
CA PHE A 277 -21.12 18.99 -4.98
C PHE A 277 -19.70 18.61 -4.54
N ASP A 278 -18.65 19.30 -5.02
CA ASP A 278 -17.27 19.00 -4.60
C ASP A 278 -16.89 17.58 -5.08
N HIS A 279 -17.25 17.27 -6.32
CA HIS A 279 -16.80 16.01 -6.96
C HIS A 279 -16.49 16.17 -8.47
N ASN A 280 -16.52 15.09 -9.24
CA ASN A 280 -15.96 15.06 -10.58
C ASN A 280 -16.93 15.54 -11.69
N TYR A 281 -16.33 15.96 -12.78
CA TYR A 281 -17.08 16.53 -13.92
C TYR A 281 -18.12 15.55 -14.52
N ASN A 282 -17.83 14.26 -14.50
CA ASN A 282 -18.74 13.23 -15.05
C ASN A 282 -19.75 12.67 -14.04
N TYR A 283 -19.74 13.17 -12.79
CA TYR A 283 -20.64 12.68 -11.75
C TYR A 283 -20.50 11.16 -11.55
N ASP A 284 -19.27 10.67 -11.71
CA ASP A 284 -18.95 9.24 -11.63
C ASP A 284 -19.84 8.32 -12.49
N ASN A 285 -20.36 8.87 -13.59
CA ASN A 285 -21.24 8.17 -14.56
C ASN A 285 -22.49 7.55 -13.91
N ILE A 286 -23.01 8.18 -12.86
CA ILE A 286 -24.21 7.71 -12.16
C ILE A 286 -25.34 8.54 -12.73
N GLU A 287 -26.21 7.88 -13.51
CA GLU A 287 -27.25 8.54 -14.28
C GLU A 287 -28.08 9.53 -13.48
N SER A 288 -28.61 9.07 -12.34
CA SER A 288 -29.47 9.88 -11.44
C SER A 288 -28.79 11.13 -10.85
N GLN A 289 -27.46 11.09 -10.77
CA GLN A 289 -26.67 12.18 -10.19
C GLN A 289 -26.06 13.15 -11.19
N LYS A 290 -26.26 12.93 -12.49
CA LYS A 290 -25.80 13.87 -13.49
C LYS A 290 -26.41 15.24 -13.22
N ASN A 291 -25.69 16.32 -13.56
CA ASN A 291 -26.12 17.71 -13.23
C ASN A 291 -26.44 17.91 -11.74
N TYR A 292 -25.67 17.22 -10.89
CA TYR A 292 -25.81 17.24 -9.43
C TYR A 292 -26.11 18.65 -8.93
N PRO A 293 -25.23 19.61 -9.19
CA PRO A 293 -25.56 20.89 -8.61
C PRO A 293 -26.69 21.62 -9.31
N GLY A 294 -26.84 21.40 -10.62
CA GLY A 294 -27.92 22.03 -11.37
C GLY A 294 -29.30 21.60 -10.86
N LYS A 295 -29.42 20.33 -10.50
CA LYS A 295 -30.67 19.80 -9.92
C LYS A 295 -31.04 20.44 -8.57
N ILE A 296 -30.01 20.81 -7.80
CA ILE A 296 -30.21 21.47 -6.51
C ILE A 296 -30.57 22.93 -6.74
N TYR A 297 -29.93 23.57 -7.70
CA TYR A 297 -30.25 24.98 -8.03
C TYR A 297 -31.70 25.20 -8.44
N GLU A 298 -32.29 24.19 -9.06
CA GLU A 298 -33.68 24.32 -9.53
C GLU A 298 -34.69 24.24 -8.38
N ASP A 299 -34.23 23.81 -7.19
CA ASP A 299 -34.98 24.03 -5.93
C ASP A 299 -34.62 25.38 -5.31
N ALA A 300 -35.49 26.35 -5.57
CA ALA A 300 -35.37 27.73 -5.08
C ALA A 300 -35.03 27.89 -3.59
N ALA A 301 -35.63 27.04 -2.76
CA ALA A 301 -35.37 27.05 -1.32
C ALA A 301 -33.93 26.58 -0.96
N ALA A 302 -33.42 25.56 -1.64
CA ALA A 302 -32.00 25.16 -1.51
C ALA A 302 -31.04 26.21 -2.14
N SER A 303 -31.43 26.75 -3.30
CA SER A 303 -30.54 27.54 -4.13
C SER A 303 -30.19 28.87 -3.51
N GLN A 304 -31.13 29.41 -2.78
CA GLN A 304 -30.92 30.65 -2.07
C GLN A 304 -29.69 30.61 -1.12
N TYR A 305 -29.31 29.45 -0.64
CA TYR A 305 -28.15 29.30 0.26
C TYR A 305 -26.80 28.96 -0.42
N LEU A 306 -26.84 28.64 -1.72
CA LEU A 306 -25.70 28.15 -2.51
C LEU A 306 -25.05 29.22 -3.38
N ALA A 307 -23.77 29.47 -3.10
CA ALA A 307 -22.95 30.36 -3.91
C ALA A 307 -22.75 29.78 -5.31
N GLY A 308 -22.60 28.45 -5.36
CA GLY A 308 -22.25 27.76 -6.54
C GLY A 308 -21.87 26.31 -6.33
N ALA A 309 -20.97 25.85 -7.18
CA ALA A 309 -20.55 24.49 -7.16
C ALA A 309 -19.05 24.35 -7.21
N ALA A 310 -18.55 23.32 -6.51
CA ALA A 310 -17.13 22.99 -6.52
C ALA A 310 -16.90 21.72 -7.32
N TYR A 311 -15.82 21.68 -8.12
CA TYR A 311 -15.46 20.49 -8.91
C TYR A 311 -14.05 19.99 -8.67
N HIS A 312 -13.89 18.68 -8.86
CA HIS A 312 -12.61 18.01 -8.96
C HIS A 312 -12.51 17.47 -10.37
N ASN A 313 -11.32 17.05 -10.78
CA ASN A 313 -11.13 16.60 -12.19
C ASN A 313 -10.70 15.16 -12.35
N TYR A 314 -11.00 14.29 -11.38
CA TYR A 314 -10.56 12.90 -11.47
C TYR A 314 -11.39 12.05 -12.46
N GLY A 315 -12.50 12.59 -12.96
CA GLY A 315 -13.24 11.94 -14.06
C GLY A 315 -14.02 12.96 -14.83
N GLY A 316 -14.22 12.70 -16.12
CA GLY A 316 -14.97 13.59 -16.99
C GLY A 316 -14.13 14.67 -17.62
N ASN A 317 -14.81 15.60 -18.25
CA ASN A 317 -14.22 16.59 -19.15
C ASN A 317 -14.55 17.97 -18.60
N ARG A 318 -13.58 18.87 -18.55
CA ARG A 318 -13.77 20.23 -18.04
C ARG A 318 -14.73 21.14 -18.76
N GLU A 319 -15.15 20.76 -19.98
CA GLU A 319 -16.27 21.38 -20.68
C GLU A 319 -17.53 21.45 -19.78
N GLU A 320 -17.69 20.46 -18.89
CA GLU A 320 -18.78 20.47 -17.91
C GLU A 320 -18.88 21.80 -17.18
N LEU A 321 -17.76 22.41 -16.88
CA LEU A 321 -17.75 23.75 -16.28
C LEU A 321 -18.48 24.82 -17.14
N LEU A 322 -18.21 24.82 -18.44
CA LEU A 322 -18.92 25.73 -19.33
C LEU A 322 -20.39 25.38 -19.40
N ASN A 323 -20.72 24.09 -19.41
CA ASN A 323 -22.13 23.66 -19.47
C ASN A 323 -22.94 24.16 -18.28
N ILE A 324 -22.35 24.00 -17.09
CA ILE A 324 -22.98 24.44 -15.84
C ILE A 324 -23.02 25.95 -15.81
N HIS A 325 -21.94 26.62 -16.21
CA HIS A 325 -21.95 28.09 -16.18
C HIS A 325 -23.04 28.64 -17.11
N GLN A 326 -23.19 28.03 -18.27
CA GLN A 326 -24.16 28.55 -19.25
C GLN A 326 -25.59 28.29 -18.75
N ALA A 327 -25.84 27.14 -18.14
CA ALA A 327 -27.15 26.84 -17.57
C ALA A 327 -27.47 27.74 -16.36
N TYR A 328 -26.47 28.05 -15.55
CA TYR A 328 -26.76 28.80 -14.32
C TYR A 328 -25.71 29.86 -14.15
N PRO A 329 -25.82 30.93 -14.93
CA PRO A 329 -24.77 31.93 -14.97
C PRO A 329 -24.66 32.85 -13.76
N GLU A 330 -25.63 32.86 -12.86
CA GLU A 330 -25.45 33.61 -11.61
C GLU A 330 -24.90 32.72 -10.46
N LYS A 331 -24.60 31.44 -10.74
CA LYS A 331 -23.96 30.59 -9.76
C LYS A 331 -22.44 30.47 -10.00
N GLU A 332 -21.67 30.51 -8.92
CA GLU A 332 -20.23 30.47 -8.98
C GLU A 332 -19.65 29.09 -9.28
N LEU A 333 -18.44 29.07 -9.83
CA LEU A 333 -17.69 27.81 -9.99
C LEU A 333 -16.36 27.92 -9.27
N LEU A 334 -15.96 26.83 -8.62
CA LEU A 334 -14.69 26.80 -7.94
C LEU A 334 -14.02 25.46 -8.23
N PHE A 335 -12.72 25.49 -8.51
CA PHE A 335 -11.99 24.26 -8.69
C PHE A 335 -11.24 23.90 -7.40
N THR A 336 -11.60 22.80 -6.76
CA THR A 336 -11.13 22.54 -5.37
C THR A 336 -10.18 21.41 -5.13
N GLU A 337 -9.98 20.50 -6.10
CA GLU A 337 -9.07 19.39 -5.86
C GLU A 337 -8.62 18.69 -7.11
N THR A 338 -7.30 18.50 -7.18
CA THR A 338 -6.71 17.55 -8.12
C THR A 338 -5.40 17.06 -7.55
N SER A 339 -4.88 15.96 -8.10
CA SER A 339 -3.69 15.27 -7.57
C SER A 339 -2.71 14.87 -8.64
N ILE A 340 -1.46 14.75 -8.23
CA ILE A 340 -0.41 14.12 -9.01
C ILE A 340 0.11 12.99 -8.18
N GLY A 341 0.61 11.97 -8.86
CA GLY A 341 1.12 10.79 -8.14
C GLY A 341 1.78 9.80 -9.05
N THR A 342 1.81 8.53 -8.65
CA THR A 342 2.54 7.50 -9.42
C THR A 342 1.83 7.12 -10.74
N TRP A 343 0.54 7.41 -10.84
CA TRP A 343 -0.29 7.03 -12.01
C TRP A 343 -0.06 7.96 -13.18
N ASN A 344 0.46 9.18 -12.94
CA ASN A 344 0.74 10.13 -14.00
C ASN A 344 2.14 10.76 -13.93
N SER A 345 3.15 9.97 -13.57
CA SER A 345 4.51 10.45 -13.47
C SER A 345 4.59 11.84 -12.79
N GLY A 346 3.95 11.97 -11.64
CA GLY A 346 3.78 13.28 -10.97
C GLY A 346 5.02 14.09 -10.65
N ARG A 347 6.16 13.42 -10.50
CA ARG A 347 7.45 14.08 -10.26
C ARG A 347 8.18 14.48 -11.54
N ASP A 348 7.67 14.12 -12.71
CA ASP A 348 8.35 14.39 -13.96
C ASP A 348 7.74 15.62 -14.59
N LEU A 349 8.42 16.74 -14.38
CA LEU A 349 7.88 18.02 -14.78
C LEU A 349 7.78 18.13 -16.32
N SER A 350 8.64 17.39 -17.04
CA SER A 350 8.61 17.37 -18.52
C SER A 350 7.36 16.71 -19.06
N LYS A 351 6.73 15.83 -18.28
CA LYS A 351 5.43 15.25 -18.60
C LYS A 351 4.25 15.96 -17.95
N ARG A 352 4.48 16.74 -16.90
CA ARG A 352 3.39 17.30 -16.10
C ARG A 352 3.10 18.78 -16.28
N LEU A 353 4.12 19.62 -16.41
CA LEU A 353 3.91 21.08 -16.35
C LEU A 353 2.91 21.63 -17.39
N MET A 354 3.12 21.30 -18.67
CA MET A 354 2.27 21.83 -19.75
C MET A 354 0.85 21.33 -19.59
N GLU A 355 0.67 20.03 -19.46
CA GLU A 355 -0.68 19.45 -19.34
C GLU A 355 -1.45 19.97 -18.11
N ASP A 356 -0.78 20.05 -16.96
CA ASP A 356 -1.41 20.57 -15.76
C ASP A 356 -1.71 22.02 -15.90
N MET A 357 -0.80 22.84 -16.46
CA MET A 357 -1.13 24.27 -16.60
C MET A 357 -2.34 24.42 -17.54
N GLU A 358 -2.39 23.61 -18.60
CA GLU A 358 -3.55 23.65 -19.51
C GLU A 358 -4.86 23.20 -18.88
N GLU A 359 -4.87 22.09 -18.19
CA GLU A 359 -6.13 21.44 -17.80
C GLU A 359 -6.64 21.89 -16.42
N VAL A 360 -5.71 22.16 -15.52
CA VAL A 360 -6.03 22.46 -14.14
C VAL A 360 -6.11 23.95 -13.92
N ALA A 361 -5.08 24.65 -14.37
CA ALA A 361 -4.95 26.07 -14.11
C ALA A 361 -5.80 26.85 -15.14
N LEU A 362 -5.30 27.04 -16.36
CA LEU A 362 -6.02 27.93 -17.30
C LEU A 362 -7.27 27.27 -17.86
N GLY A 363 -7.32 25.94 -17.97
CA GLY A 363 -8.54 25.26 -18.44
C GLY A 363 -9.80 25.44 -17.58
N THR A 364 -9.60 25.57 -16.26
CA THR A 364 -10.71 25.76 -15.33
C THR A 364 -11.06 27.23 -15.28
N ILE A 365 -10.06 28.08 -15.16
CA ILE A 365 -10.26 29.54 -15.14
C ILE A 365 -10.91 30.06 -16.44
N ASN A 366 -10.47 29.55 -17.58
CA ASN A 366 -11.10 29.99 -18.86
C ASN A 366 -12.49 29.39 -19.06
N ASN A 367 -12.87 28.44 -18.19
CA ASN A 367 -14.23 27.90 -18.11
C ASN A 367 -14.98 28.37 -16.85
N TRP A 368 -14.60 29.56 -16.35
CA TRP A 368 -15.32 30.38 -15.34
C TRP A 368 -15.04 30.11 -13.85
N CYS A 369 -14.17 29.16 -13.55
CA CYS A 369 -13.74 28.98 -12.15
C CYS A 369 -13.12 30.23 -11.55
N LYS A 370 -13.57 30.59 -10.35
CA LYS A 370 -13.08 31.75 -9.62
C LYS A 370 -11.83 31.44 -8.76
N GLY A 371 -11.49 30.17 -8.62
CA GLY A 371 -10.21 29.83 -8.07
C GLY A 371 -9.84 28.41 -8.38
N VAL A 372 -8.62 28.07 -8.01
CA VAL A 372 -8.04 26.80 -8.32
C VAL A 372 -7.22 26.36 -7.09
N ILE A 373 -7.55 25.19 -6.58
CA ILE A 373 -6.90 24.62 -5.40
C ILE A 373 -6.56 23.19 -5.69
N VAL A 374 -5.28 22.90 -5.56
CA VAL A 374 -4.74 21.54 -5.65
C VAL A 374 -4.78 20.87 -4.27
N TRP A 375 -4.33 19.61 -4.23
CA TRP A 375 -4.42 18.79 -3.03
C TRP A 375 -3.22 19.11 -2.09
N ASN A 376 -2.64 18.14 -1.41
CA ASN A 376 -1.63 18.36 -0.37
C ASN A 376 -0.58 19.29 -0.83
N LEU A 377 -0.35 20.37 -0.08
CA LEU A 377 0.76 21.23 -0.38
C LEU A 377 2.11 20.52 -0.29
N MET A 378 2.29 19.67 0.71
CA MET A 378 3.61 19.07 1.03
C MET A 378 3.36 17.65 1.51
N LEU A 379 4.03 16.71 0.89
CA LEU A 379 4.13 15.35 1.41
C LEU A 379 5.59 15.01 1.47
N ASP A 380 5.98 13.96 2.18
CA ASP A 380 7.39 13.57 2.16
C ASP A 380 7.70 12.71 0.91
N ASN A 381 8.97 12.39 0.72
CA ASN A 381 9.40 11.54 -0.41
C ASN A 381 8.84 10.10 -0.39
N ASP A 382 8.35 9.64 0.74
CA ASP A 382 7.57 8.39 0.85
C ASP A 382 6.04 8.57 0.69
N ARG A 383 5.59 9.67 0.07
CA ARG A 383 4.18 9.89 -0.25
C ARG A 383 3.28 10.03 0.95
N GLY A 384 3.84 10.51 2.05
CA GLY A 384 3.12 10.57 3.29
C GLY A 384 3.45 11.67 4.30
N PRO A 385 2.92 11.53 5.50
CA PRO A 385 2.14 10.34 5.95
C PRO A 385 0.79 10.17 5.24
N ASN A 386 0.27 8.96 5.20
CA ASN A 386 -0.99 8.71 4.50
C ASN A 386 -1.80 7.69 5.27
N ARG A 387 -2.99 7.37 4.78
CA ARG A 387 -3.94 6.47 5.50
C ARG A 387 -4.31 5.23 4.68
N GLU A 388 -4.36 4.07 5.34
CA GLU A 388 -4.92 2.83 4.77
C GLU A 388 -6.31 3.09 4.22
N GLY A 389 -6.54 2.65 3.00
CA GLY A 389 -7.76 3.00 2.22
C GLY A 389 -7.77 4.32 1.50
N GLY A 390 -6.88 5.25 1.91
CA GLY A 390 -6.70 6.52 1.24
C GLY A 390 -5.69 6.44 0.10
N CYS A 391 -5.37 7.58 -0.49
CA CYS A 391 -4.36 7.62 -1.51
C CYS A 391 -2.98 7.33 -0.89
N GLN A 392 -2.34 6.30 -1.43
CA GLN A 392 -0.99 5.98 -1.04
C GLN A 392 0.00 6.06 -2.20
N THR A 393 -0.40 6.72 -3.27
CA THR A 393 0.42 6.87 -4.47
C THR A 393 0.53 8.36 -4.85
N CYS A 394 0.19 9.25 -3.90
CA CYS A 394 0.11 10.67 -4.16
C CYS A 394 1.45 11.34 -3.84
N TYR A 395 1.76 12.35 -4.62
CA TYR A 395 2.88 13.24 -4.35
C TYR A 395 2.29 14.58 -3.92
N GLY A 396 3.13 15.37 -3.24
CA GLY A 396 2.75 16.72 -2.85
C GLY A 396 2.93 17.70 -4.00
N ALA A 397 2.28 18.84 -3.89
CA ALA A 397 2.62 19.99 -4.71
C ALA A 397 4.12 20.26 -4.60
N VAL A 398 4.68 20.11 -3.40
CA VAL A 398 6.15 19.95 -3.20
C VAL A 398 6.36 18.69 -2.42
N ASP A 399 7.53 18.08 -2.57
CA ASP A 399 7.90 16.94 -1.75
C ASP A 399 9.07 17.33 -0.85
N ILE A 400 9.05 16.89 0.41
CA ILE A 400 10.15 17.16 1.35
C ILE A 400 10.86 15.85 1.69
N ASN A 401 12.17 15.90 1.81
CA ASN A 401 12.93 14.72 2.10
C ASN A 401 12.83 14.42 3.60
N ASN A 402 12.41 13.21 3.96
CA ASN A 402 12.20 12.87 5.36
C ASN A 402 13.48 12.44 6.11
N SER A 403 14.64 12.52 5.49
CA SER A 403 15.93 12.38 6.21
C SER A 403 16.44 13.70 6.75
N ASP A 404 16.16 14.79 6.07
CA ASP A 404 16.65 16.11 6.54
C ASP A 404 15.57 17.14 6.88
N TYR A 405 14.32 16.91 6.44
CA TYR A 405 13.19 17.85 6.53
C TYR A 405 13.66 19.24 6.17
N LYS A 406 14.41 19.29 5.07
CA LYS A 406 15.04 20.49 4.58
C LYS A 406 14.97 20.63 3.06
N THR A 407 15.44 19.61 2.36
CA THR A 407 15.40 19.59 0.90
C THR A 407 13.99 19.39 0.40
N ILE A 408 13.55 20.35 -0.41
CA ILE A 408 12.21 20.39 -0.96
C ILE A 408 12.33 20.41 -2.47
N ILE A 409 11.57 19.58 -3.17
CA ILE A 409 11.46 19.64 -4.63
C ILE A 409 10.06 20.11 -5.03
N ARG A 410 9.98 21.15 -5.85
CA ARG A 410 8.68 21.56 -6.41
C ARG A 410 8.20 20.62 -7.50
N ASN A 411 6.91 20.25 -7.43
CA ASN A 411 6.29 19.48 -8.50
C ASN A 411 5.35 20.36 -9.27
N SER A 412 4.74 19.83 -10.33
CA SER A 412 3.98 20.68 -11.26
C SER A 412 2.95 21.53 -10.56
N HIS A 413 2.26 20.94 -9.59
CA HIS A 413 1.22 21.68 -8.88
C HIS A 413 1.70 22.97 -8.24
N TYR A 414 2.91 22.97 -7.69
CA TYR A 414 3.41 24.20 -7.08
C TYR A 414 3.58 25.30 -8.13
N TYR A 415 4.07 24.92 -9.31
CA TYR A 415 4.34 25.86 -10.37
C TYR A 415 3.04 26.40 -10.94
N ILE A 416 2.07 25.53 -11.17
CA ILE A 416 0.85 25.98 -11.85
C ILE A 416 0.11 26.99 -10.97
N ILE A 417 0.14 26.77 -9.66
CA ILE A 417 -0.49 27.69 -8.72
C ILE A 417 0.31 28.98 -8.61
N ALA A 418 1.62 28.88 -8.37
CA ALA A 418 2.43 30.07 -8.21
C ALA A 418 2.36 30.95 -9.45
N HIS A 419 2.23 30.35 -10.62
CA HIS A 419 2.08 31.15 -11.87
C HIS A 419 0.79 31.93 -11.94
N LEU A 420 -0.24 31.47 -11.20
CA LEU A 420 -1.47 32.22 -11.09
C LEU A 420 -1.36 33.26 -9.97
N SER A 421 -0.99 32.80 -8.78
CA SER A 421 -1.13 33.62 -7.58
C SER A 421 -0.11 34.76 -7.54
N SER A 422 1.03 34.61 -8.21
CA SER A 422 2.05 35.64 -8.20
C SER A 422 1.58 36.93 -8.84
N VAL A 423 0.69 36.82 -9.85
CA VAL A 423 0.23 37.98 -10.60
C VAL A 423 -1.26 38.23 -10.57
N VAL A 424 -2.06 37.22 -10.27
CA VAL A 424 -3.52 37.37 -10.24
C VAL A 424 -3.93 37.40 -8.78
N LYS A 425 -4.23 38.60 -8.30
CA LYS A 425 -4.51 38.86 -6.90
C LYS A 425 -6.01 38.76 -6.64
N PRO A 426 -6.41 38.53 -5.38
CA PRO A 426 -7.84 38.39 -5.05
C PRO A 426 -8.62 39.60 -5.54
N GLY A 427 -9.84 39.38 -6.03
CA GLY A 427 -10.64 40.44 -6.64
C GLY A 427 -10.32 40.83 -8.08
N ALA A 428 -9.32 40.18 -8.70
CA ALA A 428 -9.04 40.45 -10.09
C ALA A 428 -10.20 40.03 -10.96
N VAL A 429 -10.37 40.72 -12.07
CA VAL A 429 -11.41 40.35 -13.02
C VAL A 429 -10.73 39.79 -14.27
N ARG A 430 -11.13 38.61 -14.68
CA ARG A 430 -10.65 38.04 -15.91
C ARG A 430 -11.28 38.80 -17.11
N ILE A 431 -10.46 39.07 -18.12
CA ILE A 431 -10.87 39.88 -19.27
C ILE A 431 -10.50 39.14 -20.54
N ALA A 432 -11.15 39.52 -21.64
CA ALA A 432 -10.95 38.86 -22.93
C ALA A 432 -9.58 39.20 -23.57
N THR A 433 -9.13 38.29 -24.43
CA THR A 433 -7.99 38.51 -25.29
C THR A 433 -8.36 38.15 -26.71
N THR A 434 -7.74 38.85 -27.66
CA THR A 434 -7.87 38.57 -29.08
C THR A 434 -6.47 38.66 -29.73
N GLY A 435 -6.34 38.03 -30.89
CA GLY A 435 -5.15 38.16 -31.72
C GLY A 435 -4.42 36.85 -31.87
N TYR A 436 -3.11 36.88 -31.67
CA TYR A 436 -2.29 35.72 -31.99
C TYR A 436 -2.67 34.48 -31.18
N THR A 437 -2.84 33.37 -31.89
CA THR A 437 -2.88 32.02 -31.28
C THR A 437 -2.38 31.03 -32.29
N ASP A 438 -2.04 29.87 -31.78
CA ASP A 438 -1.82 28.71 -32.61
C ASP A 438 -1.95 27.55 -31.64
N ASN A 439 -1.71 26.35 -32.16
CA ASN A 439 -1.72 25.19 -31.32
C ASN A 439 -0.54 25.43 -30.33
N GLY A 440 -0.75 24.99 -29.12
CA GLY A 440 0.24 25.19 -28.07
C GLY A 440 0.14 26.47 -27.31
N ILE A 441 -0.51 27.52 -27.84
CA ILE A 441 -0.67 28.77 -27.08
C ILE A 441 -2.02 28.80 -26.35
N THR A 442 -1.98 28.94 -25.02
CA THR A 442 -3.17 29.17 -24.19
C THR A 442 -2.85 30.34 -23.28
N CYS A 443 -3.80 31.24 -23.08
CA CYS A 443 -3.59 32.32 -22.15
C CYS A 443 -4.85 32.73 -21.38
N SER A 444 -4.64 33.49 -20.31
CA SER A 444 -5.72 34.14 -19.57
C SER A 444 -5.21 35.51 -19.17
N ALA A 445 -6.06 36.51 -19.21
CA ALA A 445 -5.71 37.88 -18.82
C ALA A 445 -6.66 38.41 -17.76
N PHE A 446 -6.15 39.29 -16.91
CA PHE A 446 -6.91 39.78 -15.79
C PHE A 446 -6.60 41.25 -15.54
N GLU A 447 -7.51 41.90 -14.84
CA GLU A 447 -7.28 43.21 -14.25
C GLU A 447 -7.46 43.16 -12.73
N ASN A 448 -6.41 43.52 -12.02
CA ASN A 448 -6.39 43.48 -10.59
C ASN A 448 -7.04 44.78 -10.10
N THR A 449 -7.52 44.76 -8.86
CA THR A 449 -8.15 45.93 -8.24
C THR A 449 -7.18 47.07 -8.02
N ASP A 450 -5.89 46.75 -7.95
CA ASP A 450 -4.86 47.74 -7.69
C ASP A 450 -4.41 48.50 -8.97
N GLY A 451 -5.12 48.34 -10.08
CA GLY A 451 -4.72 48.96 -11.32
C GLY A 451 -3.54 48.31 -12.05
N THR A 452 -3.21 47.04 -11.74
CA THR A 452 -2.27 46.28 -12.57
C THR A 452 -3.00 45.27 -13.44
N TYR A 453 -2.46 45.03 -14.62
CA TYR A 453 -2.93 43.91 -15.46
C TYR A 453 -2.06 42.71 -15.15
N ALA A 454 -2.62 41.51 -15.38
CA ALA A 454 -1.91 40.26 -15.25
C ALA A 454 -2.19 39.38 -16.48
N PHE A 455 -1.19 38.64 -16.90
CA PHE A 455 -1.30 37.81 -18.08
C PHE A 455 -0.55 36.53 -17.79
N VAL A 456 -1.16 35.41 -18.13
CA VAL A 456 -0.55 34.10 -17.90
C VAL A 456 -0.64 33.35 -19.20
N LEU A 457 0.48 32.78 -19.62
CA LEU A 457 0.67 32.28 -20.98
C LEU A 457 1.42 30.95 -20.93
N ILE A 458 0.85 29.97 -21.62
CA ILE A 458 1.44 28.71 -21.85
C ILE A 458 1.95 28.69 -23.27
N ASN A 459 3.22 28.35 -23.45
CA ASN A 459 3.77 28.12 -24.82
C ASN A 459 4.19 26.66 -24.87
N ASN A 460 3.21 25.80 -25.21
CA ASN A 460 3.41 24.38 -25.35
C ASN A 460 3.85 24.05 -26.80
N ASN A 461 4.97 24.63 -27.18
CA ASN A 461 5.67 24.34 -28.44
C ASN A 461 7.14 24.22 -28.08
N GLU A 462 7.88 23.36 -28.79
CA GLU A 462 9.34 23.30 -28.59
C GLU A 462 10.04 24.65 -28.80
N LYS A 463 9.53 25.52 -29.69
CA LYS A 463 10.24 26.74 -30.04
C LYS A 463 9.84 27.96 -29.25
N SER A 464 10.83 28.81 -29.01
CA SER A 464 10.61 30.15 -28.48
C SER A 464 9.74 30.98 -29.45
N LYS A 465 8.98 31.92 -28.91
CA LYS A 465 8.10 32.81 -29.66
C LYS A 465 8.25 34.23 -29.14
N LYS A 466 8.55 35.17 -30.03
CA LYS A 466 8.54 36.59 -29.69
C LYS A 466 7.07 37.07 -29.70
N ILE A 467 6.46 37.21 -28.51
CA ILE A 467 5.07 37.62 -28.39
C ILE A 467 5.04 39.08 -28.00
N THR A 468 4.12 39.83 -28.59
CA THR A 468 3.82 41.20 -28.16
C THR A 468 2.49 41.18 -27.41
N VAL A 469 2.43 41.89 -26.29
CA VAL A 469 1.23 41.94 -25.47
C VAL A 469 0.85 43.41 -25.33
N SER A 470 -0.41 43.69 -25.62
CA SER A 470 -0.97 45.03 -25.66
C SER A 470 -2.18 45.03 -24.73
N ASP A 471 -2.29 46.08 -23.92
CA ASP A 471 -3.47 46.34 -23.11
C ASP A 471 -4.43 47.40 -23.75
N GLY A 472 -4.26 47.69 -25.05
CA GLY A 472 -5.00 48.78 -25.73
C GLY A 472 -4.38 50.18 -25.63
N GLN A 473 -3.47 50.40 -24.69
CA GLN A 473 -2.79 51.67 -24.50
C GLN A 473 -1.25 51.58 -24.61
N ARG A 474 -0.66 50.54 -24.02
CA ARG A 474 0.78 50.32 -24.09
C ARG A 474 1.02 48.86 -24.43
N HIS A 475 2.22 48.55 -24.86
CA HIS A 475 2.56 47.18 -25.18
C HIS A 475 4.01 46.85 -24.84
N PHE A 476 4.27 45.56 -24.70
CA PHE A 476 5.61 45.08 -24.47
C PHE A 476 5.78 43.84 -25.32
N ALA A 477 7.02 43.44 -25.50
CA ALA A 477 7.35 42.23 -26.23
C ALA A 477 8.29 41.41 -25.39
N TYR A 478 8.28 40.10 -25.61
CA TYR A 478 9.11 39.19 -24.86
C TYR A 478 9.36 37.92 -25.63
N ASP A 479 10.57 37.40 -25.48
CA ASP A 479 10.99 36.14 -26.10
C ASP A 479 10.52 35.02 -25.19
N VAL A 480 9.37 34.42 -25.53
CA VAL A 480 8.74 33.42 -24.66
C VAL A 480 9.42 32.09 -24.93
N PRO A 481 10.07 31.47 -23.90
CA PRO A 481 10.75 30.24 -24.19
C PRO A 481 9.81 29.12 -24.54
N GLY A 482 10.33 28.13 -25.25
CA GLY A 482 9.61 26.89 -25.50
C GLY A 482 9.30 26.10 -24.23
N LYS A 483 8.16 25.42 -24.25
CA LYS A 483 7.70 24.53 -23.19
C LYS A 483 7.66 25.27 -21.84
N SER A 484 7.10 26.47 -21.89
CA SER A 484 7.09 27.36 -20.75
C SER A 484 5.71 27.84 -20.26
N VAL A 485 5.73 28.24 -19.01
CA VAL A 485 4.69 29.06 -18.40
C VAL A 485 5.36 30.36 -18.01
N THR A 486 4.75 31.45 -18.44
CA THR A 486 5.17 32.78 -18.14
C THR A 486 4.01 33.59 -17.60
N SER A 487 4.31 34.39 -16.58
CA SER A 487 3.32 35.21 -15.90
C SER A 487 3.87 36.61 -15.89
N TYR A 488 2.98 37.55 -16.20
CA TYR A 488 3.31 38.96 -16.40
C TYR A 488 2.41 39.84 -15.59
N ARG A 489 2.96 40.93 -15.09
CA ARG A 489 2.19 41.94 -14.37
C ARG A 489 2.75 43.32 -14.63
N TRP A 490 1.87 44.28 -14.91
CA TRP A 490 2.26 45.66 -15.18
C TRP A 490 1.14 46.65 -14.84
N ALA A 491 1.52 47.90 -14.57
CA ALA A 491 0.55 48.98 -14.24
C ALA A 491 -0.22 49.43 -15.48
N LYS A 492 -1.51 49.70 -15.34
CA LYS A 492 -2.22 50.42 -16.41
C LYS A 492 -1.87 51.93 -16.33
N SER A 493 -1.94 52.68 -17.44
CA SER A 493 -1.34 54.07 -17.48
C SER A 493 -2.07 55.19 -16.68
N PRO B 33 18.72 3.10 -0.44
CA PRO B 33 19.39 1.83 -0.76
C PRO B 33 18.39 0.65 -0.99
N THR B 34 18.38 0.10 -2.22
CA THR B 34 17.43 -0.98 -2.65
C THR B 34 18.06 -2.18 -3.41
N GLY B 35 17.31 -3.28 -3.41
CA GLY B 35 17.77 -4.59 -3.81
C GLY B 35 16.79 -5.64 -3.36
N ASP B 36 17.11 -6.90 -3.63
CA ASP B 36 16.24 -8.04 -3.34
C ASP B 36 16.07 -8.25 -1.85
N VAL B 37 17.15 -8.08 -1.09
CA VAL B 37 17.15 -8.40 0.33
C VAL B 37 17.35 -7.08 1.09
N ALA B 38 16.41 -6.73 1.98
CA ALA B 38 16.52 -5.51 2.80
C ALA B 38 17.17 -5.89 4.12
N ILE B 39 18.11 -5.06 4.58
CA ILE B 39 18.93 -5.34 5.74
C ILE B 39 18.89 -4.13 6.72
N TYR B 40 18.84 -4.42 8.03
CA TYR B 40 19.12 -3.47 9.10
C TYR B 40 20.32 -4.00 9.86
N THR B 41 21.24 -3.11 10.19
CA THR B 41 22.45 -3.45 10.96
C THR B 41 22.67 -2.53 12.14
N THR B 42 23.01 -3.12 13.28
CA THR B 42 23.44 -2.36 14.45
C THR B 42 24.71 -3.05 14.96
N THR B 43 25.72 -2.24 15.26
CA THR B 43 26.93 -2.74 15.88
C THR B 43 27.01 -2.20 17.28
N SER B 44 27.69 -2.91 18.13
CA SER B 44 27.75 -2.54 19.55
C SER B 44 28.56 -1.25 19.78
N SER B 45 29.50 -0.95 18.88
CA SER B 45 30.25 0.32 18.85
C SER B 45 29.47 1.49 18.22
N LEU B 46 28.32 1.20 17.61
CA LEU B 46 27.47 2.20 16.97
C LEU B 46 28.04 2.78 15.66
N THR B 47 28.92 2.02 15.02
CA THR B 47 29.31 2.33 13.62
C THR B 47 28.09 2.15 12.69
N ARG B 48 27.15 1.31 13.12
CA ARG B 48 25.87 1.11 12.46
C ARG B 48 24.78 1.17 13.52
N ASP B 49 23.66 1.74 13.14
CA ASP B 49 22.63 2.13 14.09
C ASP B 49 21.30 1.95 13.40
N LEU B 50 20.75 0.74 13.46
CA LEU B 50 19.59 0.35 12.59
C LEU B 50 19.77 0.93 11.17
N THR B 51 20.97 0.75 10.64
CA THR B 51 21.37 1.31 9.37
C THR B 51 20.82 0.39 8.29
N ARG B 52 20.22 0.99 7.25
CA ARG B 52 19.66 0.22 6.14
C ARG B 52 20.69 -0.13 5.06
N ASP B 53 20.60 -1.35 4.55
CA ASP B 53 21.42 -1.78 3.43
C ASP B 53 20.58 -2.77 2.60
N ALA B 54 21.11 -3.17 1.48
CA ALA B 54 20.44 -4.10 0.64
C ALA B 54 21.48 -4.83 -0.17
N VAL B 55 21.15 -6.06 -0.56
CA VAL B 55 21.97 -6.86 -1.48
C VAL B 55 20.99 -7.59 -2.41
N ASN B 56 21.53 -8.02 -3.53
CA ASN B 56 20.80 -8.82 -4.47
C ASN B 56 21.13 -10.28 -4.23
N PHE B 57 20.24 -11.15 -4.66
CA PHE B 57 20.55 -12.58 -4.72
C PHE B 57 21.80 -12.78 -5.59
N SER B 58 22.64 -13.73 -5.22
CA SER B 58 23.81 -14.10 -6.04
C SER B 58 23.77 -15.61 -6.37
N PRO B 59 24.65 -16.07 -7.31
CA PRO B 59 25.06 -17.50 -7.41
C PRO B 59 26.29 -17.80 -6.55
N THR B 67 27.35 -21.39 4.84
CA THR B 67 25.97 -21.34 4.41
C THR B 67 25.01 -21.71 5.54
N ILE B 68 23.97 -20.89 5.69
CA ILE B 68 22.82 -21.22 6.51
C ILE B 68 21.67 -21.45 5.56
N THR B 69 21.01 -22.59 5.69
CA THR B 69 19.87 -22.94 4.83
C THR B 69 18.63 -22.96 5.68
N LEU B 70 17.66 -22.16 5.29
CA LEU B 70 16.35 -22.14 5.91
C LEU B 70 15.56 -23.32 5.37
N ASN B 71 14.90 -24.06 6.26
CA ASN B 71 13.99 -25.15 5.89
C ASN B 71 12.55 -24.80 6.32
N PRO B 72 11.76 -24.18 5.43
CA PRO B 72 10.41 -23.73 5.79
C PRO B 72 9.40 -24.85 6.10
N ALA B 73 9.73 -26.09 5.74
CA ALA B 73 8.90 -27.24 6.08
C ALA B 73 9.06 -27.71 7.55
N GLU B 74 10.08 -27.23 8.26
CA GLU B 74 10.21 -27.60 9.64
C GLU B 74 9.80 -26.37 10.44
N GLN B 75 8.58 -26.39 10.96
CA GLN B 75 7.98 -25.20 11.59
C GLN B 75 7.92 -25.32 13.10
N TYR B 76 8.07 -24.21 13.79
CA TYR B 76 7.91 -24.17 15.23
C TYR B 76 6.71 -23.27 15.51
N GLN B 77 6.83 -22.34 16.47
CA GLN B 77 5.73 -21.52 16.92
C GLN B 77 5.44 -20.39 15.96
N THR B 78 4.24 -19.84 16.11
CA THR B 78 3.81 -18.66 15.42
C THR B 78 4.08 -17.43 16.31
N MET B 79 4.54 -16.36 15.68
CA MET B 79 4.92 -15.15 16.35
C MET B 79 3.76 -14.18 16.41
N ASP B 80 3.48 -13.68 17.62
CA ASP B 80 2.49 -12.63 17.86
C ASP B 80 3.03 -11.20 17.71
N GLY B 81 4.23 -10.92 18.21
CA GLY B 81 4.73 -9.56 18.11
C GLY B 81 5.83 -9.26 19.08
N PHE B 82 6.34 -8.03 18.99
CA PHE B 82 7.44 -7.64 19.83
C PHE B 82 7.26 -6.17 20.19
N GLY B 83 7.69 -5.79 21.39
CA GLY B 83 7.59 -4.39 21.75
C GLY B 83 8.04 -4.08 23.13
N ALA B 84 7.32 -3.17 23.76
CA ALA B 84 7.72 -2.56 25.02
C ALA B 84 6.52 -2.14 25.85
N ALA B 85 6.76 -1.74 27.10
CA ALA B 85 5.65 -1.35 27.99
C ALA B 85 5.35 0.15 27.83
N ILE B 86 4.06 0.49 27.73
CA ILE B 86 3.58 1.87 27.67
C ILE B 86 3.06 2.20 29.03
N THR B 87 3.99 2.61 29.89
CA THR B 87 3.69 2.88 31.28
C THR B 87 3.28 4.32 31.41
N GLY B 88 2.76 4.66 32.59
CA GLY B 88 2.49 6.08 32.90
C GLY B 88 3.65 7.01 32.63
N SER B 89 4.85 6.63 33.07
CA SER B 89 6.04 7.47 32.88
C SER B 89 6.40 7.64 31.46
N THR B 90 6.28 6.55 30.70
CA THR B 90 6.50 6.56 29.27
C THR B 90 5.55 7.61 28.65
N CYS B 91 4.29 7.56 29.01
CA CYS B 91 3.28 8.50 28.46
C CYS B 91 3.52 9.94 28.91
N TYR B 92 3.93 10.10 30.16
CA TYR B 92 4.33 11.40 30.70
C TYR B 92 5.41 12.06 29.85
N ASN B 93 6.45 11.31 29.58
CA ASN B 93 7.59 11.82 28.80
C ASN B 93 7.15 12.12 27.34
N LEU B 94 6.39 11.20 26.74
CA LEU B 94 5.90 11.43 25.36
C LEU B 94 5.02 12.67 25.24
N LEU B 95 4.16 12.93 26.22
CA LEU B 95 3.24 14.02 26.16
C LEU B 95 3.90 15.37 26.43
N LEU B 96 5.13 15.39 26.95
CA LEU B 96 5.88 16.63 27.08
C LEU B 96 6.69 16.98 25.84
N MET B 97 6.83 16.04 24.91
CA MET B 97 7.45 16.36 23.62
C MET B 97 6.53 17.29 22.84
N LYS B 98 7.12 18.03 21.91
CA LYS B 98 6.30 18.70 20.89
C LYS B 98 5.51 17.62 20.09
N PRO B 99 4.24 17.91 19.73
CA PRO B 99 3.41 16.91 19.05
C PRO B 99 4.04 16.19 17.85
N ALA B 100 4.61 16.95 16.92
CA ALA B 100 5.25 16.38 15.73
C ALA B 100 6.43 15.47 16.04
N ASP B 101 7.25 15.85 17.04
CA ASP B 101 8.39 15.05 17.47
C ASP B 101 7.93 13.75 18.09
N ARG B 102 6.88 13.79 18.90
CA ARG B 102 6.29 12.58 19.48
C ARG B 102 5.73 11.74 18.36
N HIS B 103 5.03 12.32 17.42
CA HIS B 103 4.44 11.52 16.35
C HIS B 103 5.50 10.85 15.49
N ALA B 104 6.58 11.53 15.20
CA ALA B 104 7.70 10.95 14.49
C ALA B 104 8.36 9.81 15.24
N PHE B 105 8.54 9.96 16.56
CA PHE B 105 9.13 8.88 17.33
C PHE B 105 8.19 7.66 17.37
N LEU B 106 6.89 7.91 17.53
CA LEU B 106 5.90 6.84 17.54
C LEU B 106 5.76 6.16 16.17
N THR B 107 5.86 6.93 15.10
CA THR B 107 5.90 6.41 13.76
C THR B 107 7.15 5.57 13.50
N GLU B 108 8.33 6.11 13.77
CA GLU B 108 9.55 5.32 13.64
C GLU B 108 9.47 4.02 14.43
N THR B 109 8.84 4.06 15.61
CA THR B 109 8.79 2.88 16.49
C THR B 109 7.73 1.87 16.06
N PHE B 110 6.51 2.31 15.82
CA PHE B 110 5.36 1.42 15.63
C PHE B 110 4.86 1.25 14.21
N SER B 111 5.29 2.08 13.28
CA SER B 111 4.76 1.96 11.92
C SER B 111 5.41 0.76 11.24
N ASP B 112 4.57 -0.09 10.65
CA ASP B 112 5.08 -1.18 9.82
C ASP B 112 5.75 -0.65 8.54
N LYS B 113 5.04 0.15 7.74
CA LYS B 113 5.63 0.52 6.48
C LYS B 113 6.63 1.66 6.62
N ASP B 114 6.50 2.55 7.60
CA ASP B 114 7.46 3.66 7.73
C ASP B 114 8.31 3.63 9.01
N GLY B 115 8.53 2.46 9.59
CA GLY B 115 9.32 2.40 10.81
C GLY B 115 9.65 0.97 11.15
N PHE B 116 9.98 0.72 12.43
CA PHE B 116 10.43 -0.61 12.82
C PHE B 116 9.33 -1.56 13.22
N GLY B 117 8.09 -1.11 13.20
CA GLY B 117 6.93 -2.01 13.30
C GLY B 117 6.70 -2.73 14.61
N PHE B 118 6.99 -2.06 15.75
CA PHE B 118 6.75 -2.67 17.05
C PHE B 118 5.29 -3.05 17.05
N SER B 119 4.99 -4.25 17.55
CA SER B 119 3.70 -4.93 17.31
C SER B 119 3.04 -5.52 18.56
N TYR B 120 3.70 -5.43 19.72
CA TYR B 120 3.14 -5.90 21.01
C TYR B 120 3.48 -4.88 22.08
N ILE B 121 2.49 -4.38 22.81
CA ILE B 121 2.74 -3.53 23.94
C ILE B 121 2.10 -4.09 25.19
N ARG B 122 2.62 -3.66 26.32
CA ARG B 122 2.17 -4.10 27.65
C ARG B 122 1.82 -2.88 28.47
N ILE B 123 0.69 -2.92 29.14
CA ILE B 123 0.23 -1.86 30.02
C ILE B 123 -0.27 -2.42 31.35
N SER B 124 -0.44 -1.55 32.34
CA SER B 124 -0.95 -1.96 33.66
C SER B 124 -2.48 -1.76 33.78
N ILE B 125 -3.12 -2.65 34.52
CA ILE B 125 -4.52 -2.54 34.94
C ILE B 125 -4.41 -1.83 36.30
N GLY B 126 -4.80 -0.57 36.36
CA GLY B 126 -4.43 0.27 37.49
C GLY B 126 -2.97 0.65 37.42
N CYS B 127 -2.39 0.98 38.57
CA CYS B 127 -1.02 1.47 38.60
C CYS B 127 0.02 0.38 38.33
N SER B 128 1.19 0.78 37.83
CA SER B 128 2.46 0.01 37.94
C SER B 128 3.49 0.79 38.76
N ASP B 129 4.72 0.29 38.90
CA ASP B 129 5.78 1.15 39.53
C ASP B 129 6.24 2.34 38.68
N PHE B 130 5.75 2.42 37.44
CA PHE B 130 6.04 3.55 36.56
C PHE B 130 4.71 4.19 36.18
N SER B 131 3.79 4.20 37.13
CA SER B 131 2.62 5.08 37.08
C SER B 131 3.01 6.36 37.80
N LEU B 132 2.12 7.33 37.78
CA LEU B 132 2.34 8.64 38.40
C LEU B 132 1.84 8.68 39.85
N SER B 133 1.11 7.63 40.27
CA SER B 133 0.70 7.45 41.65
C SER B 133 0.39 5.98 41.87
N GLU B 134 0.11 5.59 43.11
CA GLU B 134 -0.45 4.27 43.42
C GLU B 134 -1.96 4.42 43.39
N TYR B 135 -2.63 3.55 42.62
CA TYR B 135 -4.08 3.62 42.43
C TYR B 135 -4.55 2.38 41.74
N THR B 136 -5.84 2.08 41.90
CA THR B 136 -6.51 1.10 41.05
C THR B 136 -7.74 1.79 40.45
N CYS B 137 -8.49 1.02 39.63
CA CYS B 137 -9.71 1.51 39.02
C CYS B 137 -10.96 1.29 39.95
N CYS B 138 -10.77 0.87 41.20
CA CYS B 138 -11.90 0.76 42.18
C CYS B 138 -11.38 0.93 43.60
N ASP B 139 -10.80 2.11 43.88
CA ASP B 139 -10.25 2.37 45.21
C ASP B 139 -11.33 2.55 46.27
N THR B 140 -12.56 2.86 45.85
CA THR B 140 -13.68 2.93 46.79
C THR B 140 -14.37 1.59 46.83
N LYS B 141 -14.61 1.12 48.02
CA LYS B 141 -15.06 -0.23 48.25
C LYS B 141 -16.40 -0.47 47.59
N GLY B 142 -16.49 -1.60 46.91
CA GLY B 142 -17.65 -1.93 46.13
C GLY B 142 -17.28 -1.89 44.68
N ILE B 143 -17.38 -3.05 44.03
CA ILE B 143 -17.05 -3.18 42.60
C ILE B 143 -17.92 -2.28 41.73
N GLU B 144 -19.08 -1.91 42.26
CA GLU B 144 -19.96 -0.95 41.58
C GLU B 144 -19.30 0.43 41.42
N ASN B 145 -18.26 0.72 42.17
CA ASN B 145 -17.52 2.00 41.98
C ASN B 145 -16.48 2.01 40.83
N PHE B 146 -16.48 0.97 39.98
CA PHE B 146 -15.40 0.81 39.02
C PHE B 146 -15.35 1.96 38.05
N ALA B 147 -14.18 2.60 37.88
CA ALA B 147 -14.01 3.58 36.78
C ALA B 147 -12.55 3.71 36.36
N LEU B 148 -12.29 4.03 35.09
CA LEU B 148 -10.93 4.43 34.66
C LEU B 148 -10.61 5.76 35.29
N GLN B 149 -9.35 5.91 35.74
CA GLN B 149 -8.91 7.04 36.53
C GLN B 149 -8.17 8.08 35.67
N SER B 150 -7.65 9.11 36.32
CA SER B 150 -7.07 10.25 35.63
C SER B 150 -5.84 9.83 34.80
N GLU B 151 -5.03 8.89 35.30
CA GLU B 151 -3.82 8.50 34.54
C GLU B 151 -4.23 7.83 33.22
N GLU B 152 -5.29 7.02 33.24
CA GLU B 152 -5.80 6.40 32.02
C GLU B 152 -6.27 7.51 31.07
N LYS B 153 -7.08 8.42 31.59
CA LYS B 153 -7.67 9.45 30.71
C LYS B 153 -6.68 10.48 30.20
N ASP B 154 -5.73 10.87 31.04
CA ASP B 154 -4.82 11.98 30.68
C ASP B 154 -3.51 11.54 30.05
N TYR B 155 -3.14 10.27 30.20
CA TYR B 155 -1.83 9.78 29.78
C TYR B 155 -1.92 8.51 28.94
N ILE B 156 -2.44 7.43 29.50
CA ILE B 156 -2.42 6.13 28.82
C ILE B 156 -3.27 6.18 27.54
N LEU B 157 -4.55 6.61 27.63
CA LEU B 157 -5.46 6.53 26.50
C LEU B 157 -5.05 7.42 25.33
N PRO B 158 -4.70 8.69 25.60
CA PRO B 158 -4.27 9.49 24.44
C PRO B 158 -3.01 8.91 23.72
N ILE B 159 -2.06 8.33 24.45
CA ILE B 159 -0.92 7.71 23.79
C ILE B 159 -1.32 6.47 23.02
N LEU B 160 -2.10 5.58 23.62
CA LEU B 160 -2.55 4.39 22.92
C LEU B 160 -3.36 4.71 21.66
N LYS B 161 -4.14 5.79 21.69
CA LYS B 161 -4.90 6.18 20.48
C LYS B 161 -4.02 6.67 19.38
N GLU B 162 -2.96 7.40 19.71
CA GLU B 162 -1.96 7.80 18.70
C GLU B 162 -1.22 6.56 18.14
N ILE B 163 -0.83 5.63 19.03
CA ILE B 163 -0.17 4.40 18.58
C ILE B 163 -1.04 3.56 17.64
N LEU B 164 -2.32 3.40 17.98
CA LEU B 164 -3.29 2.68 17.14
C LEU B 164 -3.57 3.36 15.80
N ALA B 165 -3.52 4.68 15.74
CA ALA B 165 -3.55 5.38 14.45
C ALA B 165 -2.38 4.99 13.53
N ILE B 166 -1.20 4.75 14.10
CA ILE B 166 0.00 4.34 13.36
C ILE B 166 -0.03 2.85 13.06
N ASN B 167 -0.47 2.06 14.03
CA ASN B 167 -0.43 0.59 13.93
C ASN B 167 -1.74 0.05 14.51
N PRO B 168 -2.78 -0.03 13.65
CA PRO B 168 -4.11 -0.38 14.16
C PRO B 168 -4.23 -1.80 14.72
N SER B 169 -3.39 -2.72 14.26
CA SER B 169 -3.48 -4.12 14.68
C SER B 169 -2.55 -4.45 15.86
N ILE B 170 -2.00 -3.44 16.54
CA ILE B 170 -1.09 -3.72 17.63
C ILE B 170 -1.75 -4.57 18.74
N LYS B 171 -0.99 -5.52 19.26
CA LYS B 171 -1.45 -6.34 20.36
C LYS B 171 -1.14 -5.68 21.70
N VAL B 172 -2.10 -5.76 22.62
CA VAL B 172 -2.01 -5.18 23.95
C VAL B 172 -2.17 -6.28 25.00
N ILE B 173 -1.16 -6.42 25.88
CA ILE B 173 -1.24 -7.35 27.01
C ILE B 173 -1.21 -6.50 28.26
N ALA B 174 -1.97 -6.92 29.26
CA ALA B 174 -2.12 -6.18 30.50
C ALA B 174 -2.09 -7.09 31.71
N ALA B 175 -1.75 -6.47 32.83
CA ALA B 175 -1.68 -7.14 34.12
C ALA B 175 -1.90 -6.09 35.19
N PRO B 176 -2.53 -6.47 36.31
CA PRO B 176 -2.49 -5.60 37.48
C PRO B 176 -1.20 -5.77 38.26
N TRP B 177 -0.78 -4.71 38.92
CA TRP B 177 0.28 -4.77 39.95
C TRP B 177 -0.33 -5.00 41.33
N THR B 178 -1.55 -4.53 41.51
CA THR B 178 -2.30 -4.88 42.72
C THR B 178 -3.80 -4.83 42.49
N CYS B 179 -4.54 -5.67 43.20
CA CYS B 179 -5.99 -5.50 43.32
C CYS B 179 -6.32 -4.27 44.19
N PRO B 180 -7.59 -3.80 44.12
CA PRO B 180 -8.05 -2.82 45.12
C PRO B 180 -7.73 -3.32 46.51
N LYS B 181 -7.23 -2.44 47.37
CA LYS B 181 -6.65 -2.86 48.65
C LYS B 181 -7.71 -3.53 49.55
N TRP B 182 -8.97 -3.12 49.39
CA TRP B 182 -10.09 -3.71 50.15
C TRP B 182 -10.38 -5.14 49.74
N MET B 183 -9.86 -5.60 48.61
CA MET B 183 -9.95 -7.03 48.26
C MET B 183 -8.85 -7.88 48.86
N LYS B 184 -7.89 -7.28 49.55
CA LYS B 184 -6.78 -8.03 50.13
C LYS B 184 -7.05 -8.58 51.52
N VAL B 185 -6.30 -9.62 51.86
CA VAL B 185 -6.15 -10.10 53.21
C VAL B 185 -4.66 -10.16 53.52
N LYS B 186 -4.31 -10.14 54.82
CA LYS B 186 -2.90 -10.18 55.17
C LYS B 186 -2.30 -11.46 54.64
N SER B 187 -3.06 -12.55 54.77
CA SER B 187 -2.68 -13.83 54.18
C SER B 187 -3.88 -14.75 54.11
N LEU B 188 -3.71 -15.94 53.53
CA LEU B 188 -4.74 -16.98 53.60
C LEU B 188 -4.88 -17.63 54.99
N THR B 189 -3.85 -17.53 55.83
CA THR B 189 -3.89 -17.95 57.24
C THR B 189 -4.47 -16.85 58.16
N ASP B 190 -4.24 -15.58 57.83
CA ASP B 190 -4.74 -14.46 58.64
C ASP B 190 -5.64 -13.64 57.73
N ARG B 191 -6.87 -14.09 57.55
CA ARG B 191 -7.80 -13.48 56.60
C ARG B 191 -8.48 -12.24 57.13
N THR B 192 -7.67 -11.23 57.44
CA THR B 192 -8.16 -9.96 57.92
C THR B 192 -7.68 -8.87 56.96
N PRO B 193 -8.37 -7.72 56.92
CA PRO B 193 -8.04 -6.65 55.96
C PRO B 193 -6.56 -6.20 56.01
N LEU B 194 -6.05 -5.83 54.83
CA LEU B 194 -4.72 -5.20 54.71
C LEU B 194 -4.85 -3.98 53.83
N ASP B 195 -4.62 -2.81 54.43
CA ASP B 195 -4.60 -1.55 53.70
C ASP B 195 -3.18 -1.18 53.23
N SER B 196 -2.73 -1.86 52.17
CA SER B 196 -1.38 -1.66 51.61
C SER B 196 -1.45 -1.87 50.10
N TRP B 197 -0.82 -0.96 49.35
CA TRP B 197 -0.68 -1.13 47.89
C TRP B 197 0.23 -2.33 47.58
N THR B 198 1.03 -2.77 48.57
CA THR B 198 1.93 -3.89 48.37
C THR B 198 1.56 -5.07 49.27
N ASN B 199 1.97 -6.27 48.86
CA ASN B 199 1.88 -7.48 49.67
C ASN B 199 0.42 -7.91 49.75
N GLY B 200 0.14 -8.88 50.60
CA GLY B 200 -1.21 -9.43 50.73
C GLY B 200 -1.44 -10.60 49.80
N GLN B 201 -2.58 -11.25 50.01
CA GLN B 201 -3.12 -12.23 49.08
C GLN B 201 -4.53 -11.84 48.80
N LEU B 202 -5.05 -12.27 47.66
CA LEU B 202 -6.41 -11.90 47.25
C LEU B 202 -7.40 -12.65 48.14
N ASN B 203 -8.31 -11.91 48.79
CA ASN B 203 -9.38 -12.52 49.59
C ASN B 203 -10.23 -13.42 48.69
N PRO B 204 -10.28 -14.73 48.99
CA PRO B 204 -11.11 -15.63 48.17
C PRO B 204 -12.59 -15.24 48.06
N ASP B 205 -13.12 -14.54 49.05
CA ASP B 205 -14.49 -14.00 48.97
C ASP B 205 -14.67 -12.94 47.85
N TYR B 206 -13.56 -12.30 47.43
CA TYR B 206 -13.62 -11.37 46.31
C TYR B 206 -13.16 -11.89 44.94
N TYR B 207 -12.97 -13.20 44.77
CA TYR B 207 -12.63 -13.75 43.45
C TYR B 207 -13.61 -13.30 42.38
N GLN B 208 -14.92 -13.44 42.59
CA GLN B 208 -15.90 -13.04 41.55
C GLN B 208 -15.92 -11.51 41.30
N ASP B 209 -15.81 -10.69 42.36
CA ASP B 209 -15.75 -9.23 42.14
C ASP B 209 -14.46 -8.77 41.41
N TYR B 210 -13.35 -9.43 41.65
CA TYR B 210 -12.09 -9.04 41.04
C TYR B 210 -12.11 -9.49 39.60
N ALA B 211 -12.72 -10.63 39.34
CA ALA B 211 -12.95 -11.07 37.96
C ALA B 211 -13.82 -10.05 37.23
N THR B 212 -14.83 -9.52 37.91
CA THR B 212 -15.68 -8.47 37.31
C THR B 212 -14.88 -7.20 36.97
N TYR B 213 -13.97 -6.84 37.88
CA TYR B 213 -13.05 -5.74 37.74
C TYR B 213 -12.23 -5.90 36.46
N PHE B 214 -11.73 -7.14 36.18
CA PHE B 214 -11.05 -7.39 34.88
C PHE B 214 -11.98 -7.15 33.71
N VAL B 215 -13.20 -7.67 33.82
CA VAL B 215 -14.13 -7.61 32.69
C VAL B 215 -14.50 -6.19 32.41
N LYS B 216 -14.79 -5.43 33.48
CA LYS B 216 -15.13 -4.02 33.32
C LYS B 216 -13.98 -3.21 32.72
N TRP B 217 -12.76 -3.54 33.12
CA TRP B 217 -11.60 -2.83 32.64
C TRP B 217 -11.35 -3.08 31.18
N ILE B 218 -11.49 -4.33 30.77
CA ILE B 218 -11.35 -4.67 29.37
C ILE B 218 -12.45 -4.00 28.52
N GLN B 219 -13.68 -3.96 29.05
CA GLN B 219 -14.80 -3.33 28.34
C GLN B 219 -14.64 -1.78 28.26
N ALA B 220 -14.09 -1.18 29.31
CA ALA B 220 -13.85 0.26 29.31
C ALA B 220 -12.78 0.62 28.28
N PHE B 221 -11.73 -0.21 28.16
CA PHE B 221 -10.76 -0.05 27.08
C PHE B 221 -11.38 -0.21 25.67
N LYS B 222 -12.26 -1.19 25.53
CA LYS B 222 -12.93 -1.44 24.26
C LYS B 222 -13.81 -0.26 23.84
N ALA B 223 -14.47 0.38 24.81
CA ALA B 223 -15.26 1.56 24.54
C ALA B 223 -14.41 2.74 24.06
N GLU B 224 -13.12 2.77 24.44
CA GLU B 224 -12.18 3.77 23.92
C GLU B 224 -11.55 3.41 22.59
N GLY B 225 -11.94 2.27 21.99
CA GLY B 225 -11.35 1.76 20.75
C GLY B 225 -10.13 0.87 20.86
N ILE B 226 -9.82 0.37 22.06
CA ILE B 226 -8.64 -0.50 22.28
C ILE B 226 -9.06 -1.95 22.60
N ASP B 227 -8.62 -2.91 21.80
CA ASP B 227 -8.79 -4.33 22.09
C ASP B 227 -7.66 -4.81 23.00
N ILE B 228 -8.01 -5.46 24.08
CA ILE B 228 -7.02 -6.10 24.93
C ILE B 228 -6.88 -7.52 24.42
N TYR B 229 -5.69 -7.83 23.91
CA TYR B 229 -5.39 -9.11 23.34
C TYR B 229 -5.21 -10.20 24.41
N ALA B 230 -4.61 -9.83 25.54
CA ALA B 230 -4.31 -10.77 26.58
C ALA B 230 -4.18 -10.07 27.90
N VAL B 231 -4.38 -10.84 28.95
CA VAL B 231 -4.03 -10.43 30.30
C VAL B 231 -3.29 -11.53 31.05
N THR B 232 -2.58 -11.12 32.09
CA THR B 232 -2.22 -12.04 33.14
C THR B 232 -2.97 -11.65 34.40
N PRO B 233 -3.08 -12.59 35.34
CA PRO B 233 -3.87 -12.23 36.53
C PRO B 233 -3.19 -11.31 37.51
N GLN B 234 -1.86 -11.25 37.44
CA GLN B 234 -1.06 -10.46 38.37
C GLN B 234 0.40 -10.43 37.87
N ASN B 235 0.95 -9.22 37.86
CA ASN B 235 2.35 -9.02 37.62
C ASN B 235 3.17 -9.63 38.75
N GLU B 236 4.14 -10.46 38.40
CA GLU B 236 5.14 -10.96 39.37
C GLU B 236 4.48 -11.39 40.69
N PRO B 237 3.64 -12.45 40.61
CA PRO B 237 2.83 -12.85 41.73
C PRO B 237 3.60 -13.49 42.88
N LEU B 238 4.89 -13.74 42.72
CA LEU B 238 5.71 -14.16 43.85
C LEU B 238 6.46 -13.04 44.52
N ASN B 239 6.27 -11.81 44.06
CA ASN B 239 6.98 -10.66 44.62
C ASN B 239 6.06 -9.90 45.57
N ARG B 240 6.49 -9.76 46.85
CA ARG B 240 5.70 -9.02 47.87
C ARG B 240 6.01 -7.52 47.95
N GLY B 241 7.11 -7.11 47.32
CA GLY B 241 7.62 -5.74 47.45
C GLY B 241 7.10 -4.84 46.35
N ASN B 242 8.03 -4.13 45.70
CA ASN B 242 7.71 -3.15 44.68
C ASN B 242 6.93 -1.95 45.32
N SER B 243 6.44 -1.03 44.51
CA SER B 243 5.55 0.03 44.95
C SER B 243 4.11 -0.43 44.93
N ALA B 244 3.79 -1.43 44.14
CA ALA B 244 2.49 -2.08 44.14
C ALA B 244 2.70 -3.56 43.83
N SER B 245 2.01 -4.44 44.55
CA SER B 245 2.15 -5.88 44.44
C SER B 245 1.01 -6.64 45.11
N LEU B 246 0.90 -7.92 44.76
CA LEU B 246 -0.05 -8.85 45.35
C LEU B 246 0.57 -10.20 45.23
N TYR B 247 0.74 -10.89 46.36
CA TYR B 247 1.30 -12.23 46.38
C TYR B 247 0.24 -13.16 45.98
N MET B 248 0.52 -14.08 45.04
CA MET B 248 -0.47 -15.02 44.54
C MET B 248 0.24 -16.31 44.10
N GLU B 249 0.07 -17.35 44.89
CA GLU B 249 0.64 -18.66 44.57
C GLU B 249 -0.18 -19.35 43.50
N TRP B 250 0.41 -20.38 42.89
CA TRP B 250 -0.21 -21.05 41.76
C TRP B 250 -1.58 -21.64 42.11
N GLU B 251 -1.71 -22.10 43.35
CA GLU B 251 -2.98 -22.63 43.84
C GLU B 251 -4.11 -21.56 43.79
N GLU B 252 -3.78 -20.34 44.19
CA GLU B 252 -4.73 -19.23 44.13
C GLU B 252 -5.04 -18.82 42.69
N GLN B 253 -4.02 -18.79 41.83
CA GLN B 253 -4.23 -18.30 40.47
C GLN B 253 -5.09 -19.30 39.72
N ARG B 254 -4.79 -20.57 39.92
CA ARG B 254 -5.62 -21.67 39.45
C ARG B 254 -7.09 -21.48 39.87
N ASP B 255 -7.29 -21.25 41.16
CA ASP B 255 -8.68 -21.11 41.66
C ASP B 255 -9.39 -19.87 41.09
N PHE B 256 -8.66 -18.74 41.08
CA PHE B 256 -9.18 -17.49 40.59
C PHE B 256 -9.52 -17.62 39.16
N VAL B 257 -8.63 -18.24 38.37
CA VAL B 257 -8.88 -18.44 36.95
C VAL B 257 -10.05 -19.39 36.71
N LYS B 258 -10.04 -20.55 37.37
CA LYS B 258 -11.09 -21.56 37.06
C LYS B 258 -12.50 -21.21 37.56
N THR B 259 -12.60 -20.57 38.72
CA THR B 259 -13.91 -20.26 39.33
C THR B 259 -14.46 -18.89 38.97
N ALA B 260 -13.61 -17.95 38.53
CA ALA B 260 -14.01 -16.56 38.42
C ALA B 260 -13.58 -15.88 37.11
N LEU B 261 -12.28 -15.67 36.92
CA LEU B 261 -11.81 -14.88 35.80
C LEU B 261 -12.14 -15.53 34.49
N GLY B 262 -11.80 -16.81 34.35
CA GLY B 262 -12.07 -17.52 33.11
C GLY B 262 -13.53 -17.55 32.71
N PRO B 263 -14.40 -18.09 33.59
CA PRO B 263 -15.86 -18.11 33.32
C PRO B 263 -16.43 -16.71 33.03
N GLN B 264 -16.09 -15.70 33.85
CA GLN B 264 -16.58 -14.33 33.61
C GLN B 264 -16.16 -13.72 32.26
N MET B 265 -14.90 -13.89 31.88
CA MET B 265 -14.43 -13.38 30.60
C MET B 265 -15.17 -14.09 29.46
N LYS B 266 -15.35 -15.39 29.60
CA LYS B 266 -16.05 -16.16 28.58
C LYS B 266 -17.49 -15.66 28.45
N ALA B 267 -18.17 -15.52 29.59
CA ALA B 267 -19.58 -15.10 29.60
C ALA B 267 -19.75 -13.70 29.09
N ALA B 268 -18.74 -12.82 29.24
CA ALA B 268 -18.84 -11.50 28.64
C ALA B 268 -18.50 -11.47 27.17
N GLY B 269 -18.24 -12.62 26.55
CA GLY B 269 -17.91 -12.68 25.11
C GLY B 269 -16.51 -12.16 24.77
N LEU B 270 -15.56 -12.19 25.70
CA LEU B 270 -14.23 -11.64 25.43
C LEU B 270 -13.34 -12.65 24.72
N SER B 271 -12.58 -12.19 23.72
CA SER B 271 -11.63 -13.03 23.01
C SER B 271 -10.23 -12.92 23.68
N THR B 272 -10.12 -12.03 24.67
CA THR B 272 -8.89 -11.79 25.43
C THR B 272 -8.36 -13.08 25.99
N LYS B 273 -7.10 -13.37 25.72
CA LYS B 273 -6.45 -14.54 26.26
C LYS B 273 -5.96 -14.29 27.68
N ILE B 274 -5.68 -15.38 28.39
CA ILE B 274 -5.15 -15.35 29.73
C ILE B 274 -3.84 -16.12 29.75
N TYR B 275 -2.75 -15.46 30.16
CA TYR B 275 -1.50 -16.15 30.43
C TYR B 275 -1.23 -16.20 31.92
N ALA B 276 -0.66 -17.30 32.33
CA ALA B 276 -0.39 -17.58 33.71
C ALA B 276 1.01 -17.08 34.06
N PHE B 277 1.18 -16.88 35.38
CA PHE B 277 2.47 -16.70 36.03
C PHE B 277 2.99 -15.25 35.90
N ASP B 278 3.65 -14.89 34.81
CA ASP B 278 4.17 -13.52 34.60
C ASP B 278 5.27 -13.18 35.63
N HIS B 279 6.15 -14.14 35.85
CA HIS B 279 7.31 -13.93 36.73
C HIS B 279 8.53 -14.75 36.24
N ASN B 280 9.48 -15.03 37.14
CA ASN B 280 10.85 -15.42 36.76
C ASN B 280 10.99 -16.91 36.49
N TYR B 281 11.93 -17.22 35.60
CA TYR B 281 12.28 -18.59 35.21
C TYR B 281 12.58 -19.52 36.38
N ASN B 282 13.16 -18.98 37.45
CA ASN B 282 13.51 -19.79 38.63
C ASN B 282 12.41 -19.82 39.74
N TYR B 283 11.22 -19.22 39.51
CA TYR B 283 10.13 -19.23 40.48
C TYR B 283 10.56 -18.67 41.83
N ASP B 284 11.48 -17.70 41.76
CA ASP B 284 12.14 -17.03 42.89
C ASP B 284 12.74 -18.00 43.95
N ASN B 285 13.07 -19.22 43.50
CA ASN B 285 13.54 -20.36 44.35
C ASN B 285 12.62 -20.74 45.50
N ILE B 286 11.30 -20.57 45.28
CA ILE B 286 10.28 -20.94 46.26
C ILE B 286 9.84 -22.36 45.89
N GLU B 287 10.17 -23.30 46.77
CA GLU B 287 10.06 -24.69 46.42
C GLU B 287 8.66 -25.08 45.99
N SER B 288 7.65 -24.60 46.73
CA SER B 288 6.26 -24.97 46.44
C SER B 288 5.76 -24.38 45.12
N GLN B 289 6.39 -23.29 44.67
CA GLN B 289 5.99 -22.56 43.43
C GLN B 289 6.75 -22.96 42.16
N LYS B 290 7.62 -23.97 42.26
CA LYS B 290 8.35 -24.48 41.09
C LYS B 290 7.36 -25.01 40.08
N ASN B 291 7.66 -24.86 38.80
CA ASN B 291 6.73 -25.28 37.75
C ASN B 291 5.31 -24.64 37.90
N TYR B 292 5.26 -23.42 38.44
CA TYR B 292 4.01 -22.66 38.70
C TYR B 292 2.95 -22.82 37.63
N PRO B 293 3.25 -22.52 36.37
CA PRO B 293 2.14 -22.66 35.42
C PRO B 293 1.81 -24.10 35.08
N GLY B 294 2.80 -24.98 35.12
CA GLY B 294 2.56 -26.40 34.86
C GLY B 294 1.62 -27.03 35.89
N LYS B 295 1.81 -26.66 37.15
CA LYS B 295 0.90 -27.11 38.22
C LYS B 295 -0.51 -26.66 37.99
N ILE B 296 -0.70 -25.48 37.43
CA ILE B 296 -2.04 -24.99 37.11
C ILE B 296 -2.62 -25.79 35.94
N TYR B 297 -1.80 -26.03 34.92
CA TYR B 297 -2.24 -26.72 33.73
C TYR B 297 -2.75 -28.13 34.07
N GLU B 298 -2.19 -28.78 35.09
CA GLU B 298 -2.65 -30.12 35.47
C GLU B 298 -4.11 -30.15 35.99
N ASP B 299 -4.63 -29.03 36.49
CA ASP B 299 -6.06 -28.90 36.75
C ASP B 299 -6.75 -28.52 35.45
N ALA B 300 -7.45 -29.48 34.83
CA ALA B 300 -8.06 -29.29 33.51
C ALA B 300 -9.13 -28.17 33.48
N ALA B 301 -9.77 -27.91 34.62
CA ALA B 301 -10.78 -26.84 34.72
C ALA B 301 -10.15 -25.43 34.63
N ALA B 302 -8.99 -25.25 35.29
CA ALA B 302 -8.17 -24.05 35.12
C ALA B 302 -7.56 -23.93 33.71
N SER B 303 -6.92 -25.02 33.26
CA SER B 303 -6.20 -25.06 31.98
C SER B 303 -7.01 -24.67 30.73
N GLN B 304 -8.26 -25.06 30.67
CA GLN B 304 -9.11 -24.75 29.50
C GLN B 304 -9.23 -23.22 29.22
N TYR B 305 -8.97 -22.37 30.23
CA TYR B 305 -9.01 -20.90 30.10
C TYR B 305 -7.65 -20.25 29.77
N LEU B 306 -6.57 -21.03 29.86
CA LEU B 306 -5.19 -20.53 29.82
C LEU B 306 -4.50 -20.81 28.50
N ALA B 307 -4.21 -19.74 27.74
CA ALA B 307 -3.42 -19.83 26.52
C ALA B 307 -2.01 -20.35 26.79
N GLY B 308 -1.44 -20.00 27.94
CA GLY B 308 -0.08 -20.40 28.22
C GLY B 308 0.45 -19.64 29.38
N ALA B 309 1.74 -19.36 29.33
CA ALA B 309 2.45 -18.71 30.43
C ALA B 309 3.38 -17.59 29.95
N ALA B 310 3.45 -16.54 30.78
CA ALA B 310 4.32 -15.42 30.58
C ALA B 310 5.50 -15.49 31.56
N TYR B 311 6.70 -15.17 31.03
CA TYR B 311 7.94 -15.11 31.82
C TYR B 311 8.70 -13.79 31.76
N HIS B 312 9.40 -13.54 32.85
CA HIS B 312 10.35 -12.47 33.05
C HIS B 312 11.71 -13.15 33.27
N ASN B 313 12.78 -12.39 33.22
CA ASN B 313 14.11 -13.03 33.29
C ASN B 313 14.96 -12.49 34.43
N TYR B 314 14.34 -11.91 35.46
CA TYR B 314 15.12 -11.35 36.58
C TYR B 314 15.76 -12.44 37.49
N GLY B 315 15.38 -13.70 37.31
CA GLY B 315 15.99 -14.79 38.05
C GLY B 315 15.91 -16.02 37.20
N GLY B 316 16.89 -16.93 37.39
CA GLY B 316 16.92 -18.21 36.66
C GLY B 316 17.45 -18.10 35.25
N ASN B 317 17.24 -19.16 34.48
CA ASN B 317 17.86 -19.33 33.17
C ASN B 317 16.76 -19.60 32.17
N ARG B 318 16.85 -18.98 30.98
CA ARG B 318 15.88 -19.17 29.88
C ARG B 318 15.72 -20.63 29.42
N GLU B 319 16.65 -21.51 29.81
CA GLU B 319 16.42 -22.95 29.62
C GLU B 319 15.09 -23.41 30.18
N GLU B 320 14.64 -22.81 31.29
CA GLU B 320 13.30 -23.14 31.80
C GLU B 320 12.19 -23.10 30.74
N LEU B 321 12.28 -22.22 29.74
CA LEU B 321 11.28 -22.19 28.67
C LEU B 321 11.21 -23.51 27.89
N LEU B 322 12.36 -24.14 27.63
CA LEU B 322 12.40 -25.43 26.91
C LEU B 322 11.72 -26.53 27.71
N ASN B 323 11.99 -26.56 29.01
CA ASN B 323 11.38 -27.53 29.97
C ASN B 323 9.86 -27.44 29.96
N ILE B 324 9.33 -26.21 30.06
CA ILE B 324 7.86 -26.00 30.10
C ILE B 324 7.26 -26.39 28.75
N HIS B 325 7.95 -26.02 27.67
CA HIS B 325 7.45 -26.35 26.34
C HIS B 325 7.37 -27.86 26.16
N GLN B 326 8.44 -28.57 26.53
CA GLN B 326 8.47 -30.01 26.35
C GLN B 326 7.38 -30.69 27.19
N ALA B 327 7.15 -30.20 28.39
CA ALA B 327 6.06 -30.70 29.23
C ALA B 327 4.64 -30.37 28.71
N TYR B 328 4.44 -29.18 28.15
CA TYR B 328 3.08 -28.78 27.73
C TYR B 328 3.19 -28.08 26.37
N PRO B 329 3.40 -28.88 25.31
CA PRO B 329 3.71 -28.26 24.03
C PRO B 329 2.49 -27.61 23.36
N GLU B 330 1.28 -27.91 23.83
CA GLU B 330 0.07 -27.25 23.34
C GLU B 330 -0.17 -25.91 24.05
N LYS B 331 0.65 -25.59 25.04
CA LYS B 331 0.54 -24.32 25.73
C LYS B 331 1.57 -23.32 25.20
N GLU B 332 1.15 -22.06 25.16
CA GLU B 332 1.97 -20.96 24.64
C GLU B 332 2.97 -20.46 25.64
N LEU B 333 4.04 -19.86 25.12
CA LEU B 333 4.96 -19.11 25.94
C LEU B 333 5.10 -17.68 25.43
N LEU B 334 5.19 -16.74 26.36
CA LEU B 334 5.40 -15.33 26.05
C LEU B 334 6.45 -14.73 27.01
N PHE B 335 7.35 -13.90 26.46
CA PHE B 335 8.28 -13.18 27.26
C PHE B 335 7.83 -11.75 27.44
N THR B 336 7.55 -11.35 28.67
CA THR B 336 6.82 -10.11 28.90
C THR B 336 7.51 -8.99 29.67
N GLU B 337 8.68 -9.21 30.27
CA GLU B 337 9.39 -8.11 30.91
C GLU B 337 10.85 -8.40 31.19
N THR B 338 11.66 -7.39 30.91
CA THR B 338 13.04 -7.34 31.36
C THR B 338 13.44 -5.88 31.46
N SER B 339 14.51 -5.62 32.21
CA SER B 339 14.97 -4.27 32.48
C SER B 339 16.45 -4.04 32.27
N ILE B 340 16.77 -2.80 31.90
CA ILE B 340 18.15 -2.30 31.91
C ILE B 340 18.21 -1.11 32.82
N GLY B 341 19.39 -0.90 33.43
CA GLY B 341 19.56 0.17 34.40
C GLY B 341 21.01 0.31 34.88
N THR B 342 21.21 1.05 35.94
CA THR B 342 22.56 1.41 36.34
C THR B 342 23.35 0.14 36.68
N TRP B 343 22.70 -0.81 37.31
CA TRP B 343 23.33 -2.08 37.76
C TRP B 343 23.98 -2.89 36.65
N ASN B 344 23.52 -2.73 35.40
CA ASN B 344 24.07 -3.52 34.31
C ASN B 344 24.52 -2.68 33.11
N SER B 345 24.96 -1.46 33.40
CA SER B 345 25.48 -0.55 32.39
C SER B 345 24.53 -0.43 31.19
N GLY B 346 23.23 -0.30 31.48
CA GLY B 346 22.18 -0.27 30.46
C GLY B 346 22.33 0.74 29.34
N ARG B 347 22.98 1.87 29.64
CA ARG B 347 23.26 2.87 28.62
C ARG B 347 24.50 2.61 27.74
N ASP B 348 25.32 1.63 28.10
CA ASP B 348 26.51 1.28 27.30
C ASP B 348 26.21 0.13 26.36
N LEU B 349 25.90 0.48 25.11
CA LEU B 349 25.55 -0.52 24.12
C LEU B 349 26.63 -1.58 23.90
N SER B 350 27.90 -1.22 24.10
CA SER B 350 29.01 -2.19 23.91
C SER B 350 29.09 -3.27 24.99
N LYS B 351 28.49 -3.02 26.15
CA LYS B 351 28.30 -4.06 27.16
C LYS B 351 26.91 -4.76 27.08
N ARG B 352 25.92 -4.19 26.37
CA ARG B 352 24.52 -4.67 26.44
C ARG B 352 23.96 -5.32 25.17
N LEU B 353 24.37 -4.85 23.99
CA LEU B 353 23.68 -5.24 22.74
C LEU B 353 23.77 -6.72 22.46
N MET B 354 24.97 -7.28 22.56
CA MET B 354 25.17 -8.70 22.28
C MET B 354 24.45 -9.59 23.29
N GLU B 355 24.61 -9.27 24.57
CA GLU B 355 24.04 -10.07 25.64
C GLU B 355 22.51 -10.05 25.61
N ASP B 356 21.94 -8.87 25.45
CA ASP B 356 20.48 -8.70 25.42
C ASP B 356 19.91 -9.37 24.19
N MET B 357 20.57 -9.25 23.04
CA MET B 357 20.02 -9.88 21.82
C MET B 357 20.10 -11.37 21.97
N GLU B 358 21.15 -11.90 22.63
CA GLU B 358 21.29 -13.35 22.82
C GLU B 358 20.29 -13.87 23.83
N GLU B 359 20.20 -13.20 24.98
CA GLU B 359 19.40 -13.73 26.10
C GLU B 359 17.91 -13.39 26.07
N VAL B 360 17.59 -12.16 25.68
CA VAL B 360 16.21 -11.67 25.70
C VAL B 360 15.51 -11.93 24.37
N ALA B 361 16.20 -11.65 23.27
CA ALA B 361 15.54 -11.67 21.98
C ALA B 361 15.60 -13.05 21.35
N LEU B 362 16.74 -13.42 20.77
CA LEU B 362 16.82 -14.74 20.13
C LEU B 362 16.75 -15.88 21.15
N GLY B 363 17.27 -15.70 22.36
CA GLY B 363 17.31 -16.80 23.31
C GLY B 363 15.91 -17.24 23.78
N THR B 364 14.95 -16.30 23.82
CA THR B 364 13.57 -16.63 24.18
C THR B 364 12.82 -17.20 23.01
N ILE B 365 12.94 -16.55 21.85
CA ILE B 365 12.28 -17.04 20.63
C ILE B 365 12.72 -18.45 20.20
N ASN B 366 14.02 -18.71 20.28
CA ASN B 366 14.57 -20.04 19.98
C ASN B 366 14.22 -21.08 21.06
N ASN B 367 13.70 -20.61 22.19
CA ASN B 367 13.13 -21.45 23.24
C ASN B 367 11.60 -21.33 23.31
N TRP B 368 10.95 -21.02 22.17
CA TRP B 368 9.51 -21.16 21.92
C TRP B 368 8.59 -19.95 22.21
N CYS B 369 9.12 -18.87 22.75
CA CYS B 369 8.30 -17.70 23.00
C CYS B 369 7.77 -17.13 21.68
N LYS B 370 6.46 -16.84 21.70
CA LYS B 370 5.72 -16.23 20.60
C LYS B 370 5.89 -14.72 20.53
N GLY B 371 6.48 -14.11 21.54
CA GLY B 371 6.62 -12.66 21.58
C GLY B 371 7.61 -12.24 22.62
N VAL B 372 8.12 -11.02 22.50
CA VAL B 372 9.13 -10.50 23.40
C VAL B 372 8.76 -9.05 23.67
N ILE B 373 8.59 -8.73 24.95
CA ILE B 373 8.21 -7.39 25.34
C ILE B 373 9.16 -6.94 26.47
N VAL B 374 9.89 -5.88 26.21
CA VAL B 374 10.72 -5.21 27.25
C VAL B 374 9.88 -4.28 28.11
N TRP B 375 10.53 -3.72 29.14
CA TRP B 375 9.86 -2.83 30.08
C TRP B 375 9.67 -1.41 29.50
N ASN B 376 9.77 -0.34 30.29
CA ASN B 376 9.45 1.01 29.82
C ASN B 376 10.03 1.34 28.44
N LEU B 377 9.17 1.81 27.54
CA LEU B 377 9.65 2.27 26.23
C LEU B 377 10.52 3.52 26.35
N MET B 378 10.16 4.43 27.24
CA MET B 378 10.82 5.72 27.35
C MET B 378 10.86 6.20 28.79
N LEU B 379 12.06 6.48 29.28
CA LEU B 379 12.23 7.20 30.56
C LEU B 379 13.09 8.42 30.30
N ASP B 380 13.14 9.35 31.26
CA ASP B 380 14.00 10.52 31.07
C ASP B 380 15.42 10.21 31.56
N ASN B 381 16.33 11.16 31.34
CA ASN B 381 17.73 10.99 31.74
C ASN B 381 17.91 10.83 33.27
N ASP B 382 16.92 11.28 34.05
CA ASP B 382 16.83 10.98 35.49
C ASP B 382 16.08 9.70 35.85
N ARG B 383 16.00 8.72 34.94
CA ARG B 383 15.43 7.40 35.23
C ARG B 383 13.96 7.38 35.65
N GLY B 384 13.20 8.38 35.20
CA GLY B 384 11.84 8.59 35.66
C GLY B 384 10.87 9.23 34.65
N PRO B 385 9.72 9.73 35.11
CA PRO B 385 9.29 9.64 36.53
C PRO B 385 9.23 8.20 37.06
N ASN B 386 9.56 8.02 38.35
CA ASN B 386 9.55 6.72 38.97
C ASN B 386 8.89 6.83 40.35
N ARG B 387 8.74 5.70 41.04
CA ARG B 387 8.02 5.63 42.32
C ARG B 387 8.90 5.09 43.47
N GLU B 388 8.76 5.72 44.65
CA GLU B 388 9.33 5.20 45.89
C GLU B 388 8.90 3.75 46.04
N GLY B 389 9.86 2.86 46.17
CA GLY B 389 9.56 1.43 46.31
C GLY B 389 9.69 0.62 45.02
N GLY B 390 9.54 1.28 43.87
CA GLY B 390 9.68 0.60 42.60
C GLY B 390 11.11 0.73 42.13
N CYS B 391 11.35 0.34 40.88
CA CYS B 391 12.66 0.58 40.29
C CYS B 391 12.94 2.08 40.13
N GLN B 392 14.01 2.52 40.80
CA GLN B 392 14.50 3.88 40.69
C GLN B 392 15.88 3.96 40.04
N THR B 393 16.39 2.83 39.55
CA THR B 393 17.69 2.76 38.92
C THR B 393 17.59 2.22 37.48
N CYS B 394 16.41 2.38 36.86
CA CYS B 394 16.10 1.80 35.58
C CYS B 394 16.28 2.80 34.48
N TYR B 395 16.63 2.32 33.29
CA TYR B 395 16.62 3.17 32.08
C TYR B 395 15.51 2.71 31.18
N GLY B 396 15.20 3.55 30.19
CA GLY B 396 14.15 3.22 29.20
C GLY B 396 14.77 2.47 28.03
N ALA B 397 13.93 1.86 27.22
CA ALA B 397 14.40 1.30 25.97
C ALA B 397 14.99 2.44 25.14
N VAL B 398 14.40 3.64 25.27
CA VAL B 398 15.07 4.89 24.96
C VAL B 398 15.05 5.84 26.16
N ASP B 399 16.02 6.74 26.16
CA ASP B 399 16.09 7.81 27.15
C ASP B 399 15.84 9.14 26.47
N ILE B 400 14.97 9.94 27.07
CA ILE B 400 14.73 11.28 26.60
C ILE B 400 15.33 12.33 27.54
N ASN B 401 15.93 13.36 26.96
CA ASN B 401 16.47 14.45 27.71
C ASN B 401 15.32 15.35 28.26
N ASN B 402 15.26 15.48 29.58
CA ASN B 402 14.22 16.32 30.19
C ASN B 402 14.55 17.84 30.23
N SER B 403 15.64 18.29 29.60
CA SER B 403 15.83 19.72 29.33
C SER B 403 15.11 20.15 28.05
N ASP B 404 15.07 19.27 27.06
CA ASP B 404 14.47 19.66 25.79
C ASP B 404 13.25 18.84 25.35
N TYR B 405 13.05 17.65 25.95
CA TYR B 405 12.02 16.69 25.52
C TYR B 405 12.02 16.52 24.01
N LYS B 406 13.22 16.33 23.49
CA LYS B 406 13.49 16.24 22.06
C LYS B 406 14.62 15.29 21.74
N THR B 407 15.76 15.38 22.46
CA THR B 407 16.89 14.47 22.26
C THR B 407 16.59 13.12 22.87
N ILE B 408 16.65 12.10 22.03
CA ILE B 408 16.35 10.72 22.44
C ILE B 408 17.59 9.89 22.15
N ILE B 409 18.04 9.10 23.12
CA ILE B 409 19.11 8.13 22.88
C ILE B 409 18.54 6.72 23.00
N ARG B 410 18.76 5.91 21.99
CA ARG B 410 18.33 4.52 22.00
C ARG B 410 19.31 3.65 22.82
N ASN B 411 18.74 2.78 23.66
CA ASN B 411 19.49 1.78 24.44
C ASN B 411 19.21 0.42 23.86
N SER B 412 19.92 -0.59 24.39
CA SER B 412 19.93 -1.94 23.84
C SER B 412 18.56 -2.49 23.60
N HIS B 413 17.67 -2.31 24.55
CA HIS B 413 16.26 -2.78 24.38
C HIS B 413 15.56 -2.28 23.12
N TYR B 414 15.76 -1.04 22.74
CA TYR B 414 15.09 -0.54 21.54
C TYR B 414 15.59 -1.28 20.30
N TYR B 415 16.91 -1.52 20.28
CA TYR B 415 17.59 -2.20 19.17
C TYR B 415 17.17 -3.65 19.08
N ILE B 416 17.14 -4.35 20.22
CA ILE B 416 16.85 -5.80 20.16
C ILE B 416 15.42 -6.02 19.68
N ILE B 417 14.51 -5.15 20.08
CA ILE B 417 13.14 -5.24 19.60
C ILE B 417 12.99 -4.82 18.13
N ALA B 418 13.60 -3.71 17.73
CA ALA B 418 13.49 -3.26 16.35
C ALA B 418 14.06 -4.29 15.41
N HIS B 419 15.12 -4.97 15.82
CA HIS B 419 15.72 -5.99 14.93
C HIS B 419 14.83 -7.24 14.71
N LEU B 420 13.90 -7.50 15.63
CA LEU B 420 12.86 -8.53 15.47
C LEU B 420 11.67 -7.94 14.70
N SER B 421 11.13 -6.83 15.18
CA SER B 421 9.83 -6.33 14.69
C SER B 421 9.92 -5.77 13.28
N SER B 422 11.08 -5.23 12.91
CA SER B 422 11.32 -4.70 11.57
C SER B 422 11.09 -5.72 10.46
N VAL B 423 11.45 -6.99 10.71
CA VAL B 423 11.38 -8.02 9.68
C VAL B 423 10.43 -9.20 9.99
N VAL B 424 10.22 -9.51 11.27
CA VAL B 424 9.33 -10.58 11.69
C VAL B 424 7.97 -9.96 12.01
N LYS B 425 6.96 -10.24 11.17
CA LYS B 425 5.66 -9.62 11.30
C LYS B 425 4.71 -10.54 12.02
N PRO B 426 3.63 -9.97 12.60
CA PRO B 426 2.67 -10.83 13.28
C PRO B 426 2.19 -11.98 12.42
N GLY B 427 2.07 -13.16 13.00
CA GLY B 427 1.69 -14.35 12.26
C GLY B 427 2.84 -15.11 11.63
N ALA B 428 4.07 -14.61 11.72
CA ALA B 428 5.20 -15.34 11.17
C ALA B 428 5.41 -16.64 11.91
N VAL B 429 5.87 -17.66 11.18
CA VAL B 429 6.16 -18.95 11.71
C VAL B 429 7.65 -19.04 11.77
N ARG B 430 8.18 -19.36 12.95
CA ARG B 430 9.58 -19.63 13.11
C ARG B 430 9.88 -20.99 12.45
N ILE B 431 11.00 -21.05 11.71
CA ILE B 431 11.40 -22.23 10.91
C ILE B 431 12.84 -22.63 11.18
N ALA B 432 13.15 -23.87 10.88
CA ALA B 432 14.47 -24.40 11.17
C ALA B 432 15.48 -23.87 10.16
N THR B 433 16.73 -23.80 10.64
CA THR B 433 17.91 -23.54 9.85
C THR B 433 18.92 -24.70 10.02
N THR B 434 19.70 -24.98 8.97
CA THR B 434 20.78 -26.00 9.01
C THR B 434 22.06 -25.36 8.45
N GLY B 435 23.22 -25.83 8.91
CA GLY B 435 24.53 -25.50 8.28
C GLY B 435 25.59 -24.88 9.17
N TYR B 436 26.31 -23.88 8.64
CA TYR B 436 27.30 -23.01 9.36
C TYR B 436 26.97 -22.82 10.82
N THR B 437 27.83 -23.33 11.68
CA THR B 437 27.73 -23.06 13.10
C THR B 437 29.14 -22.95 13.64
N ASP B 438 29.68 -21.72 13.64
CA ASP B 438 30.90 -21.42 14.42
C ASP B 438 30.53 -20.49 15.57
N ASN B 439 31.46 -20.35 16.50
CA ASN B 439 31.18 -19.72 17.78
C ASN B 439 30.78 -18.24 17.66
N GLY B 440 29.91 -17.83 18.59
CA GLY B 440 29.41 -16.47 18.65
C GLY B 440 28.33 -16.17 17.63
N ILE B 441 27.96 -17.13 16.78
CA ILE B 441 26.86 -16.92 15.85
C ILE B 441 25.57 -17.57 16.40
N THR B 442 24.49 -16.77 16.43
CA THR B 442 23.16 -17.21 16.83
C THR B 442 22.21 -16.64 15.79
N CYS B 443 21.25 -17.42 15.33
CA CYS B 443 20.26 -16.88 14.40
C CYS B 443 18.87 -17.42 14.63
N SER B 444 17.89 -16.84 13.94
CA SER B 444 16.53 -17.33 13.89
C SER B 444 15.94 -16.91 12.57
N ALA B 445 15.19 -17.84 11.98
CA ALA B 445 14.58 -17.67 10.70
C ALA B 445 13.08 -17.84 10.81
N PHE B 446 12.35 -17.14 9.92
CA PHE B 446 10.91 -17.09 9.98
C PHE B 446 10.36 -16.99 8.58
N GLU B 447 9.14 -17.46 8.41
CA GLU B 447 8.39 -17.17 7.23
C GLU B 447 7.21 -16.33 7.60
N ASN B 448 7.09 -15.14 7.01
CA ASN B 448 5.94 -14.27 7.20
C ASN B 448 4.72 -14.65 6.36
N THR B 449 3.56 -14.10 6.74
CA THR B 449 2.32 -14.43 6.05
C THR B 449 2.20 -13.72 4.72
N ASP B 450 2.95 -12.64 4.52
CA ASP B 450 2.93 -11.86 3.25
C ASP B 450 3.81 -12.47 2.14
N GLY B 451 4.37 -13.65 2.34
CA GLY B 451 5.30 -14.23 1.35
C GLY B 451 6.73 -13.69 1.39
N THR B 452 7.22 -13.34 2.58
CA THR B 452 8.60 -12.92 2.77
C THR B 452 9.21 -13.79 3.84
N TYR B 453 10.50 -14.04 3.71
CA TYR B 453 11.30 -14.61 4.76
C TYR B 453 11.91 -13.53 5.62
N ALA B 454 12.19 -13.88 6.87
CA ALA B 454 12.97 -13.01 7.72
C ALA B 454 14.03 -13.82 8.39
N PHE B 455 15.16 -13.18 8.65
CA PHE B 455 16.32 -13.82 9.23
C PHE B 455 16.96 -12.77 10.15
N VAL B 456 17.34 -13.21 11.36
CA VAL B 456 17.91 -12.29 12.33
C VAL B 456 19.14 -12.97 12.84
N LEU B 457 20.28 -12.27 12.83
CA LEU B 457 21.57 -12.89 13.14
C LEU B 457 22.44 -12.06 14.07
N ILE B 458 23.03 -12.74 15.05
CA ILE B 458 24.00 -12.11 15.93
C ILE B 458 25.39 -12.64 15.58
N ASN B 459 26.33 -11.70 15.39
CA ASN B 459 27.71 -12.04 15.26
C ASN B 459 28.49 -11.54 16.49
N ASN B 460 28.56 -12.38 17.51
CA ASN B 460 29.19 -12.01 18.77
C ASN B 460 30.67 -12.35 18.73
N ASN B 461 31.36 -11.69 17.81
CA ASN B 461 32.79 -11.89 17.54
C ASN B 461 33.30 -10.57 17.08
N GLU B 462 34.56 -10.27 17.43
CA GLU B 462 35.19 -9.00 16.99
C GLU B 462 35.38 -8.94 15.49
N LYS B 463 35.50 -10.10 14.86
CA LYS B 463 35.80 -10.21 13.46
C LYS B 463 34.52 -10.28 12.62
N SER B 464 34.53 -9.58 11.51
CA SER B 464 33.57 -9.73 10.43
C SER B 464 33.47 -11.20 9.96
N LYS B 465 32.28 -11.63 9.51
CA LYS B 465 32.06 -12.99 8.99
C LYS B 465 31.27 -12.95 7.70
N LYS B 466 31.71 -13.74 6.74
CA LYS B 466 31.03 -13.84 5.45
C LYS B 466 29.99 -14.94 5.60
N ILE B 467 28.72 -14.57 5.41
CA ILE B 467 27.59 -15.49 5.57
C ILE B 467 26.92 -15.63 4.23
N THR B 468 26.58 -16.84 3.85
CA THR B 468 25.66 -17.08 2.73
C THR B 468 24.39 -17.67 3.31
N VAL B 469 23.24 -17.22 2.79
CA VAL B 469 21.96 -17.68 3.30
C VAL B 469 21.19 -18.17 2.12
N SER B 470 20.59 -19.35 2.27
CA SER B 470 19.79 -19.97 1.23
C SER B 470 18.40 -20.28 1.77
N ASP B 471 17.37 -20.05 0.96
CA ASP B 471 16.02 -20.50 1.31
C ASP B 471 15.57 -21.72 0.51
N GLY B 472 16.52 -22.42 -0.13
CA GLY B 472 16.20 -23.49 -1.09
C GLY B 472 15.81 -23.07 -2.50
N GLN B 473 15.55 -21.80 -2.76
CA GLN B 473 15.37 -21.33 -4.14
C GLN B 473 16.50 -20.35 -4.53
N ARG B 474 16.74 -19.32 -3.73
CA ARG B 474 17.72 -18.28 -4.03
C ARG B 474 18.66 -18.25 -2.88
N HIS B 475 19.80 -17.60 -3.08
CA HIS B 475 20.65 -17.32 -1.97
C HIS B 475 21.29 -15.94 -2.07
N PHE B 476 21.88 -15.50 -0.96
CA PHE B 476 22.57 -14.24 -0.94
C PHE B 476 23.71 -14.34 0.04
N ALA B 477 24.66 -13.43 -0.11
CA ALA B 477 25.81 -13.31 0.80
C ALA B 477 25.90 -11.89 1.37
N TYR B 478 26.51 -11.83 2.53
CA TYR B 478 26.72 -10.59 3.23
C TYR B 478 27.90 -10.74 4.12
N ASP B 479 28.72 -9.70 4.13
CA ASP B 479 29.80 -9.59 5.13
C ASP B 479 29.22 -8.94 6.38
N VAL B 480 29.12 -9.75 7.45
CA VAL B 480 28.37 -9.38 8.63
C VAL B 480 29.37 -8.79 9.59
N PRO B 481 29.19 -7.52 9.98
CA PRO B 481 30.22 -6.92 10.79
C PRO B 481 30.40 -7.55 12.13
N GLY B 482 31.58 -7.33 12.71
CA GLY B 482 31.86 -7.76 14.07
C GLY B 482 30.94 -7.11 15.12
N LYS B 483 30.55 -7.88 16.14
CA LYS B 483 29.74 -7.41 17.26
C LYS B 483 28.43 -6.78 16.80
N SER B 484 27.74 -7.44 15.88
CA SER B 484 26.55 -6.88 15.26
C SER B 484 25.31 -7.74 15.41
N VAL B 485 24.18 -7.07 15.20
CA VAL B 485 22.92 -7.71 14.96
C VAL B 485 22.53 -7.24 13.58
N THR B 486 22.14 -8.19 12.73
CA THR B 486 21.64 -7.92 11.37
C THR B 486 20.30 -8.59 11.18
N SER B 487 19.40 -7.92 10.47
CA SER B 487 18.10 -8.45 10.15
C SER B 487 17.87 -8.34 8.67
N TYR B 488 17.33 -9.40 8.09
CA TYR B 488 17.17 -9.50 6.66
C TYR B 488 15.72 -9.77 6.32
N ARG B 489 15.27 -9.27 5.18
CA ARG B 489 13.95 -9.58 4.72
C ARG B 489 13.92 -9.63 3.20
N TRP B 490 13.26 -10.66 2.67
CA TRP B 490 13.17 -10.90 1.23
C TRP B 490 11.99 -11.73 0.80
N ALA B 491 11.55 -11.52 -0.44
CA ALA B 491 10.37 -12.21 -0.98
C ALA B 491 10.74 -13.66 -1.28
N LYS B 492 9.85 -14.58 -0.96
CA LYS B 492 10.07 -15.99 -1.32
C LYS B 492 9.56 -16.13 -2.74
N SER B 493 10.37 -16.70 -3.62
CA SER B 493 9.99 -16.83 -5.03
C SER B 493 10.81 -17.93 -5.69
N LYS B 494 10.58 -18.10 -7.00
CA LYS B 494 11.48 -18.69 -8.00
C LYS B 494 10.95 -20.01 -8.57
N PRO C 33 -26.70 -27.96 -18.31
CA PRO C 33 -27.44 -26.91 -17.59
C PRO C 33 -27.60 -25.61 -18.40
N THR C 34 -28.74 -25.44 -19.07
CA THR C 34 -28.94 -24.40 -20.12
C THR C 34 -29.72 -23.15 -19.65
N GLY C 35 -29.70 -22.10 -20.48
CA GLY C 35 -30.19 -20.76 -20.11
C GLY C 35 -29.58 -19.62 -20.94
N ASP C 36 -29.85 -18.38 -20.55
CA ASP C 36 -29.29 -17.20 -21.23
C ASP C 36 -27.79 -16.99 -20.94
N VAL C 37 -27.44 -17.01 -19.65
CA VAL C 37 -26.07 -16.75 -19.17
C VAL C 37 -25.45 -18.11 -18.85
N ALA C 38 -24.36 -18.47 -19.54
CA ALA C 38 -23.56 -19.66 -19.15
C ALA C 38 -22.61 -19.23 -18.01
N ILE C 39 -22.46 -20.10 -17.02
CA ILE C 39 -21.66 -19.77 -15.86
C ILE C 39 -20.69 -20.94 -15.59
N TYR C 40 -19.45 -20.59 -15.20
CA TYR C 40 -18.47 -21.49 -14.63
C TYR C 40 -18.09 -20.96 -13.28
N THR C 41 -17.93 -21.86 -12.31
CA THR C 41 -17.58 -21.51 -10.97
C THR C 41 -16.56 -22.46 -10.41
N THR C 42 -15.58 -21.88 -9.71
CA THR C 42 -14.65 -22.62 -8.91
C THR C 42 -14.56 -21.95 -7.55
N THR C 43 -14.53 -22.75 -6.50
CA THR C 43 -14.29 -22.24 -5.16
C THR C 43 -12.97 -22.77 -4.65
N SER C 44 -12.35 -22.04 -3.74
CA SER C 44 -11.04 -22.44 -3.25
C SER C 44 -11.07 -23.71 -2.37
N SER C 45 -12.26 -24.05 -1.85
CA SER C 45 -12.45 -25.30 -1.14
C SER C 45 -12.79 -26.47 -2.09
N LEU C 46 -13.00 -26.20 -3.39
CA LEU C 46 -13.45 -27.19 -4.39
C LEU C 46 -14.84 -27.78 -4.20
N THR C 47 -15.74 -27.06 -3.58
CA THR C 47 -17.17 -27.41 -3.62
C THR C 47 -17.70 -27.14 -5.01
N ARG C 48 -16.96 -26.32 -5.77
CA ARG C 48 -17.24 -26.04 -7.18
C ARG C 48 -15.90 -26.10 -7.93
N ASP C 49 -15.90 -26.76 -9.08
CA ASP C 49 -14.66 -27.19 -9.76
C ASP C 49 -14.89 -26.99 -11.23
N LEU C 50 -14.67 -25.76 -11.70
CA LEU C 50 -15.19 -25.35 -13.02
C LEU C 50 -16.58 -25.92 -13.24
N THR C 51 -17.45 -25.77 -12.25
CA THR C 51 -18.80 -26.36 -12.33
C THR C 51 -19.66 -25.47 -13.23
N ARG C 52 -20.45 -26.07 -14.12
CA ARG C 52 -21.30 -25.30 -15.06
C ARG C 52 -22.66 -25.03 -14.44
N ASP C 53 -23.15 -23.81 -14.59
CA ASP C 53 -24.49 -23.39 -14.14
C ASP C 53 -25.07 -22.48 -15.23
N ALA C 54 -26.32 -22.08 -15.07
CA ALA C 54 -26.90 -21.02 -15.89
C ALA C 54 -28.06 -20.32 -15.19
N VAL C 55 -28.30 -19.07 -15.58
CA VAL C 55 -29.47 -18.30 -15.17
C VAL C 55 -30.05 -17.63 -16.41
N ASN C 56 -31.27 -17.10 -16.27
CA ASN C 56 -31.87 -16.25 -17.30
C ASN C 56 -31.87 -14.77 -16.87
N PHE C 57 -32.21 -13.88 -17.80
CA PHE C 57 -32.37 -12.45 -17.46
C PHE C 57 -33.65 -12.27 -16.63
N SER C 58 -33.78 -11.15 -15.89
CA SER C 58 -34.94 -10.88 -15.02
C SER C 58 -35.30 -9.37 -14.93
N PRO C 59 -36.49 -9.02 -14.38
CA PRO C 59 -36.72 -7.69 -13.75
C PRO C 59 -37.44 -7.72 -12.39
N THR C 67 -24.79 -3.84 -7.84
CA THR C 67 -24.98 -3.74 -9.29
C THR C 67 -23.71 -3.29 -10.03
N ILE C 68 -23.38 -4.05 -11.08
CA ILE C 68 -22.21 -3.79 -11.91
C ILE C 68 -22.75 -3.67 -13.32
N THR C 69 -22.40 -2.58 -13.99
CA THR C 69 -22.93 -2.29 -15.32
C THR C 69 -21.76 -2.17 -16.32
N LEU C 70 -21.80 -2.98 -17.37
CA LEU C 70 -20.77 -3.01 -18.38
C LEU C 70 -20.99 -1.85 -19.35
N ASN C 71 -19.94 -1.09 -19.66
CA ASN C 71 -20.01 0.00 -20.66
CA ASN C 71 -19.99 0.00 -20.63
C ASN C 71 -19.36 -0.46 -21.97
N PRO C 72 -20.16 -1.01 -22.92
CA PRO C 72 -19.57 -1.52 -24.18
C PRO C 72 -18.95 -0.46 -25.11
N ALA C 73 -19.36 0.80 -24.96
CA ALA C 73 -18.79 1.91 -25.71
C ALA C 73 -17.72 2.60 -24.88
N GLU C 74 -16.80 1.83 -24.29
CA GLU C 74 -15.61 2.40 -23.66
C GLU C 74 -14.48 1.35 -23.46
N GLN C 75 -13.64 1.26 -24.50
CA GLN C 75 -12.83 0.09 -24.79
C GLN C 75 -11.35 0.23 -24.40
N TYR C 76 -10.74 -0.90 -24.02
CA TYR C 76 -9.31 -0.98 -23.71
C TYR C 76 -8.65 -1.93 -24.72
N GLN C 77 -7.72 -2.81 -24.28
CA GLN C 77 -6.96 -3.66 -25.22
C GLN C 77 -7.82 -4.73 -25.85
N THR C 78 -7.37 -5.24 -26.98
CA THR C 78 -7.87 -6.49 -27.59
C THR C 78 -7.16 -7.71 -26.93
N MET C 79 -7.84 -8.85 -26.89
CA MET C 79 -7.34 -10.03 -26.16
C MET C 79 -6.94 -11.10 -27.14
N ASP C 80 -5.67 -11.49 -27.06
CA ASP C 80 -5.13 -12.49 -27.99
C ASP C 80 -5.40 -13.93 -27.54
N GLY C 81 -5.28 -14.20 -26.25
CA GLY C 81 -5.67 -15.48 -25.69
C GLY C 81 -4.94 -15.73 -24.40
N PHE C 82 -5.13 -16.96 -23.90
CA PHE C 82 -4.70 -17.34 -22.57
C PHE C 82 -4.30 -18.81 -22.64
N GLY C 83 -3.30 -19.18 -21.84
CA GLY C 83 -2.85 -20.57 -21.88
C GLY C 83 -1.68 -20.89 -21.02
N ALA C 84 -0.84 -21.79 -21.53
CA ALA C 84 0.20 -22.40 -20.75
C ALA C 84 1.35 -22.77 -21.63
N ALA C 85 2.46 -23.14 -20.99
CA ALA C 85 3.66 -23.59 -21.72
C ALA C 85 3.57 -25.09 -22.09
N ILE C 86 3.88 -25.42 -23.34
CA ILE C 86 4.03 -26.80 -23.80
C ILE C 86 5.51 -27.04 -23.90
N THR C 87 6.10 -27.46 -22.79
CA THR C 87 7.52 -27.78 -22.70
C THR C 87 7.76 -29.22 -23.11
N GLY C 88 9.04 -29.57 -23.27
CA GLY C 88 9.44 -30.98 -23.43
C GLY C 88 8.86 -31.89 -22.34
N SER C 89 8.90 -31.44 -21.08
CA SER C 89 8.41 -32.25 -19.97
C SER C 89 6.92 -32.45 -20.03
N THR C 90 6.19 -31.41 -20.36
CA THR C 90 4.76 -31.54 -20.61
C THR C 90 4.46 -32.60 -21.66
N CYS C 91 5.21 -32.59 -22.75
CA CYS C 91 4.96 -33.43 -23.91
C CYS C 91 5.26 -34.87 -23.58
N TYR C 92 6.35 -35.10 -22.87
CA TYR C 92 6.73 -36.40 -22.33
C TYR C 92 5.65 -37.05 -21.47
N ASN C 93 5.14 -36.28 -20.52
CA ASN C 93 4.06 -36.75 -19.68
C ASN C 93 2.79 -37.02 -20.48
N LEU C 94 2.45 -36.11 -21.38
CA LEU C 94 1.30 -36.33 -22.25
C LEU C 94 1.45 -37.60 -23.11
N LEU C 95 2.65 -37.82 -23.65
CA LEU C 95 2.92 -39.00 -24.48
C LEU C 95 2.99 -40.34 -23.75
N LEU C 96 3.20 -40.33 -22.44
CA LEU C 96 3.12 -41.54 -21.65
C LEU C 96 1.68 -41.96 -21.29
N MET C 97 0.70 -41.08 -21.52
CA MET C 97 -0.69 -41.43 -21.31
C MET C 97 -1.16 -42.32 -22.46
N LYS C 98 -2.21 -43.11 -22.23
CA LYS C 98 -2.88 -43.85 -23.31
C LYS C 98 -3.55 -42.83 -24.20
N PRO C 99 -3.61 -43.12 -25.51
CA PRO C 99 -4.11 -42.14 -26.51
C PRO C 99 -5.44 -41.51 -26.19
N ALA C 100 -6.43 -42.32 -25.82
CA ALA C 100 -7.76 -41.81 -25.49
C ALA C 100 -7.71 -40.83 -24.30
N ASP C 101 -6.89 -41.13 -23.31
CA ASP C 101 -6.80 -40.27 -22.10
C ASP C 101 -6.12 -38.91 -22.44
N ARG C 102 -5.05 -38.95 -23.21
CA ARG C 102 -4.41 -37.74 -23.72
C ARG C 102 -5.39 -36.91 -24.53
N HIS C 103 -6.16 -37.57 -25.39
CA HIS C 103 -7.09 -36.86 -26.26
C HIS C 103 -8.17 -36.16 -25.45
N ALA C 104 -8.69 -36.86 -24.45
CA ALA C 104 -9.69 -36.28 -23.53
C ALA C 104 -9.13 -35.03 -22.81
N PHE C 105 -7.94 -35.14 -22.23
CA PHE C 105 -7.32 -34.00 -21.56
C PHE C 105 -7.12 -32.81 -22.52
N LEU C 106 -6.56 -33.08 -23.68
CA LEU C 106 -6.27 -32.01 -24.65
C LEU C 106 -7.57 -31.43 -25.23
N THR C 107 -8.61 -32.26 -25.42
CA THR C 107 -9.94 -31.76 -25.74
C THR C 107 -10.52 -30.88 -24.63
N GLU C 108 -10.60 -31.38 -23.41
CA GLU C 108 -11.14 -30.60 -22.29
C GLU C 108 -10.42 -29.26 -22.16
N THR C 109 -9.12 -29.26 -22.45
CA THR C 109 -8.29 -28.09 -22.23
C THR C 109 -8.41 -27.04 -23.36
N PHE C 110 -8.25 -27.51 -24.59
CA PHE C 110 -8.05 -26.63 -25.76
C PHE C 110 -9.25 -26.51 -26.72
N SER C 111 -10.21 -27.44 -26.69
CA SER C 111 -11.42 -27.31 -27.53
C SER C 111 -12.29 -26.12 -27.06
N ASP C 112 -12.63 -25.25 -28.00
CA ASP C 112 -13.51 -24.10 -27.71
C ASP C 112 -14.94 -24.58 -27.41
N LYS C 113 -15.44 -25.49 -28.23
CA LYS C 113 -16.82 -25.93 -28.11
C LYS C 113 -17.00 -27.07 -27.10
N ASP C 114 -16.02 -27.96 -27.02
CA ASP C 114 -16.08 -29.11 -26.12
C ASP C 114 -15.21 -28.99 -24.88
N GLY C 115 -14.67 -27.80 -24.58
CA GLY C 115 -13.76 -27.65 -23.44
C GLY C 115 -13.56 -26.20 -23.03
N PHE C 116 -12.42 -25.91 -22.40
CA PHE C 116 -12.20 -24.59 -21.82
C PHE C 116 -11.57 -23.62 -22.84
N GLY C 117 -11.17 -24.12 -24.00
CA GLY C 117 -10.74 -23.28 -25.10
C GLY C 117 -9.45 -22.51 -24.85
N PHE C 118 -8.46 -23.13 -24.19
CA PHE C 118 -7.13 -22.47 -24.01
C PHE C 118 -6.65 -22.04 -25.40
N SER C 119 -6.11 -20.84 -25.49
CA SER C 119 -5.97 -20.15 -26.79
C SER C 119 -4.56 -19.58 -27.13
N TYR C 120 -3.61 -19.68 -26.19
CA TYR C 120 -2.27 -19.13 -26.37
C TYR C 120 -1.29 -20.06 -25.67
N ILE C 121 -0.36 -20.68 -26.39
CA ILE C 121 0.70 -21.51 -25.79
C ILE C 121 2.10 -20.92 -26.04
N ARG C 122 3.03 -21.26 -25.15
CA ARG C 122 4.39 -20.84 -25.20
C ARG C 122 5.30 -22.06 -25.27
N ILE C 123 6.32 -21.99 -26.11
CA ILE C 123 7.26 -23.09 -26.30
C ILE C 123 8.65 -22.48 -26.37
N SER C 124 9.65 -23.34 -26.22
CA SER C 124 11.00 -22.91 -26.27
C SER C 124 11.57 -23.10 -27.68
N ILE C 125 12.49 -22.21 -28.04
CA ILE C 125 13.32 -22.31 -29.25
C ILE C 125 14.57 -22.97 -28.75
N GLY C 126 14.71 -24.26 -29.07
CA GLY C 126 15.70 -25.10 -28.41
C GLY C 126 15.23 -25.41 -27.02
N CYS C 127 16.15 -25.76 -26.11
CA CYS C 127 15.76 -26.29 -24.83
C CYS C 127 15.19 -25.23 -23.91
N SER C 128 14.38 -25.68 -22.94
CA SER C 128 14.09 -24.86 -21.75
C SER C 128 14.63 -25.62 -20.55
N ASP C 129 14.39 -25.12 -19.35
CA ASP C 129 14.72 -25.94 -18.17
C ASP C 129 13.70 -27.06 -17.95
N PHE C 130 12.65 -27.12 -18.78
CA PHE C 130 11.76 -28.25 -18.84
C PHE C 130 11.82 -28.99 -20.16
N SER C 131 13.05 -29.23 -20.60
CA SER C 131 13.38 -30.09 -21.74
C SER C 131 14.00 -31.40 -21.22
N LEU C 132 14.23 -32.36 -22.11
CA LEU C 132 14.79 -33.64 -21.76
C LEU C 132 16.28 -33.62 -21.81
N SER C 133 16.86 -32.50 -22.27
CA SER C 133 18.31 -32.32 -22.26
C SER C 133 18.62 -30.86 -22.52
N GLU C 134 19.89 -30.47 -22.40
CA GLU C 134 20.33 -29.14 -22.89
C GLU C 134 20.68 -29.25 -24.39
N TYR C 135 20.06 -28.46 -25.25
CA TYR C 135 20.34 -28.57 -26.67
C TYR C 135 19.87 -27.26 -27.30
N THR C 136 20.41 -26.93 -28.48
CA THR C 136 19.82 -25.95 -29.39
C THR C 136 19.62 -26.59 -30.74
N CYS C 137 19.03 -25.82 -31.64
CA CYS C 137 18.83 -26.27 -33.00
C CYS C 137 20.05 -26.05 -33.92
N CYS C 138 21.20 -25.76 -33.38
CA CYS C 138 22.41 -25.62 -34.20
C CYS C 138 23.66 -25.73 -33.33
N ASP C 139 23.81 -26.91 -32.72
CA ASP C 139 24.91 -27.18 -31.75
C ASP C 139 26.27 -27.35 -32.44
N THR C 140 26.26 -27.64 -33.73
CA THR C 140 27.50 -27.76 -34.49
C THR C 140 27.78 -26.39 -35.05
N LYS C 141 28.97 -25.87 -34.80
CA LYS C 141 29.35 -24.53 -35.24
C LYS C 141 29.05 -24.28 -36.73
N GLY C 142 28.47 -23.11 -37.00
CA GLY C 142 28.04 -22.73 -38.31
C GLY C 142 26.57 -22.95 -38.51
N ILE C 143 25.90 -21.85 -38.82
CA ILE C 143 24.44 -21.76 -38.93
C ILE C 143 23.87 -22.58 -40.08
N GLU C 144 24.73 -22.97 -41.02
CA GLU C 144 24.36 -23.93 -42.09
C GLU C 144 23.98 -25.33 -41.56
N ASN C 145 24.37 -25.65 -40.31
CA ASN C 145 23.98 -26.90 -39.66
C ASN C 145 22.65 -26.86 -38.91
N PHE C 146 21.87 -25.78 -39.07
CA PHE C 146 20.56 -25.67 -38.44
C PHE C 146 19.67 -26.86 -38.73
N ALA C 147 19.13 -27.45 -37.66
CA ALA C 147 18.06 -28.43 -37.81
C ALA C 147 17.24 -28.56 -36.51
N LEU C 148 15.95 -28.77 -36.66
CA LEU C 148 15.12 -29.22 -35.55
C LEU C 148 15.70 -30.56 -35.03
N GLN C 149 15.71 -30.72 -33.71
CA GLN C 149 16.34 -31.83 -33.05
C GLN C 149 15.31 -32.86 -32.57
N SER C 150 15.75 -33.88 -31.86
CA SER C 150 14.85 -34.97 -31.48
C SER C 150 13.68 -34.52 -30.58
N GLU C 151 13.93 -33.58 -29.67
CA GLU C 151 12.87 -33.11 -28.81
C GLU C 151 11.71 -32.50 -29.62
N GLU C 152 12.03 -31.70 -30.63
CA GLU C 152 10.99 -31.09 -31.46
C GLU C 152 10.26 -32.18 -32.19
N LYS C 153 11.01 -33.04 -32.84
CA LYS C 153 10.45 -34.09 -33.70
C LYS C 153 9.66 -35.13 -32.94
N ASP C 154 10.16 -35.55 -31.78
CA ASP C 154 9.53 -36.64 -31.00
C ASP C 154 8.51 -36.21 -29.92
N TYR C 155 8.55 -34.95 -29.49
CA TYR C 155 7.78 -34.48 -28.32
C TYR C 155 6.97 -33.24 -28.67
N ILE C 156 7.62 -32.17 -29.09
CA ILE C 156 6.92 -30.90 -29.29
C ILE C 156 5.98 -30.93 -30.47
N LEU C 157 6.45 -31.37 -31.63
CA LEU C 157 5.59 -31.35 -32.84
C LEU C 157 4.42 -32.33 -32.77
N PRO C 158 4.66 -33.59 -32.40
CA PRO C 158 3.47 -34.45 -32.26
C PRO C 158 2.40 -33.91 -31.32
N ILE C 159 2.78 -33.26 -30.21
CA ILE C 159 1.77 -32.71 -29.30
C ILE C 159 1.11 -31.45 -29.85
N LEU C 160 1.92 -30.54 -30.41
CA LEU C 160 1.36 -29.33 -31.00
C LEU C 160 0.39 -29.64 -32.14
N LYS C 161 0.67 -30.67 -32.94
CA LYS C 161 -0.25 -31.04 -34.02
C LYS C 161 -1.53 -31.63 -33.46
N GLU C 162 -1.44 -32.40 -32.38
CA GLU C 162 -2.64 -32.93 -31.74
C GLU C 162 -3.50 -31.78 -31.22
N ILE C 163 -2.85 -30.77 -30.65
CA ILE C 163 -3.52 -29.61 -30.08
C ILE C 163 -4.13 -28.72 -31.17
N LEU C 164 -3.39 -28.56 -32.27
CA LEU C 164 -3.87 -27.82 -33.43
C LEU C 164 -5.08 -28.48 -34.09
N ALA C 165 -5.12 -29.81 -34.21
CA ALA C 165 -6.36 -30.44 -34.72
C ALA C 165 -7.57 -30.16 -33.79
N ILE C 166 -7.32 -30.00 -32.49
CA ILE C 166 -8.41 -29.66 -31.55
C ILE C 166 -8.80 -28.22 -31.66
N ASN C 167 -7.84 -27.32 -31.78
CA ASN C 167 -8.06 -25.88 -31.88
C ASN C 167 -7.09 -25.30 -32.94
N PRO C 168 -7.55 -25.22 -34.21
CA PRO C 168 -6.66 -24.75 -35.31
C PRO C 168 -6.16 -23.34 -35.18
N SER C 169 -6.89 -22.48 -34.50
CA SER C 169 -6.52 -21.08 -34.38
C SER C 169 -5.67 -20.76 -33.13
N ILE C 170 -5.05 -21.75 -32.49
CA ILE C 170 -4.26 -21.44 -31.30
C ILE C 170 -3.02 -20.58 -31.64
N LYS C 171 -2.72 -19.58 -30.79
CA LYS C 171 -1.53 -18.73 -30.92
C LYS C 171 -0.32 -19.36 -30.21
N VAL C 172 0.85 -19.20 -30.80
CA VAL C 172 2.07 -19.77 -30.25
C VAL C 172 3.12 -18.68 -30.09
N ILE C 173 3.65 -18.53 -28.89
CA ILE C 173 4.73 -17.60 -28.66
C ILE C 173 5.94 -18.44 -28.26
N ALA C 174 7.13 -18.04 -28.73
CA ALA C 174 8.34 -18.78 -28.43
C ALA C 174 9.49 -17.89 -28.04
N ALA C 175 10.44 -18.50 -27.36
CA ALA C 175 11.66 -17.84 -26.92
C ALA C 175 12.78 -18.84 -26.74
N PRO C 176 14.04 -18.48 -27.04
CA PRO C 176 15.18 -19.30 -26.66
C PRO C 176 15.51 -19.13 -25.21
N TRP C 177 15.98 -20.20 -24.61
CA TRP C 177 16.64 -20.12 -23.30
C TRP C 177 18.12 -19.80 -23.44
N THR C 178 18.71 -20.24 -24.56
CA THR C 178 20.10 -19.95 -24.91
C THR C 178 20.30 -19.95 -26.43
N CYS C 179 21.26 -19.17 -26.89
CA CYS C 179 21.76 -19.28 -28.23
C CYS C 179 22.69 -20.48 -28.28
N PRO C 180 23.00 -20.98 -29.48
CA PRO C 180 24.04 -22.01 -29.58
C PRO C 180 25.31 -21.56 -28.85
N LYS C 181 25.94 -22.47 -28.15
CA LYS C 181 27.02 -22.11 -27.25
C LYS C 181 28.17 -21.31 -27.91
N TRP C 182 28.45 -21.67 -29.16
CA TRP C 182 29.53 -21.05 -29.95
C TRP C 182 29.21 -19.61 -30.39
N MET C 183 27.94 -19.18 -30.25
CA MET C 183 27.59 -17.77 -30.42
C MET C 183 27.83 -16.92 -29.18
N LYS C 184 28.26 -17.53 -28.06
CA LYS C 184 28.49 -16.80 -26.84
C LYS C 184 29.90 -16.24 -26.70
N VAL C 185 29.99 -15.17 -25.93
CA VAL C 185 31.22 -14.69 -25.33
C VAL C 185 31.04 -14.63 -23.82
N LYS C 186 32.15 -14.65 -23.09
CA LYS C 186 32.11 -14.53 -21.60
C LYS C 186 31.39 -13.26 -21.15
N SER C 187 31.76 -12.13 -21.76
CA SER C 187 31.08 -10.85 -21.57
C SER C 187 31.44 -9.92 -22.75
N LEU C 188 30.81 -8.75 -22.81
CA LEU C 188 31.17 -7.77 -23.85
C LEU C 188 32.52 -7.12 -23.58
N THR C 189 32.97 -7.14 -22.32
CA THR C 189 34.34 -6.81 -21.92
C THR C 189 35.41 -7.86 -22.29
N ASP C 190 35.05 -9.13 -22.32
CA ASP C 190 35.99 -10.23 -22.51
C ASP C 190 35.43 -11.18 -23.59
N ARG C 191 35.72 -10.87 -24.85
CA ARG C 191 34.99 -11.49 -25.98
C ARG C 191 35.55 -12.85 -26.46
N THR C 192 36.03 -13.65 -25.51
CA THR C 192 36.54 -14.97 -25.78
C THR C 192 35.35 -15.93 -25.67
N PRO C 193 35.37 -17.05 -26.42
CA PRO C 193 34.25 -18.00 -26.37
C PRO C 193 33.86 -18.50 -24.96
N LEU C 194 32.59 -18.89 -24.76
CA LEU C 194 32.17 -19.47 -23.47
C LEU C 194 31.41 -20.73 -23.80
N ASP C 195 31.98 -21.87 -23.41
CA ASP C 195 31.41 -23.16 -23.77
C ASP C 195 30.34 -23.59 -22.72
N SER C 196 29.26 -22.85 -22.61
CA SER C 196 28.35 -23.02 -21.47
C SER C 196 26.90 -22.85 -21.89
N TRP C 197 26.05 -23.74 -21.40
CA TRP C 197 24.63 -23.66 -21.64
C TRP C 197 23.98 -22.47 -20.90
N THR C 198 24.58 -22.05 -19.82
CA THR C 198 24.16 -20.91 -19.03
C THR C 198 25.15 -19.72 -19.14
N ASN C 199 24.65 -18.54 -18.81
CA ASN C 199 25.47 -17.34 -18.69
C ASN C 199 26.08 -16.91 -20.04
N GLY C 200 27.01 -15.95 -20.01
CA GLY C 200 27.54 -15.37 -21.22
C GLY C 200 26.61 -14.34 -21.80
N GLN C 201 27.11 -13.69 -22.84
CA GLN C 201 26.38 -12.74 -23.67
C GLN C 201 26.57 -13.09 -25.12
N LEU C 202 25.66 -12.60 -25.95
CA LEU C 202 25.65 -12.94 -27.38
C LEU C 202 26.78 -12.20 -28.07
N ASN C 203 27.60 -12.94 -28.83
CA ASN C 203 28.69 -12.32 -29.61
C ASN C 203 28.06 -11.40 -30.64
N PRO C 204 28.38 -10.09 -30.62
CA PRO C 204 27.87 -9.20 -31.68
C PRO C 204 28.20 -9.60 -33.13
N ASP C 205 29.33 -10.28 -33.33
CA ASP C 205 29.66 -10.85 -34.65
C ASP C 205 28.65 -11.89 -35.11
N TYR C 206 27.91 -12.51 -34.17
CA TYR C 206 26.88 -13.47 -34.54
C TYR C 206 25.41 -12.99 -34.55
N TYR C 207 25.18 -11.68 -34.40
CA TYR C 207 23.82 -11.13 -34.48
C TYR C 207 23.13 -11.51 -35.76
N GLN C 208 23.79 -11.39 -36.93
CA GLN C 208 23.11 -11.78 -38.18
C GLN C 208 22.85 -13.28 -38.27
N ASP C 209 23.81 -14.12 -37.84
CA ASP C 209 23.60 -15.58 -37.87
C ASP C 209 22.49 -16.06 -36.88
N TYR C 210 22.40 -15.41 -35.73
CA TYR C 210 21.33 -15.72 -34.75
C TYR C 210 19.98 -15.27 -35.25
N ALA C 211 19.92 -14.12 -35.93
CA ALA C 211 18.70 -13.75 -36.60
C ALA C 211 18.28 -14.79 -37.60
N THR C 212 19.22 -15.29 -38.40
CA THR C 212 18.92 -16.38 -39.34
C THR C 212 18.43 -17.67 -38.63
N TYR C 213 19.04 -18.00 -37.51
CA TYR C 213 18.59 -19.10 -36.63
C TYR C 213 17.12 -18.97 -36.27
N PHE C 214 16.69 -17.79 -35.82
CA PHE C 214 15.27 -17.51 -35.57
C PHE C 214 14.40 -17.70 -36.82
N VAL C 215 14.87 -17.22 -37.97
CA VAL C 215 14.08 -17.27 -39.21
C VAL C 215 13.94 -18.72 -39.68
N LYS C 216 15.03 -19.49 -39.61
CA LYS C 216 15.01 -20.92 -40.01
C LYS C 216 14.14 -21.75 -39.05
N TRP C 217 14.19 -21.40 -37.76
CA TRP C 217 13.32 -22.06 -36.75
C TRP C 217 11.84 -21.83 -37.05
N ILE C 218 11.48 -20.56 -37.24
CA ILE C 218 10.11 -20.20 -37.57
C ILE C 218 9.65 -20.90 -38.86
N GLN C 219 10.55 -20.99 -39.81
CA GLN C 219 10.27 -21.59 -41.12
C GLN C 219 10.14 -23.10 -41.04
N ALA C 220 10.98 -23.71 -40.20
CA ALA C 220 10.87 -25.16 -39.92
C ALA C 220 9.53 -25.55 -39.31
N PHE C 221 9.07 -24.73 -38.35
CA PHE C 221 7.77 -24.96 -37.73
C PHE C 221 6.66 -24.75 -38.75
N LYS C 222 6.76 -23.68 -39.54
CA LYS C 222 5.78 -23.42 -40.60
C LYS C 222 5.66 -24.58 -41.57
N ALA C 223 6.79 -25.17 -41.96
CA ALA C 223 6.78 -26.36 -42.82
C ALA C 223 6.12 -27.61 -42.19
N GLU C 224 6.00 -27.64 -40.86
CA GLU C 224 5.27 -28.72 -40.15
C GLU C 224 3.80 -28.42 -39.91
N GLY C 225 3.29 -27.33 -40.49
CA GLY C 225 1.90 -26.89 -40.34
C GLY C 225 1.59 -25.98 -39.17
N ILE C 226 2.62 -25.42 -38.52
CA ILE C 226 2.46 -24.63 -37.29
C ILE C 226 2.96 -23.17 -37.44
N ASP C 227 2.08 -22.21 -37.17
CA ASP C 227 2.39 -20.80 -37.23
C ASP C 227 2.91 -20.26 -35.90
N ILE C 228 4.06 -19.60 -35.96
CA ILE C 228 4.54 -18.93 -34.78
C ILE C 228 4.01 -17.52 -34.85
N TYR C 229 3.17 -17.16 -33.87
CA TYR C 229 2.51 -15.88 -33.79
C TYR C 229 3.42 -14.81 -33.27
N ALA C 230 4.31 -15.15 -32.33
CA ALA C 230 5.23 -14.17 -31.77
C ALA C 230 6.48 -14.82 -31.23
N VAL C 231 7.53 -14.01 -31.07
CA VAL C 231 8.70 -14.43 -30.33
C VAL C 231 9.18 -13.34 -29.41
N THR C 232 9.99 -13.73 -28.45
CA THR C 232 10.86 -12.82 -27.77
C THR C 232 12.32 -13.17 -28.08
N PRO C 233 13.25 -12.22 -27.93
CA PRO C 233 14.63 -12.57 -28.31
C PRO C 233 15.39 -13.42 -27.32
N GLN C 234 14.91 -13.50 -26.08
CA GLN C 234 15.53 -14.32 -25.02
C GLN C 234 14.60 -14.44 -23.81
N ASN C 235 14.44 -15.64 -23.26
CA ASN C 235 13.76 -15.85 -22.02
C ASN C 235 14.59 -15.25 -20.91
N GLU C 236 13.92 -14.46 -20.04
CA GLU C 236 14.56 -13.96 -18.83
C GLU C 236 16.00 -13.48 -19.04
N PRO C 237 16.19 -12.45 -19.89
CA PRO C 237 17.54 -12.00 -20.26
C PRO C 237 18.42 -11.47 -19.16
N LEU C 238 17.89 -11.19 -17.98
CA LEU C 238 18.73 -10.83 -16.84
C LEU C 238 19.12 -11.98 -15.94
N ASN C 239 18.65 -13.19 -16.27
CA ASN C 239 19.03 -14.36 -15.54
C ASN C 239 20.28 -15.01 -16.18
N ARG C 240 21.35 -15.11 -15.39
CA ARG C 240 22.58 -15.84 -15.74
C ARG C 240 22.60 -17.33 -15.31
N GLY C 241 21.63 -17.78 -14.51
CA GLY C 241 21.64 -19.15 -13.97
C GLY C 241 20.73 -20.08 -14.74
N ASN C 242 19.85 -20.79 -14.04
CA ASN C 242 18.97 -21.77 -14.68
C ASN C 242 19.78 -22.97 -15.27
N SER C 243 19.16 -23.84 -16.03
CA SER C 243 19.88 -24.95 -16.69
C SER C 243 20.34 -24.51 -18.07
N ALA C 244 19.64 -23.51 -18.62
CA ALA C 244 19.99 -22.86 -19.89
C ALA C 244 19.68 -21.39 -19.75
N SER C 245 20.62 -20.53 -20.14
CA SER C 245 20.43 -19.08 -20.05
C SER C 245 21.40 -18.32 -20.97
N LEU C 246 21.05 -17.07 -21.20
CA LEU C 246 21.94 -16.11 -21.84
C LEU C 246 21.61 -14.72 -21.27
N TYR C 247 22.63 -14.04 -20.75
CA TYR C 247 22.47 -12.65 -20.24
C TYR C 247 22.43 -11.67 -21.42
N MET C 248 21.37 -10.89 -21.53
CA MET C 248 21.23 -9.93 -22.62
C MET C 248 20.66 -8.64 -22.05
N GLU C 249 21.50 -7.61 -21.91
CA GLU C 249 20.99 -6.31 -21.40
C GLU C 249 20.19 -5.63 -22.46
N TRP C 250 19.45 -4.58 -22.10
CA TRP C 250 18.53 -3.89 -23.06
C TRP C 250 19.26 -3.31 -24.27
N GLU C 251 20.49 -2.84 -24.03
CA GLU C 251 21.34 -2.23 -25.09
C GLU C 251 21.62 -3.26 -26.18
N GLU C 252 21.93 -4.47 -25.74
CA GLU C 252 22.18 -5.60 -26.65
C GLU C 252 20.93 -5.98 -27.40
N GLN C 253 19.81 -6.05 -26.67
CA GLN C 253 18.57 -6.46 -27.30
C GLN C 253 18.10 -5.43 -28.32
N ARG C 254 18.25 -4.14 -27.97
CA ARG C 254 18.01 -3.03 -28.92
C ARG C 254 18.79 -3.28 -30.24
N ASP C 255 20.09 -3.51 -30.09
CA ASP C 255 20.97 -3.70 -31.26
C ASP C 255 20.68 -4.95 -32.09
N PHE C 256 20.42 -6.05 -31.40
CA PHE C 256 20.12 -7.30 -32.06
C PHE C 256 18.82 -7.18 -32.82
N VAL C 257 17.83 -6.51 -32.24
CA VAL C 257 16.55 -6.39 -32.92
C VAL C 257 16.65 -5.48 -34.14
N LYS C 258 17.23 -4.30 -33.96
CA LYS C 258 17.24 -3.28 -35.03
C LYS C 258 18.22 -3.64 -36.17
N THR C 259 19.38 -4.18 -35.83
CA THR C 259 20.37 -4.56 -36.88
C THR C 259 20.18 -5.95 -37.50
N ALA C 260 19.44 -6.87 -36.88
CA ALA C 260 19.45 -8.28 -37.35
C ALA C 260 18.10 -8.98 -37.33
N LEU C 261 17.50 -9.09 -36.15
CA LEU C 261 16.27 -9.89 -36.01
C LEU C 261 15.08 -9.26 -36.76
N GLY C 262 14.78 -8.00 -36.48
CA GLY C 262 13.68 -7.29 -37.15
C GLY C 262 13.80 -7.30 -38.68
N PRO C 263 14.94 -6.78 -39.17
CA PRO C 263 15.24 -6.80 -40.62
C PRO C 263 15.12 -8.16 -41.25
N GLN C 264 15.74 -9.20 -40.65
CA GLN C 264 15.67 -10.52 -41.30
C GLN C 264 14.29 -11.17 -41.31
N MET C 265 13.56 -11.02 -40.21
CA MET C 265 12.17 -11.51 -40.12
C MET C 265 11.27 -10.79 -41.12
N LYS C 266 11.45 -9.48 -41.24
CA LYS C 266 10.73 -8.64 -42.23
C LYS C 266 11.06 -9.06 -43.66
N ALA C 267 12.34 -9.24 -43.94
CA ALA C 267 12.83 -9.73 -45.23
C ALA C 267 12.34 -11.13 -45.61
N ALA C 268 12.19 -12.02 -44.63
CA ALA C 268 11.66 -13.36 -44.90
C ALA C 268 10.13 -13.36 -45.05
N GLY C 269 9.48 -12.20 -44.88
CA GLY C 269 8.02 -12.07 -45.04
C GLY C 269 7.23 -12.80 -43.95
N LEU C 270 7.73 -12.69 -42.72
CA LEU C 270 7.12 -13.32 -41.56
C LEU C 270 6.20 -12.32 -40.89
N SER C 271 4.98 -12.74 -40.58
CA SER C 271 4.04 -11.94 -39.79
C SER C 271 4.30 -12.08 -38.26
N THR C 272 5.20 -12.99 -37.89
CA THR C 272 5.54 -13.21 -36.48
C THR C 272 5.90 -11.89 -35.83
N LYS C 273 5.32 -11.63 -34.65
CA LYS C 273 5.60 -10.41 -33.88
C LYS C 273 6.78 -10.60 -32.91
N ILE C 274 7.31 -9.49 -32.42
CA ILE C 274 8.41 -9.49 -31.50
C ILE C 274 8.05 -8.73 -30.25
N TYR C 275 8.29 -9.37 -29.11
CA TYR C 275 8.06 -8.72 -27.82
C TYR C 275 9.37 -8.64 -27.12
N ALA C 276 9.62 -7.53 -26.45
CA ALA C 276 10.86 -7.32 -25.73
C ALA C 276 10.78 -7.80 -24.29
N PHE C 277 11.96 -7.92 -23.71
CA PHE C 277 12.16 -8.14 -22.27
C PHE C 277 11.87 -9.57 -21.77
N ASP C 278 10.61 -9.93 -21.53
CA ASP C 278 10.27 -11.31 -21.10
C ASP C 278 10.98 -11.65 -19.77
N HIS C 279 10.95 -10.70 -18.84
CA HIS C 279 11.44 -10.97 -17.49
C HIS C 279 10.60 -10.21 -16.44
N ASN C 280 11.14 -9.96 -15.26
CA ASN C 280 10.32 -9.58 -14.10
C ASN C 280 10.01 -8.06 -13.99
N TYR C 281 8.93 -7.74 -13.30
CA TYR C 281 8.44 -6.34 -13.10
C TYR C 281 9.51 -5.41 -12.53
N ASN C 282 10.34 -5.91 -11.64
CA ASN C 282 11.40 -5.13 -11.01
C ASN C 282 12.78 -5.08 -11.73
N TYR C 283 12.91 -5.71 -12.90
CA TYR C 283 14.19 -5.77 -13.63
C TYR C 283 15.32 -6.28 -12.74
N ASP C 284 14.97 -7.23 -11.87
CA ASP C 284 15.86 -7.86 -10.92
C ASP C 284 16.73 -6.88 -10.09
N ASN C 285 16.21 -5.66 -9.83
CA ASN C 285 16.92 -4.63 -9.05
C ASN C 285 18.34 -4.37 -9.54
N ILE C 286 18.47 -4.31 -10.87
CA ILE C 286 19.73 -4.02 -11.52
C ILE C 286 19.50 -2.61 -12.05
N GLU C 287 20.24 -1.63 -11.49
CA GLU C 287 19.96 -0.19 -11.79
C GLU C 287 19.92 0.09 -13.28
N SER C 288 20.99 -0.27 -13.98
CA SER C 288 21.13 -0.04 -15.42
C SER C 288 20.02 -0.61 -16.30
N GLN C 289 19.29 -1.62 -15.80
CA GLN C 289 18.29 -2.31 -16.61
C GLN C 289 16.86 -1.93 -16.29
N LYS C 290 16.66 -1.05 -15.31
CA LYS C 290 15.31 -0.53 -15.05
C LYS C 290 14.72 0.05 -16.32
N ASN C 291 13.41 -0.07 -16.45
CA ASN C 291 12.71 0.33 -17.65
C ASN C 291 13.27 -0.30 -18.94
N TYR C 292 13.81 -1.53 -18.81
CA TYR C 292 14.34 -2.31 -19.94
C TYR C 292 13.61 -2.12 -21.30
N PRO C 293 12.31 -2.45 -21.40
CA PRO C 293 11.71 -2.30 -22.74
C PRO C 293 11.47 -0.83 -23.17
N GLY C 294 11.18 0.05 -22.22
CA GLY C 294 11.00 1.48 -22.52
C GLY C 294 12.28 2.09 -23.08
N LYS C 295 13.42 1.78 -22.45
CA LYS C 295 14.72 2.19 -22.98
C LYS C 295 14.97 1.73 -24.42
N ILE C 296 14.52 0.53 -24.80
CA ILE C 296 14.61 0.07 -26.20
C ILE C 296 13.63 0.84 -27.12
N TYR C 297 12.45 1.18 -26.60
CA TYR C 297 11.45 1.91 -27.38
C TYR C 297 11.90 3.34 -27.76
N GLU C 298 12.74 3.96 -26.96
CA GLU C 298 13.32 5.30 -27.26
C GLU C 298 14.28 5.34 -28.48
N ASP C 299 14.79 4.17 -28.90
CA ASP C 299 15.49 4.02 -30.20
C ASP C 299 14.47 3.62 -31.24
N ALA C 300 14.12 4.54 -32.16
CA ALA C 300 13.05 4.33 -33.16
C ALA C 300 13.32 3.20 -34.13
N ALA C 301 14.60 2.96 -34.40
CA ALA C 301 14.99 1.93 -35.36
C ALA C 301 14.71 0.51 -34.81
N ALA C 302 14.87 0.33 -33.49
CA ALA C 302 14.53 -0.95 -32.82
C ALA C 302 13.02 -1.04 -32.61
N SER C 303 12.44 0.07 -32.15
CA SER C 303 11.01 0.19 -31.81
C SER C 303 10.05 -0.24 -32.93
N GLN C 304 10.37 0.11 -34.17
CA GLN C 304 9.51 -0.25 -35.31
C GLN C 304 9.37 -1.78 -35.52
N TYR C 305 10.21 -2.57 -34.86
CA TYR C 305 10.14 -4.03 -34.96
C TYR C 305 9.36 -4.72 -33.83
N LEU C 306 9.07 -3.97 -32.76
CA LEU C 306 8.60 -4.50 -31.49
C LEU C 306 7.13 -4.18 -31.25
N ALA C 307 6.30 -5.22 -31.19
CA ALA C 307 4.88 -5.05 -30.86
C ALA C 307 4.67 -4.50 -29.48
N GLY C 308 5.56 -4.87 -28.55
CA GLY C 308 5.37 -4.60 -27.18
C GLY C 308 6.40 -5.27 -26.29
N ALA C 309 6.02 -5.47 -25.04
CA ALA C 309 6.87 -6.07 -24.02
C ALA C 309 6.14 -7.27 -23.35
N ALA C 310 6.94 -8.23 -22.89
CA ALA C 310 6.47 -9.40 -22.19
C ALA C 310 7.03 -9.38 -20.79
N TYR C 311 6.17 -9.72 -19.81
CA TYR C 311 6.58 -9.76 -18.43
C TYR C 311 6.26 -11.10 -17.76
N HIS C 312 7.09 -11.39 -16.75
CA HIS C 312 6.91 -12.45 -15.76
C HIS C 312 6.76 -11.76 -14.40
N ASN C 313 6.29 -12.49 -13.39
CA ASN C 313 6.05 -11.85 -12.07
C ASN C 313 6.87 -12.41 -10.95
N TYR C 314 8.07 -12.89 -11.21
CA TYR C 314 8.86 -13.52 -10.12
C TYR C 314 9.55 -12.51 -9.22
N GLY C 315 9.54 -11.25 -9.63
CA GLY C 315 9.99 -10.15 -8.79
C GLY C 315 9.21 -8.88 -9.11
N GLY C 316 9.14 -8.00 -8.13
CA GLY C 316 8.47 -6.72 -8.26
C GLY C 316 6.97 -6.80 -8.19
N ASN C 317 6.34 -5.74 -8.67
CA ASN C 317 4.92 -5.52 -8.50
C ASN C 317 4.29 -5.31 -9.86
N ARG C 318 3.12 -5.88 -10.10
CA ARG C 318 2.41 -5.69 -11.37
C ARG C 318 1.90 -4.28 -11.73
N GLU C 319 1.94 -3.34 -10.77
CA GLU C 319 1.72 -1.91 -11.11
C GLU C 319 2.66 -1.42 -12.24
N GLU C 320 3.87 -1.99 -12.33
CA GLU C 320 4.84 -1.63 -13.39
C GLU C 320 4.27 -1.74 -14.78
N LEU C 321 3.31 -2.63 -14.98
CA LEU C 321 2.57 -2.71 -16.22
C LEU C 321 1.82 -1.45 -16.54
N LEU C 322 1.20 -0.85 -15.51
CA LEU C 322 0.53 0.43 -15.68
C LEU C 322 1.54 1.53 -16.05
N ASN C 323 2.66 1.57 -15.32
CA ASN C 323 3.76 2.54 -15.58
C ASN C 323 4.20 2.53 -17.02
N ILE C 324 4.54 1.34 -17.51
CA ILE C 324 4.92 1.12 -18.91
C ILE C 324 3.82 1.39 -19.93
N HIS C 325 2.57 1.03 -19.67
CA HIS C 325 1.49 1.35 -20.61
C HIS C 325 1.23 2.87 -20.69
N GLN C 326 1.35 3.55 -19.55
CA GLN C 326 1.06 4.98 -19.46
C GLN C 326 2.16 5.73 -20.22
N ALA C 327 3.43 5.42 -19.91
CA ALA C 327 4.58 5.94 -20.68
C ALA C 327 4.60 5.58 -22.17
N TYR C 328 4.10 4.40 -22.58
CA TYR C 328 4.16 3.94 -24.01
C TYR C 328 2.88 3.25 -24.46
N PRO C 329 1.77 4.00 -24.56
CA PRO C 329 0.45 3.42 -24.90
C PRO C 329 0.30 2.83 -26.30
N GLU C 330 1.28 3.00 -27.18
CA GLU C 330 1.30 2.38 -28.51
C GLU C 330 1.71 0.90 -28.46
N LYS C 331 2.47 0.58 -27.43
CA LYS C 331 3.14 -0.71 -27.31
C LYS C 331 2.29 -1.67 -26.48
N GLU C 332 2.20 -2.90 -26.98
CA GLU C 332 1.40 -3.94 -26.35
C GLU C 332 2.10 -4.51 -25.10
N LEU C 333 1.28 -5.18 -24.28
CA LEU C 333 1.76 -5.92 -23.14
C LEU C 333 1.23 -7.37 -23.21
N LEU C 334 2.08 -8.29 -22.75
CA LEU C 334 1.76 -9.71 -22.68
C LEU C 334 2.36 -10.28 -21.39
N PHE C 335 1.56 -11.04 -20.63
CA PHE C 335 2.07 -11.74 -19.46
C PHE C 335 2.37 -13.18 -19.91
N THR C 336 3.63 -13.56 -19.85
CA THR C 336 4.10 -14.78 -20.49
C THR C 336 4.59 -15.90 -19.56
N GLU C 337 4.82 -15.67 -18.28
CA GLU C 337 5.19 -16.76 -17.39
C GLU C 337 4.96 -16.47 -15.91
N THR C 338 4.43 -17.46 -15.20
CA THR C 338 4.47 -17.50 -13.73
C THR C 338 4.45 -18.96 -13.32
N SER C 339 4.89 -19.25 -12.09
CA SER C 339 5.00 -20.62 -11.61
C SER C 339 4.36 -20.82 -10.27
N ILE C 340 3.93 -22.06 -10.02
CA ILE C 340 3.56 -22.51 -8.69
C ILE C 340 4.50 -23.64 -8.36
N GLY C 341 4.80 -23.80 -7.06
CA GLY C 341 5.73 -24.82 -6.65
C GLY C 341 5.76 -24.96 -5.16
N THR C 342 6.81 -25.60 -4.65
CA THR C 342 6.87 -25.88 -3.22
C THR C 342 7.05 -24.59 -2.43
N TRP C 343 7.75 -23.62 -2.99
CA TRP C 343 7.96 -22.32 -2.34
C TRP C 343 6.65 -21.57 -2.02
N ASN C 344 5.57 -21.74 -2.81
CA ASN C 344 4.33 -20.99 -2.57
C ASN C 344 3.09 -21.87 -2.41
N SER C 345 3.28 -23.04 -1.80
CA SER C 345 2.17 -23.99 -1.52
C SER C 345 1.31 -24.25 -2.78
N GLY C 346 1.98 -24.53 -3.90
CA GLY C 346 1.32 -24.55 -5.20
C GLY C 346 0.21 -25.57 -5.41
N ARG C 347 0.17 -26.62 -4.57
CA ARG C 347 -0.90 -27.59 -4.64
C ARG C 347 -2.04 -27.32 -3.67
N ASP C 348 -1.90 -26.31 -2.84
CA ASP C 348 -2.95 -25.91 -1.92
C ASP C 348 -3.84 -24.82 -2.58
N LEU C 349 -4.99 -25.25 -3.07
CA LEU C 349 -5.89 -24.36 -3.77
C LEU C 349 -6.51 -23.29 -2.83
N SER C 350 -6.63 -23.60 -1.54
CA SER C 350 -7.13 -22.64 -0.56
C SER C 350 -6.10 -21.52 -0.30
N LYS C 351 -4.82 -21.78 -0.57
CA LYS C 351 -3.82 -20.72 -0.55
C LYS C 351 -3.59 -20.03 -1.88
N ARG C 352 -3.95 -20.64 -3.01
CA ARG C 352 -3.48 -20.21 -4.33
C ARG C 352 -4.52 -19.59 -5.23
N LEU C 353 -5.75 -20.08 -5.19
CA LEU C 353 -6.69 -19.72 -6.25
C LEU C 353 -6.95 -18.20 -6.26
N MET C 354 -7.24 -17.63 -5.09
CA MET C 354 -7.67 -16.24 -5.00
C MET C 354 -6.50 -15.33 -5.38
N GLU C 355 -5.35 -15.54 -4.72
CA GLU C 355 -4.15 -14.76 -5.03
C GLU C 355 -3.76 -14.88 -6.51
N ASP C 356 -3.77 -16.10 -7.05
CA ASP C 356 -3.42 -16.26 -8.47
C ASP C 356 -4.43 -15.61 -9.38
N MET C 357 -5.71 -15.68 -9.06
CA MET C 357 -6.66 -15.02 -9.95
C MET C 357 -6.58 -13.49 -9.88
N GLU C 358 -6.24 -12.96 -8.71
CA GLU C 358 -6.04 -11.52 -8.56
C GLU C 358 -4.73 -11.02 -9.19
N GLU C 359 -3.61 -11.63 -8.83
CA GLU C 359 -2.29 -11.16 -9.32
C GLU C 359 -1.95 -11.52 -10.77
N VAL C 360 -2.26 -12.76 -11.16
CA VAL C 360 -1.86 -13.29 -12.48
C VAL C 360 -2.91 -13.06 -13.54
N ALA C 361 -4.18 -13.30 -13.24
CA ALA C 361 -5.20 -13.33 -14.29
C ALA C 361 -5.80 -11.94 -14.50
N LEU C 362 -6.67 -11.50 -13.59
CA LEU C 362 -7.33 -10.18 -13.72
C LEU C 362 -6.39 -9.02 -13.44
N GLY C 363 -5.45 -9.18 -12.50
CA GLY C 363 -4.44 -8.15 -12.22
C GLY C 363 -3.54 -7.73 -13.37
N THR C 364 -3.26 -8.64 -14.31
CA THR C 364 -2.48 -8.30 -15.50
C THR C 364 -3.39 -7.84 -16.63
N ILE C 365 -4.57 -8.40 -16.76
CA ILE C 365 -5.51 -7.96 -17.82
C ILE C 365 -6.05 -6.51 -17.50
N ASN C 366 -6.31 -6.24 -16.22
CA ASN C 366 -6.70 -4.89 -15.77
C ASN C 366 -5.51 -3.92 -15.70
N ASN C 367 -4.30 -4.40 -15.99
CA ASN C 367 -3.14 -3.55 -16.19
C ASN C 367 -2.65 -3.63 -17.64
N TRP C 368 -3.57 -3.96 -18.56
CA TRP C 368 -3.38 -3.87 -20.01
C TRP C 368 -2.81 -5.09 -20.79
N CYS C 369 -2.36 -6.16 -20.11
CA CYS C 369 -1.90 -7.37 -20.86
C CYS C 369 -3.01 -7.95 -21.75
N LYS C 370 -2.63 -8.22 -23.00
CA LYS C 370 -3.51 -8.78 -24.03
C LYS C 370 -3.62 -10.31 -23.94
N GLY C 371 -2.82 -10.91 -23.06
CA GLY C 371 -2.81 -12.35 -22.88
C GLY C 371 -2.13 -12.72 -21.58
N VAL C 372 -2.41 -13.94 -21.12
CA VAL C 372 -1.87 -14.47 -19.87
C VAL C 372 -1.45 -15.91 -20.20
N ILE C 373 -0.20 -16.23 -19.91
CA ILE C 373 0.32 -17.57 -20.15
C ILE C 373 1.09 -17.99 -18.91
N VAL C 374 0.69 -19.13 -18.34
CA VAL C 374 1.41 -19.68 -17.20
C VAL C 374 2.51 -20.60 -17.73
N TRP C 375 3.30 -21.16 -16.83
CA TRP C 375 4.41 -22.04 -17.23
C TRP C 375 3.90 -23.48 -17.60
N ASN C 376 4.58 -24.55 -17.17
CA ASN C 376 4.28 -25.92 -17.63
C ASN C 376 2.82 -26.25 -17.52
N LEU C 377 2.19 -26.68 -18.62
CA LEU C 377 0.84 -27.20 -18.55
C LEU C 377 0.72 -28.43 -17.64
N MET C 378 1.68 -29.36 -17.71
CA MET C 378 1.58 -30.64 -16.99
C MET C 378 2.96 -31.14 -16.55
N LEU C 379 3.12 -31.37 -15.27
CA LEU C 379 4.31 -32.01 -14.76
C LEU C 379 3.78 -33.22 -14.01
N ASP C 380 4.66 -34.16 -13.69
CA ASP C 380 4.23 -35.30 -12.87
C ASP C 380 4.27 -34.97 -11.36
N ASN C 381 3.81 -35.89 -10.54
CA ASN C 381 3.81 -35.73 -9.07
C ASN C 381 5.21 -35.59 -8.46
N ASP C 382 6.24 -36.02 -9.19
CA ASP C 382 7.63 -35.71 -8.82
C ASP C 382 8.21 -34.44 -9.45
N ARG C 383 7.34 -33.56 -9.95
CA ARG C 383 7.71 -32.19 -10.34
C ARG C 383 8.55 -32.21 -11.59
N GLY C 384 8.34 -33.23 -12.44
CA GLY C 384 9.25 -33.48 -13.54
C GLY C 384 8.63 -34.06 -14.79
N PRO C 385 9.47 -34.50 -15.74
CA PRO C 385 10.98 -34.36 -15.68
C PRO C 385 11.46 -32.92 -15.61
N ASN C 386 12.60 -32.72 -14.93
CA ASN C 386 13.18 -31.40 -14.71
C ASN C 386 14.69 -31.54 -14.96
N ARG C 387 15.42 -30.44 -14.82
CA ARG C 387 16.84 -30.36 -15.20
C ARG C 387 17.66 -29.84 -14.04
N GLU C 388 18.83 -30.43 -13.81
CA GLU C 388 19.77 -29.88 -12.81
C GLU C 388 20.16 -28.42 -13.15
N GLY C 389 20.14 -27.55 -12.14
CA GLY C 389 20.24 -26.10 -12.36
C GLY C 389 18.92 -25.36 -12.66
N GLY C 390 17.90 -26.07 -13.12
CA GLY C 390 16.60 -25.49 -13.44
C GLY C 390 15.68 -25.57 -12.25
N CYS C 391 14.42 -25.26 -12.45
CA CYS C 391 13.46 -25.38 -11.35
C CYS C 391 13.17 -26.86 -11.11
N GLN C 392 13.53 -27.35 -9.91
CA GLN C 392 13.21 -28.74 -9.50
C GLN C 392 12.15 -28.81 -8.38
N THR C 393 11.45 -27.68 -8.16
CA THR C 393 10.45 -27.57 -7.10
C THR C 393 9.11 -27.04 -7.64
N CYS C 394 8.95 -27.06 -8.96
CA CYS C 394 7.78 -26.50 -9.64
C CYS C 394 6.69 -27.57 -9.78
N TYR C 395 5.43 -27.13 -9.74
CA TYR C 395 4.28 -27.97 -10.09
C TYR C 395 3.75 -27.56 -11.44
N GLY C 396 2.93 -28.40 -12.03
CA GLY C 396 2.30 -28.05 -13.31
C GLY C 396 1.03 -27.30 -13.09
N ALA C 397 0.50 -26.71 -14.17
CA ALA C 397 -0.89 -26.27 -14.15
C ALA C 397 -1.83 -27.40 -13.73
N VAL C 398 -1.54 -28.58 -14.23
CA VAL C 398 -2.06 -29.83 -13.69
C VAL C 398 -0.88 -30.71 -13.31
N ASP C 399 -1.14 -31.65 -12.42
CA ASP C 399 -0.17 -32.65 -12.02
C ASP C 399 -0.71 -34.04 -12.45
N ILE C 400 0.11 -34.84 -13.14
CA ILE C 400 -0.27 -36.22 -13.53
C ILE C 400 0.50 -37.22 -12.67
N ASN C 401 -0.19 -38.29 -12.30
CA ASN C 401 0.40 -39.29 -11.46
C ASN C 401 1.29 -40.20 -12.33
N ASN C 402 2.57 -40.34 -11.99
CA ASN C 402 3.49 -41.14 -12.81
C ASN C 402 3.46 -42.66 -12.49
N SER C 403 2.50 -43.11 -11.67
CA SER C 403 2.23 -44.56 -11.51
C SER C 403 1.27 -45.02 -12.55
N ASP C 404 0.37 -44.14 -12.97
CA ASP C 404 -0.69 -44.52 -13.85
C ASP C 404 -0.83 -43.70 -15.13
N TYR C 405 -0.19 -42.52 -15.22
CA TYR C 405 -0.38 -41.58 -16.33
C TYR C 405 -1.82 -41.45 -16.75
N LYS C 406 -2.70 -41.34 -15.75
CA LYS C 406 -4.14 -41.19 -15.91
C LYS C 406 -4.83 -40.18 -14.97
N THR C 407 -4.48 -40.28 -13.69
CA THR C 407 -4.94 -39.41 -12.64
C THR C 407 -4.29 -38.02 -12.70
N ILE C 408 -5.12 -37.02 -13.00
CA ILE C 408 -4.71 -35.63 -13.19
C ILE C 408 -5.37 -34.76 -12.10
N ILE C 409 -4.58 -34.03 -11.31
CA ILE C 409 -5.11 -33.06 -10.35
C ILE C 409 -4.85 -31.64 -10.88
N ARG C 410 -5.90 -30.83 -10.91
CA ARG C 410 -5.77 -29.44 -11.40
C ARG C 410 -5.23 -28.54 -10.28
N ASN C 411 -4.23 -27.73 -10.60
CA ASN C 411 -3.78 -26.70 -9.67
C ASN C 411 -4.32 -25.32 -10.10
N SER C 412 -4.04 -24.31 -9.26
CA SER C 412 -4.60 -22.95 -9.45
C SER C 412 -4.52 -22.44 -10.88
N HIS C 413 -3.34 -22.65 -11.46
CA HIS C 413 -3.05 -22.23 -12.81
C HIS C 413 -4.05 -22.71 -13.86
N TYR C 414 -4.47 -23.97 -13.78
CA TYR C 414 -5.43 -24.51 -14.74
C TYR C 414 -6.79 -23.79 -14.61
N TYR C 415 -7.24 -23.59 -13.38
CA TYR C 415 -8.45 -22.85 -13.12
C TYR C 415 -8.38 -21.39 -13.59
N ILE C 416 -7.32 -20.69 -13.25
CA ILE C 416 -7.31 -19.24 -13.55
C ILE C 416 -7.33 -19.01 -15.05
N ILE C 417 -6.60 -19.85 -15.80
CA ILE C 417 -6.63 -19.78 -17.24
C ILE C 417 -7.96 -20.23 -17.82
N ALA C 418 -8.50 -21.36 -17.37
CA ALA C 418 -9.82 -21.79 -17.86
C ALA C 418 -10.95 -20.77 -17.56
N HIS C 419 -10.88 -20.09 -16.43
CA HIS C 419 -11.90 -19.07 -16.14
C HIS C 419 -11.86 -17.85 -17.09
N LEU C 420 -10.70 -17.61 -17.71
CA LEU C 420 -10.52 -16.57 -18.73
C LEU C 420 -10.92 -17.08 -20.06
N SER C 421 -10.26 -18.18 -20.48
CA SER C 421 -10.38 -18.72 -21.83
C SER C 421 -11.75 -19.31 -22.18
N SER C 422 -12.47 -19.82 -21.18
CA SER C 422 -13.78 -20.45 -21.46
C SER C 422 -14.80 -19.44 -22.01
N VAL C 423 -14.72 -18.18 -21.54
CA VAL C 423 -15.64 -17.09 -21.97
C VAL C 423 -15.01 -15.96 -22.85
N VAL C 424 -13.77 -15.54 -22.52
CA VAL C 424 -13.04 -14.50 -23.29
C VAL C 424 -12.36 -15.15 -24.47
N LYS C 425 -12.93 -15.03 -25.68
CA LYS C 425 -12.37 -15.65 -26.90
C LYS C 425 -11.29 -14.75 -27.53
N PRO C 426 -10.44 -15.30 -28.44
CA PRO C 426 -9.46 -14.43 -29.07
C PRO C 426 -10.19 -13.32 -29.87
N GLY C 427 -9.69 -12.10 -29.73
CA GLY C 427 -10.22 -10.95 -30.46
C GLY C 427 -11.23 -10.14 -29.68
N ALA C 428 -11.43 -10.47 -28.41
CA ALA C 428 -12.34 -9.74 -27.56
C ALA C 428 -11.69 -8.47 -27.06
N VAL C 429 -12.53 -7.47 -26.77
CA VAL C 429 -12.08 -6.18 -26.29
C VAL C 429 -12.46 -6.13 -24.84
N ARG C 430 -11.55 -5.67 -24.00
CA ARG C 430 -11.88 -5.40 -22.61
C ARG C 430 -12.55 -4.02 -22.48
N ILE C 431 -13.53 -3.93 -21.59
CA ILE C 431 -14.42 -2.78 -21.47
C ILE C 431 -14.61 -2.45 -20.00
N ALA C 432 -14.97 -1.20 -19.73
CA ALA C 432 -15.14 -0.72 -18.36
C ALA C 432 -16.49 -1.17 -17.76
N THR C 433 -16.54 -1.03 -16.44
CA THR C 433 -17.74 -1.27 -15.65
C THR C 433 -17.81 -0.13 -14.62
N THR C 434 -19.04 0.23 -14.24
CA THR C 434 -19.28 1.14 -13.13
C THR C 434 -20.20 0.41 -12.15
N GLY C 435 -20.16 0.86 -10.90
CA GLY C 435 -20.75 0.14 -9.78
C GLY C 435 -19.68 0.01 -8.73
N TYR C 436 -20.02 0.35 -7.50
CA TYR C 436 -19.08 0.22 -6.40
C TYR C 436 -18.82 -1.26 -6.10
N THR C 437 -17.57 -1.59 -5.79
CA THR C 437 -17.22 -2.95 -5.36
C THR C 437 -16.40 -2.91 -4.08
N ASP C 438 -16.69 -3.87 -3.21
CA ASP C 438 -16.39 -3.76 -1.80
C ASP C 438 -15.06 -4.48 -1.62
N ASN C 439 -14.71 -4.79 -0.37
CA ASN C 439 -13.50 -5.56 -0.08
C ASN C 439 -13.60 -6.94 -0.74
N GLY C 440 -12.50 -7.37 -1.35
CA GLY C 440 -12.37 -8.69 -1.94
C GLY C 440 -12.95 -8.92 -3.32
N ILE C 441 -13.69 -7.95 -3.88
CA ILE C 441 -14.28 -8.12 -5.21
C ILE C 441 -13.42 -7.49 -6.33
N THR C 442 -13.15 -8.26 -7.37
CA THR C 442 -12.35 -7.82 -8.52
C THR C 442 -13.04 -8.40 -9.74
N CYS C 443 -13.16 -7.60 -10.80
CA CYS C 443 -13.76 -8.09 -12.04
C CYS C 443 -13.16 -7.50 -13.31
N SER C 444 -13.53 -8.07 -14.46
CA SER C 444 -13.12 -7.59 -15.79
C SER C 444 -14.23 -8.03 -16.70
N ALA C 445 -14.59 -7.17 -17.65
CA ALA C 445 -15.62 -7.47 -18.65
C ALA C 445 -15.10 -7.23 -20.04
N PHE C 446 -15.67 -7.95 -20.99
CA PHE C 446 -15.20 -8.01 -22.34
C PHE C 446 -16.40 -8.13 -23.28
N GLU C 447 -16.21 -7.69 -24.52
CA GLU C 447 -17.11 -8.02 -25.60
C GLU C 447 -16.35 -8.89 -26.60
N ASN C 448 -16.88 -10.07 -26.87
CA ASN C 448 -16.36 -10.97 -27.90
C ASN C 448 -16.79 -10.50 -29.28
N THR C 449 -16.18 -11.09 -30.30
CA THR C 449 -16.48 -10.77 -31.70
C THR C 449 -17.62 -11.60 -32.29
N ASP C 450 -18.08 -12.62 -31.57
CA ASP C 450 -19.23 -13.42 -32.01
C ASP C 450 -20.56 -12.81 -31.54
N GLY C 451 -20.48 -11.74 -30.75
CA GLY C 451 -21.65 -11.00 -30.31
C GLY C 451 -22.03 -11.26 -28.87
N THR C 452 -21.21 -12.01 -28.13
CA THR C 452 -21.43 -12.29 -26.70
C THR C 452 -20.65 -11.35 -25.82
N TYR C 453 -21.11 -11.18 -24.59
CA TYR C 453 -20.33 -10.50 -23.56
C TYR C 453 -19.70 -11.56 -22.66
N ALA C 454 -18.65 -11.15 -21.95
CA ALA C 454 -18.01 -12.02 -20.98
C ALA C 454 -17.65 -11.19 -19.78
N PHE C 455 -17.78 -11.79 -18.60
CA PHE C 455 -17.53 -11.11 -17.34
C PHE C 455 -16.79 -12.10 -16.42
N VAL C 456 -15.75 -11.66 -15.73
CA VAL C 456 -15.02 -12.57 -14.87
C VAL C 456 -14.92 -11.91 -13.50
N LEU C 457 -15.27 -12.65 -12.44
CA LEU C 457 -15.44 -12.13 -11.09
C LEU C 457 -14.75 -12.96 -10.05
N ILE C 458 -13.99 -12.29 -9.21
CA ILE C 458 -13.38 -12.89 -8.04
C ILE C 458 -14.17 -12.32 -6.86
N ASN C 459 -14.65 -13.21 -5.99
CA ASN C 459 -15.16 -12.82 -4.67
C ASN C 459 -14.25 -13.41 -3.58
N ASN C 460 -13.26 -12.64 -3.18
CA ASN C 460 -12.29 -13.06 -2.18
C ASN C 460 -12.79 -12.67 -0.78
N ASN C 461 -13.94 -13.25 -0.40
CA ASN C 461 -14.61 -13.06 0.89
C ASN C 461 -15.19 -14.42 1.27
N GLU C 462 -15.20 -14.73 2.57
CA GLU C 462 -15.92 -15.92 3.08
C GLU C 462 -17.40 -15.96 2.70
N LYS C 463 -18.04 -14.79 2.72
CA LYS C 463 -19.48 -14.68 2.50
C LYS C 463 -19.81 -14.60 1.02
N SER C 464 -20.92 -15.22 0.65
CA SER C 464 -21.43 -15.09 -0.70
C SER C 464 -21.92 -13.64 -0.92
N LYS C 465 -21.88 -13.20 -2.18
CA LYS C 465 -22.30 -11.85 -2.56
C LYS C 465 -23.35 -11.98 -3.60
N LYS C 466 -24.38 -11.18 -3.41
CA LYS C 466 -25.48 -11.07 -4.33
C LYS C 466 -25.09 -9.93 -5.27
N ILE C 467 -25.22 -10.18 -6.58
CA ILE C 467 -24.80 -9.18 -7.57
C ILE C 467 -25.73 -9.22 -8.75
N THR C 468 -26.01 -8.03 -9.29
CA THR C 468 -26.81 -7.89 -10.50
C THR C 468 -25.85 -7.37 -11.55
N VAL C 469 -25.89 -7.95 -12.73
CA VAL C 469 -25.00 -7.56 -13.81
C VAL C 469 -25.86 -7.04 -14.94
N SER C 470 -25.62 -5.78 -15.33
CA SER C 470 -26.31 -5.19 -16.48
C SER C 470 -25.37 -4.84 -17.62
N ASP C 471 -25.79 -5.17 -18.84
CA ASP C 471 -25.05 -4.73 -20.04
C ASP C 471 -25.60 -3.42 -20.66
N GLY C 472 -26.45 -2.68 -19.92
CA GLY C 472 -27.15 -1.48 -20.45
C GLY C 472 -28.58 -1.81 -20.90
N GLN C 473 -28.73 -2.85 -21.72
CA GLN C 473 -30.04 -3.34 -22.20
C GLN C 473 -30.76 -4.26 -21.18
N ARG C 474 -30.16 -5.41 -20.89
CA ARG C 474 -30.73 -6.44 -20.00
C ARG C 474 -29.84 -6.70 -18.80
N HIS C 475 -30.36 -7.47 -17.85
CA HIS C 475 -29.62 -7.82 -16.64
C HIS C 475 -29.91 -9.24 -16.12
N PHE C 476 -29.01 -9.74 -15.27
CA PHE C 476 -29.24 -11.00 -14.55
C PHE C 476 -28.69 -10.85 -13.17
N ALA C 477 -28.98 -11.82 -12.32
CA ALA C 477 -28.51 -11.80 -10.94
C ALA C 477 -28.05 -13.19 -10.50
N TYR C 478 -27.20 -13.22 -9.48
CA TYR C 478 -26.59 -14.47 -9.07
C TYR C 478 -26.02 -14.30 -7.69
N ASP C 479 -26.11 -15.37 -6.88
CA ASP C 479 -25.47 -15.41 -5.59
C ASP C 479 -24.10 -16.02 -5.82
N VAL C 480 -23.11 -15.16 -5.78
CA VAL C 480 -21.73 -15.55 -6.05
C VAL C 480 -21.19 -16.17 -4.78
N PRO C 481 -20.78 -17.45 -4.85
CA PRO C 481 -20.24 -18.11 -3.67
C PRO C 481 -19.04 -17.42 -3.05
N GLY C 482 -18.81 -17.68 -1.78
CA GLY C 482 -17.62 -17.27 -1.11
C GLY C 482 -16.38 -17.87 -1.73
N LYS C 483 -15.27 -17.14 -1.64
CA LYS C 483 -13.97 -17.60 -2.11
C LYS C 483 -14.00 -18.25 -3.48
N SER C 484 -14.54 -17.52 -4.45
CA SER C 484 -14.82 -18.09 -5.75
C SER C 484 -14.35 -17.20 -6.86
N VAL C 485 -14.12 -17.84 -8.00
CA VAL C 485 -14.00 -17.21 -9.30
C VAL C 485 -15.20 -17.66 -10.07
N THR C 486 -15.85 -16.74 -10.78
CA THR C 486 -16.99 -17.09 -11.61
C THR C 486 -16.85 -16.39 -12.93
N SER C 487 -17.18 -17.10 -14.00
CA SER C 487 -17.12 -16.57 -15.33
C SER C 487 -18.49 -16.74 -15.99
N TYR C 488 -18.92 -15.69 -16.70
CA TYR C 488 -20.27 -15.59 -17.27
C TYR C 488 -20.14 -15.19 -18.72
N ARG C 489 -20.96 -15.80 -19.57
CA ARG C 489 -21.05 -15.38 -20.97
C ARG C 489 -22.51 -15.38 -21.42
N TRP C 490 -22.89 -14.32 -22.15
CA TRP C 490 -24.25 -14.21 -22.71
C TRP C 490 -24.33 -13.33 -23.97
N ALA C 491 -25.40 -13.54 -24.74
CA ALA C 491 -25.62 -12.80 -26.01
C ALA C 491 -26.06 -11.35 -25.78
N LYS C 492 -25.67 -10.48 -26.72
CA LYS C 492 -25.96 -9.03 -26.65
C LYS C 492 -27.39 -8.69 -27.09
N SER C 493 -27.86 -9.37 -28.14
CA SER C 493 -29.22 -9.20 -28.73
C SER C 493 -29.84 -7.81 -28.62
#